data_2R20
# 
_entry.id   2R20 
# 
_audit_conform.dict_name       mmcif_pdbx.dic 
_audit_conform.dict_version    5.387 
_audit_conform.dict_location   http://mmcif.pdb.org/dictionaries/ascii/mmcif_pdbx.dic 
# 
loop_
_database_2.database_id 
_database_2.database_code 
_database_2.pdbx_database_accession 
_database_2.pdbx_DOI 
PDB   2R20         pdb_00002r20 10.2210/pdb2r20/pdb 
NDB   AR0082       ?            ?                   
RCSB  RCSB044325   ?            ?                   
WWPDB D_1000044325 ?            ?                   
# 
loop_
_pdbx_audit_revision_history.ordinal 
_pdbx_audit_revision_history.data_content_type 
_pdbx_audit_revision_history.major_revision 
_pdbx_audit_revision_history.minor_revision 
_pdbx_audit_revision_history.revision_date 
1 'Structure model' 1 0 2007-09-25 
2 'Structure model' 1 1 2011-07-13 
3 'Structure model' 1 2 2024-02-21 
# 
_pdbx_audit_revision_details.ordinal             1 
_pdbx_audit_revision_details.revision_ordinal    1 
_pdbx_audit_revision_details.data_content_type   'Structure model' 
_pdbx_audit_revision_details.provider            repository 
_pdbx_audit_revision_details.type                'Initial release' 
_pdbx_audit_revision_details.description         ? 
_pdbx_audit_revision_details.details             ? 
# 
loop_
_pdbx_audit_revision_group.ordinal 
_pdbx_audit_revision_group.revision_ordinal 
_pdbx_audit_revision_group.data_content_type 
_pdbx_audit_revision_group.group 
1 2 'Structure model' 'Version format compliance' 
2 3 'Structure model' 'Data collection'           
3 3 'Structure model' 'Database references'       
4 3 'Structure model' 'Derived calculations'      
# 
loop_
_pdbx_audit_revision_category.ordinal 
_pdbx_audit_revision_category.revision_ordinal 
_pdbx_audit_revision_category.data_content_type 
_pdbx_audit_revision_category.category 
1 3 'Structure model' chem_comp_atom         
2 3 'Structure model' chem_comp_bond         
3 3 'Structure model' database_2             
4 3 'Structure model' pdbx_struct_conn_angle 
5 3 'Structure model' struct_conn            
6 3 'Structure model' struct_conn_type       
7 3 'Structure model' struct_site            
# 
loop_
_pdbx_audit_revision_item.ordinal 
_pdbx_audit_revision_item.revision_ordinal 
_pdbx_audit_revision_item.data_content_type 
_pdbx_audit_revision_item.item 
1  3 'Structure model' '_database_2.pdbx_DOI'                        
2  3 'Structure model' '_database_2.pdbx_database_accession'         
3  3 'Structure model' '_pdbx_struct_conn_angle.ptnr1_auth_asym_id'  
4  3 'Structure model' '_pdbx_struct_conn_angle.ptnr1_auth_comp_id'  
5  3 'Structure model' '_pdbx_struct_conn_angle.ptnr1_auth_seq_id'   
6  3 'Structure model' '_pdbx_struct_conn_angle.ptnr1_label_asym_id' 
7  3 'Structure model' '_pdbx_struct_conn_angle.ptnr1_label_atom_id' 
8  3 'Structure model' '_pdbx_struct_conn_angle.ptnr1_label_comp_id' 
9  3 'Structure model' '_pdbx_struct_conn_angle.ptnr1_label_seq_id'  
10 3 'Structure model' '_pdbx_struct_conn_angle.ptnr2_auth_asym_id'  
11 3 'Structure model' '_pdbx_struct_conn_angle.ptnr2_auth_comp_id'  
12 3 'Structure model' '_pdbx_struct_conn_angle.ptnr2_auth_seq_id'   
13 3 'Structure model' '_pdbx_struct_conn_angle.ptnr2_label_asym_id' 
14 3 'Structure model' '_pdbx_struct_conn_angle.ptnr2_label_atom_id' 
15 3 'Structure model' '_pdbx_struct_conn_angle.ptnr2_label_comp_id' 
16 3 'Structure model' '_pdbx_struct_conn_angle.ptnr3_auth_asym_id'  
17 3 'Structure model' '_pdbx_struct_conn_angle.ptnr3_auth_comp_id'  
18 3 'Structure model' '_pdbx_struct_conn_angle.ptnr3_auth_seq_id'   
19 3 'Structure model' '_pdbx_struct_conn_angle.ptnr3_label_asym_id' 
20 3 'Structure model' '_pdbx_struct_conn_angle.ptnr3_label_atom_id' 
21 3 'Structure model' '_pdbx_struct_conn_angle.ptnr3_label_comp_id' 
22 3 'Structure model' '_pdbx_struct_conn_angle.ptnr3_label_seq_id'  
23 3 'Structure model' '_pdbx_struct_conn_angle.value'               
24 3 'Structure model' '_struct_conn.conn_type_id'                   
25 3 'Structure model' '_struct_conn.id'                             
26 3 'Structure model' '_struct_conn.pdbx_dist_value'                
27 3 'Structure model' '_struct_conn.pdbx_leaving_atom_flag'         
28 3 'Structure model' '_struct_conn.ptnr1_auth_asym_id'             
29 3 'Structure model' '_struct_conn.ptnr1_auth_comp_id'             
30 3 'Structure model' '_struct_conn.ptnr1_auth_seq_id'              
31 3 'Structure model' '_struct_conn.ptnr1_label_asym_id'            
32 3 'Structure model' '_struct_conn.ptnr1_label_atom_id'            
33 3 'Structure model' '_struct_conn.ptnr1_label_comp_id'            
34 3 'Structure model' '_struct_conn.ptnr1_label_seq_id'             
35 3 'Structure model' '_struct_conn.ptnr2_auth_asym_id'             
36 3 'Structure model' '_struct_conn.ptnr2_auth_comp_id'             
37 3 'Structure model' '_struct_conn.ptnr2_auth_seq_id'              
38 3 'Structure model' '_struct_conn.ptnr2_label_asym_id'            
39 3 'Structure model' '_struct_conn.ptnr2_label_atom_id'            
40 3 'Structure model' '_struct_conn.ptnr2_label_comp_id'            
41 3 'Structure model' '_struct_conn.ptnr2_label_seq_id'             
42 3 'Structure model' '_struct_conn_type.id'                        
43 3 'Structure model' '_struct_site.pdbx_auth_asym_id'              
44 3 'Structure model' '_struct_site.pdbx_auth_comp_id'              
45 3 'Structure model' '_struct_site.pdbx_auth_seq_id'               
# 
_pdbx_database_status.entry_id                        2R20 
_pdbx_database_status.deposit_site                    RCSB 
_pdbx_database_status.process_site                    RCSB 
_pdbx_database_status.recvd_initial_deposition_date   2007-08-24 
_pdbx_database_status.status_code                     REL 
_pdbx_database_status.status_code_sf                  REL 
_pdbx_database_status.status_code_mr                  ? 
_pdbx_database_status.SG_entry                        ? 
_pdbx_database_status.pdb_format_compatible           Y 
_pdbx_database_status.status_code_cs                  ? 
_pdbx_database_status.status_code_nmr_data            ? 
_pdbx_database_status.methods_development_category    ? 
# 
loop_
_pdbx_database_related.db_name 
_pdbx_database_related.db_id 
_pdbx_database_related.details 
_pdbx_database_related.content_type 
PDB 2R1S 'BROMINATED TRIDECAMER R(GCGUU-BRU-GAAACGC), 3MM MNCL2, 2 MM MGCL2, RESOLUTION 1.4 A' unspecified 
PDB 2R21 'BROMINATED TRIDECAMER R(GCGUU-BRU-GAAACGC), 0.5 MM MNCL2, RESOLUTION 1.6 A'          unspecified 
PDB 2R22 'native RNA tridecamer r(GCGUUUGAAACGC)'                                              unspecified 
# 
loop_
_audit_author.name 
_audit_author.pdbx_ordinal 
'Timsit, Y.'  1 
'Bombard, S.' 2 
# 
_citation.id                        primary 
_citation.title                     
;The 1.3 A resolution structure of the RNA tridecamer r(GCGUUUGAAACGC): Metal ion binding correlates with base unstacking and groove contraction.
;
_citation.journal_abbrev            Rna 
_citation.journal_volume            13 
_citation.page_first                2098 
_citation.page_last                 2107 
_citation.year                      2007 
_citation.journal_id_ASTM           RNARFU 
_citation.country                   UK 
_citation.journal_id_ISSN           1355-8382 
_citation.journal_id_CSD            2122 
_citation.book_publisher            ? 
_citation.pdbx_database_id_PubMed   17940138 
_citation.pdbx_database_id_DOI      10.1261/rna.730207 
# 
loop_
_citation_author.citation_id 
_citation_author.name 
_citation_author.ordinal 
_citation_author.identifier_ORCID 
primary 'Timsit, Y.'  1 ? 
primary 'Bombard, S.' 2 ? 
# 
loop_
_entity.id 
_entity.type 
_entity.src_method 
_entity.pdbx_description 
_entity.formula_weight 
_entity.pdbx_number_of_molecules 
_entity.pdbx_ec 
_entity.pdbx_mutation 
_entity.pdbx_fragment 
_entity.details 
1 polymer     syn 
;RNA (5'-R(*GP*CP*GP*UP*UP*(5BU)P*GP*AP*AP*AP*CP*GP*C)-3')
;
4236.421 2   ? ? ? ? 
2 non-polymer syn 'SODIUM ION'                                                22.990   5   ? ? ? ? 
3 non-polymer syn 'MAGNESIUM ION'                                             24.305   1   ? ? ? ? 
4 water       nat water                                                       18.015   165 ? ? ? ? 
# 
_entity_poly.entity_id                      1 
_entity_poly.type                           polyribonucleotide 
_entity_poly.nstd_linkage                   no 
_entity_poly.nstd_monomer                   yes 
_entity_poly.pdbx_seq_one_letter_code       'GCGUU(5BU)GAAACGC' 
_entity_poly.pdbx_seq_one_letter_code_can   GCGUUUGAAACGC 
_entity_poly.pdbx_strand_id                 A,B 
_entity_poly.pdbx_target_identifier         ? 
# 
loop_
_pdbx_entity_nonpoly.entity_id 
_pdbx_entity_nonpoly.name 
_pdbx_entity_nonpoly.comp_id 
2 'SODIUM ION'    NA  
3 'MAGNESIUM ION' MG  
4 water           HOH 
# 
loop_
_entity_poly_seq.entity_id 
_entity_poly_seq.num 
_entity_poly_seq.mon_id 
_entity_poly_seq.hetero 
1 1  G   n 
1 2  C   n 
1 3  G   n 
1 4  U   n 
1 5  U   n 
1 6  5BU n 
1 7  G   n 
1 8  A   n 
1 9  A   n 
1 10 A   n 
1 11 C   n 
1 12 G   n 
1 13 C   n 
# 
loop_
_chem_comp.id 
_chem_comp.type 
_chem_comp.mon_nstd_flag 
_chem_comp.name 
_chem_comp.pdbx_synonyms 
_chem_comp.formula 
_chem_comp.formula_weight 
5BU 'RNA linking' n "5-BROMO-URIDINE-5'-MONOPHOSPHATE" ? 'C9 H12 Br N2 O9 P' 403.077 
A   'RNA linking' y "ADENOSINE-5'-MONOPHOSPHATE"       ? 'C10 H14 N5 O7 P'   347.221 
C   'RNA linking' y "CYTIDINE-5'-MONOPHOSPHATE"        ? 'C9 H14 N3 O8 P'    323.197 
G   'RNA linking' y "GUANOSINE-5'-MONOPHOSPHATE"       ? 'C10 H14 N5 O8 P'   363.221 
HOH non-polymer   . WATER                              ? 'H2 O'              18.015  
MG  non-polymer   . 'MAGNESIUM ION'                    ? 'Mg 2'              24.305  
NA  non-polymer   . 'SODIUM ION'                       ? 'Na 1'              22.990  
U   'RNA linking' y "URIDINE-5'-MONOPHOSPHATE"         ? 'C9 H13 N2 O9 P'    324.181 
# 
loop_
_pdbx_poly_seq_scheme.asym_id 
_pdbx_poly_seq_scheme.entity_id 
_pdbx_poly_seq_scheme.seq_id 
_pdbx_poly_seq_scheme.mon_id 
_pdbx_poly_seq_scheme.ndb_seq_num 
_pdbx_poly_seq_scheme.pdb_seq_num 
_pdbx_poly_seq_scheme.auth_seq_num 
_pdbx_poly_seq_scheme.pdb_mon_id 
_pdbx_poly_seq_scheme.auth_mon_id 
_pdbx_poly_seq_scheme.pdb_strand_id 
_pdbx_poly_seq_scheme.pdb_ins_code 
_pdbx_poly_seq_scheme.hetero 
A 1 1  G   1  1  1  G   G   A . n 
A 1 2  C   2  2  2  C   C   A . n 
A 1 3  G   3  3  3  G   G   A . n 
A 1 4  U   4  4  4  U   U   A . n 
A 1 5  U   5  5  5  U   U   A . n 
A 1 6  5BU 6  6  6  5BU 5BU A . n 
A 1 7  G   7  7  7  G   G   A . n 
A 1 8  A   8  8  8  A   A   A . n 
A 1 9  A   9  9  9  A   A   A . n 
A 1 10 A   10 10 10 A   A   A . n 
A 1 11 C   11 11 11 C   C   A . n 
A 1 12 G   12 12 12 G   G   A . n 
A 1 13 C   13 13 13 C   C   A . n 
B 1 1  G   1  14 14 G   G   B . n 
B 1 2  C   2  15 15 C   C   B . n 
B 1 3  G   3  16 16 G   G   B . n 
B 1 4  U   4  17 17 U   U   B . n 
B 1 5  U   5  18 18 U   U   B . n 
B 1 6  5BU 6  19 19 5BU 5BU B . n 
B 1 7  G   7  20 20 G   G   B . n 
B 1 8  A   8  21 21 A   A   B . n 
B 1 9  A   9  22 22 A   A   B . n 
B 1 10 A   10 23 23 A   A   B . n 
B 1 11 C   11 24 24 C   C   B . n 
B 1 12 G   12 25 25 G   G   B . n 
B 1 13 C   13 26 26 C   C   B . n 
# 
loop_
_pdbx_nonpoly_scheme.asym_id 
_pdbx_nonpoly_scheme.entity_id 
_pdbx_nonpoly_scheme.mon_id 
_pdbx_nonpoly_scheme.ndb_seq_num 
_pdbx_nonpoly_scheme.pdb_seq_num 
_pdbx_nonpoly_scheme.auth_seq_num 
_pdbx_nonpoly_scheme.pdb_mon_id 
_pdbx_nonpoly_scheme.auth_mon_id 
_pdbx_nonpoly_scheme.pdb_strand_id 
_pdbx_nonpoly_scheme.pdb_ins_code 
C 2 NA  1  14  2   NA  NA  A . 
D 2 NA  1  15  3   NA  NA  A . 
E 2 NA  1  16  5   NA  NA  A . 
F 3 MG  1  17  6   MG  MG  A . 
G 2 NA  1  1   1   NA  NA  B . 
H 2 NA  1  4   4   NA  NA  B . 
I 4 HOH 1  18  1   HOH TIP A . 
I 4 HOH 2  19  2   HOH TIP A . 
I 4 HOH 3  20  7   HOH TIP A . 
I 4 HOH 4  21  8   HOH TIP A . 
I 4 HOH 5  22  9   HOH TIP A . 
I 4 HOH 6  23  10  HOH TIP A . 
I 4 HOH 7  24  12  HOH TIP A . 
I 4 HOH 8  25  13  HOH TIP A . 
I 4 HOH 9  26  14  HOH TIP A . 
I 4 HOH 10 27  16  HOH TIP A . 
I 4 HOH 11 28  18  HOH TIP A . 
I 4 HOH 12 29  21  HOH TIP A . 
I 4 HOH 13 30  26  HOH TIP A . 
I 4 HOH 14 31  31  HOH TIP A . 
I 4 HOH 15 32  33  HOH TIP A . 
I 4 HOH 16 33  37  HOH TIP A . 
I 4 HOH 17 34  38  HOH TIP A . 
I 4 HOH 18 35  39  HOH TIP A . 
I 4 HOH 19 36  40  HOH TIP A . 
I 4 HOH 20 37  45  HOH TIP A . 
I 4 HOH 21 38  46  HOH TIP A . 
I 4 HOH 22 39  49  HOH TIP A . 
I 4 HOH 23 40  51  HOH TIP A . 
I 4 HOH 24 41  52  HOH TIP A . 
I 4 HOH 25 42  55  HOH TIP A . 
I 4 HOH 26 43  57  HOH TIP A . 
I 4 HOH 27 44  59  HOH TIP A . 
I 4 HOH 28 45  61  HOH TIP A . 
I 4 HOH 29 46  64  HOH TIP A . 
I 4 HOH 30 47  73  HOH TIP A . 
I 4 HOH 31 48  76  HOH TIP A . 
I 4 HOH 32 49  77  HOH TIP A . 
I 4 HOH 33 50  78  HOH TIP A . 
I 4 HOH 34 51  80  HOH TIP A . 
I 4 HOH 35 52  85  HOH TIP A . 
I 4 HOH 36 53  86  HOH TIP A . 
I 4 HOH 37 54  87  HOH TIP A . 
I 4 HOH 38 55  88  HOH TIP A . 
I 4 HOH 39 56  89  HOH TIP A . 
I 4 HOH 40 57  91  HOH TIP A . 
I 4 HOH 41 58  95  HOH TIP A . 
I 4 HOH 42 59  96  HOH TIP A . 
I 4 HOH 43 60  97  HOH TIP A . 
I 4 HOH 44 61  98  HOH TIP A . 
I 4 HOH 45 62  100 HOH TIP A . 
I 4 HOH 46 63  102 HOH TIP A . 
I 4 HOH 47 64  103 HOH TIP A . 
I 4 HOH 48 65  105 HOH TIP A . 
I 4 HOH 49 66  106 HOH TIP A . 
I 4 HOH 50 67  111 HOH TIP A . 
I 4 HOH 51 68  116 HOH TIP A . 
I 4 HOH 52 69  117 HOH TIP A . 
I 4 HOH 53 70  118 HOH TIP A . 
I 4 HOH 54 71  119 HOH TIP A . 
I 4 HOH 55 72  124 HOH TIP A . 
I 4 HOH 56 73  126 HOH TIP A . 
I 4 HOH 57 74  128 HOH TIP A . 
I 4 HOH 58 75  130 HOH TIP A . 
I 4 HOH 59 76  131 HOH TIP A . 
I 4 HOH 60 77  132 HOH TIP A . 
I 4 HOH 61 78  133 HOH TIP A . 
I 4 HOH 62 79  134 HOH TIP A . 
I 4 HOH 63 80  138 HOH TIP A . 
I 4 HOH 64 81  140 HOH TIP A . 
I 4 HOH 65 82  143 HOH TIP A . 
I 4 HOH 66 83  146 HOH TIP A . 
I 4 HOH 67 84  148 HOH TIP A . 
I 4 HOH 68 85  154 HOH TIP A . 
I 4 HOH 69 86  155 HOH TIP A . 
I 4 HOH 70 87  156 HOH TIP A . 
I 4 HOH 71 88  157 HOH TIP A . 
I 4 HOH 72 89  158 HOH TIP A . 
I 4 HOH 73 90  164 HOH TIP A . 
I 4 HOH 74 91  167 HOH TIP A . 
I 4 HOH 75 92  168 HOH TIP A . 
I 4 HOH 76 93  170 HOH TIP A . 
I 4 HOH 77 94  172 HOH TIP A . 
I 4 HOH 78 95  173 HOH TIP A . 
I 4 HOH 79 96  174 HOH TIP A . 
I 4 HOH 80 97  176 HOH TIP A . 
I 4 HOH 81 98  181 HOH TIP A . 
I 4 HOH 82 99  183 HOH TIP A . 
I 4 HOH 83 100 184 HOH TIP A . 
J 4 HOH 1  27  3   HOH TIP B . 
J 4 HOH 2  28  11  HOH TIP B . 
J 4 HOH 3  29  15  HOH TIP B . 
J 4 HOH 4  30  17  HOH TIP B . 
J 4 HOH 5  31  19  HOH TIP B . 
J 4 HOH 6  32  20  HOH TIP B . 
J 4 HOH 7  33  22  HOH TIP B . 
J 4 HOH 8  34  23  HOH TIP B . 
J 4 HOH 9  35  24  HOH TIP B . 
J 4 HOH 10 36  25  HOH TIP B . 
J 4 HOH 11 37  27  HOH TIP B . 
J 4 HOH 12 38  28  HOH TIP B . 
J 4 HOH 13 39  29  HOH TIP B . 
J 4 HOH 14 40  30  HOH TIP B . 
J 4 HOH 15 41  32  HOH TIP B . 
J 4 HOH 16 42  34  HOH TIP B . 
J 4 HOH 17 43  35  HOH TIP B . 
J 4 HOH 18 44  36  HOH TIP B . 
J 4 HOH 19 45  41  HOH TIP B . 
J 4 HOH 20 46  42  HOH TIP B . 
J 4 HOH 21 47  43  HOH TIP B . 
J 4 HOH 22 48  44  HOH TIP B . 
J 4 HOH 23 49  47  HOH TIP B . 
J 4 HOH 24 50  48  HOH TIP B . 
J 4 HOH 25 51  50  HOH TIP B . 
J 4 HOH 26 52  53  HOH TIP B . 
J 4 HOH 27 53  54  HOH TIP B . 
J 4 HOH 28 54  56  HOH TIP B . 
J 4 HOH 29 55  58  HOH TIP B . 
J 4 HOH 30 56  60  HOH TIP B . 
J 4 HOH 31 57  62  HOH TIP B . 
J 4 HOH 32 58  63  HOH TIP B . 
J 4 HOH 33 59  65  HOH TIP B . 
J 4 HOH 34 60  66  HOH TIP B . 
J 4 HOH 35 61  67  HOH TIP B . 
J 4 HOH 36 62  68  HOH TIP B . 
J 4 HOH 37 63  70  HOH TIP B . 
J 4 HOH 38 64  72  HOH TIP B . 
J 4 HOH 39 65  74  HOH TIP B . 
J 4 HOH 40 66  75  HOH TIP B . 
J 4 HOH 41 67  79  HOH TIP B . 
J 4 HOH 42 68  81  HOH TIP B . 
J 4 HOH 43 69  82  HOH TIP B . 
J 4 HOH 44 70  90  HOH TIP B . 
J 4 HOH 45 71  92  HOH TIP B . 
J 4 HOH 46 72  93  HOH TIP B . 
J 4 HOH 47 73  101 HOH TIP B . 
J 4 HOH 48 74  104 HOH TIP B . 
J 4 HOH 49 75  107 HOH TIP B . 
J 4 HOH 50 76  108 HOH TIP B . 
J 4 HOH 51 77  109 HOH TIP B . 
J 4 HOH 52 78  110 HOH TIP B . 
J 4 HOH 53 79  112 HOH TIP B . 
J 4 HOH 54 80  113 HOH TIP B . 
J 4 HOH 55 81  114 HOH TIP B . 
J 4 HOH 56 82  115 HOH TIP B . 
J 4 HOH 57 83  120 HOH TIP B . 
J 4 HOH 58 84  121 HOH TIP B . 
J 4 HOH 59 85  122 HOH TIP B . 
J 4 HOH 60 86  123 HOH TIP B . 
J 4 HOH 61 87  125 HOH TIP B . 
J 4 HOH 62 88  129 HOH TIP B . 
J 4 HOH 63 89  135 HOH TIP B . 
J 4 HOH 64 90  137 HOH TIP B . 
J 4 HOH 65 91  139 HOH TIP B . 
J 4 HOH 66 92  142 HOH TIP B . 
J 4 HOH 67 93  144 HOH TIP B . 
J 4 HOH 68 94  145 HOH TIP B . 
J 4 HOH 69 95  150 HOH TIP B . 
J 4 HOH 70 96  151 HOH TIP B . 
J 4 HOH 71 97  152 HOH TIP B . 
J 4 HOH 72 98  159 HOH TIP B . 
J 4 HOH 73 99  160 HOH TIP B . 
J 4 HOH 74 100 161 HOH TIP B . 
J 4 HOH 75 101 162 HOH TIP B . 
J 4 HOH 76 102 165 HOH TIP B . 
J 4 HOH 77 103 169 HOH TIP B . 
J 4 HOH 78 104 179 HOH TIP B . 
J 4 HOH 79 105 180 HOH TIP B . 
J 4 HOH 80 106 182 HOH TIP B . 
J 4 HOH 81 107 185 HOH TIP B . 
J 4 HOH 82 108 186 HOH TIP B . 
# 
loop_
_software.name 
_software.version 
_software.date 
_software.type 
_software.contact_author 
_software.contact_author_email 
_software.classification 
_software.location 
_software.language 
_software.citation_id 
_software.pdbx_ordinal 
MOSFLM      .     ?              package 'A.G.W. Leslie'   andrew@mrc-lmb.cam.ac.uk 'data reduction'  
http://www.mrc-lmb.cam.ac.uk/harry/mosflm/ ?          ? 1 
SCALA       .     ?              other   'Phil Evans'      pre@mrc-lmb.cam.ac.uk    'data scaling'    
http://www.ccp4.ac.uk/dist/html/INDEX.html Fortran_77 ? 2 
CNS         .     ?              package 'Axel T. Brunger' axel.brunger@yale.edu    phasing           
http://cns.csb.yale.edu/v1.1/              Fortran_77 ? 3 
CNS         .     ?              package 'Axel T. Brunger' axel.brunger@yale.edu    refinement        
http://cns.csb.yale.edu/v1.1/              Fortran_77 ? 4 
PDB_EXTRACT 3.000 'July 2, 2007' package PDB               sw-help@rcsb.rutgers.edu 'data extraction' 
http://pdb.rutgers.edu/software/           C++        ? 5 
MAR345dtb   .     ?              ?       ?                 ?                        'data collection' ? ?          ? 6 
# 
_cell.length_a           25.280 
_cell.length_b           25.800 
_cell.length_c           29.990 
_cell.angle_alpha        98.620 
_cell.angle_beta         105.580 
_cell.angle_gamma        100.920 
_cell.entry_id           2R20 
_cell.pdbx_unique_axis   ? 
_cell.Z_PDB              2 
_cell.length_a_esd       ? 
_cell.length_b_esd       ? 
_cell.length_c_esd       ? 
_cell.angle_alpha_esd    ? 
_cell.angle_beta_esd     ? 
_cell.angle_gamma_esd    ? 
# 
_symmetry.space_group_name_H-M             'P 1' 
_symmetry.entry_id                         2R20 
_symmetry.pdbx_full_space_group_name_H-M   ? 
_symmetry.Int_Tables_number                1 
_symmetry.cell_setting                     ? 
_symmetry.space_group_name_Hall            ? 
# 
_exptl.crystals_number   1 
_exptl.entry_id          2R20 
_exptl.method            'X-RAY DIFFRACTION' 
# 
_exptl_crystal.id                    1 
_exptl_crystal.density_Matthews      2.13 
_exptl_crystal.density_meas          ? 
_exptl_crystal.density_percent_sol   42.35 
_exptl_crystal.description           ? 
_exptl_crystal.F_000                 ? 
_exptl_crystal.preparation           ? 
# 
_exptl_crystal_grow.crystal_id      1 
_exptl_crystal_grow.method          'VAPOR DIFFUSION, HANGING DROP' 
_exptl_crystal_grow.pH              7.0 
_exptl_crystal_grow.temp            293 
_exptl_crystal_grow.temp_details    ? 
_exptl_crystal_grow.pdbx_details    
'5 mM MgCl2, 5 mM MnCl2, 100 mM NaCl, 30 % MPD, 50 mM tris, pH 7.0, VAPOR DIFFUSION, HANGING DROP, temperature 293K' 
_exptl_crystal_grow.pdbx_pH_range   . 
# 
loop_
_exptl_crystal_grow_comp.crystal_id 
_exptl_crystal_grow_comp.id 
_exptl_crystal_grow_comp.sol_id 
_exptl_crystal_grow_comp.name 
_exptl_crystal_grow_comp.conc 
_exptl_crystal_grow_comp.volume 
_exptl_crystal_grow_comp.details 
1 1  1 MPD   ? ? ? 
1 2  1 NaCl  ? ? ? 
1 3  1 tris  ? ? ? 
1 4  1 MgCl2 ? ? ? 
1 5  1 MnCl2 ? ? ? 
1 6  2 MPD   ? ? ? 
1 7  2 NaCl  ? ? ? 
1 8  2 tris  ? ? ? 
1 9  2 MgCl2 ? ? ? 
1 10 2 MnCl2 ? ? ? 
# 
_diffrn.id                     1 
_diffrn.ambient_temp           80 
_diffrn.ambient_temp_details   ? 
_diffrn.crystal_id             1 
# 
_diffrn_detector.diffrn_id              1 
_diffrn_detector.detector               'IMAGE PLATE' 
_diffrn_detector.type                   'MAR scanner 345 mm plate' 
_diffrn_detector.pdbx_collection_date   2002-05-04 
_diffrn_detector.details                mirrors 
# 
_diffrn_radiation.diffrn_id                        1 
_diffrn_radiation.wavelength_id                    1 
_diffrn_radiation.pdbx_diffrn_protocol             MAD 
_diffrn_radiation.monochromator                    'Si (111) crystal' 
_diffrn_radiation.pdbx_monochromatic_or_laue_m_l   M 
_diffrn_radiation.pdbx_scattering_type             x-ray 
# 
loop_
_diffrn_radiation_wavelength.id 
_diffrn_radiation_wavelength.wavelength 
_diffrn_radiation_wavelength.wt 
1 0.919487 1.0 
2 0.919704 1.0 
3 0.88558  1.0 
4 0.979776 1.0 
# 
_diffrn_source.diffrn_id                   1 
_diffrn_source.source                      SYNCHROTRON 
_diffrn_source.type                        'ESRF BEAMLINE BM30A' 
_diffrn_source.pdbx_wavelength             ? 
_diffrn_source.pdbx_wavelength_list        0.919487,0.919704,0.88558,0.979776 
_diffrn_source.pdbx_synchrotron_site       ESRF 
_diffrn_source.pdbx_synchrotron_beamline   BM30A 
# 
_reflns.entry_id                     2R20 
_reflns.observed_criterion_sigma_F   ? 
_reflns.observed_criterion_sigma_I   ? 
_reflns.d_resolution_high            1.3 
_reflns.d_resolution_low             20 
_reflns.number_all                   13060 
_reflns.number_obs                   13060 
_reflns.percent_possible_obs         91 
_reflns.pdbx_Rmerge_I_obs            ? 
_reflns.pdbx_Rsym_value              4.9 
_reflns.pdbx_netI_over_sigmaI        9.1 
_reflns.B_iso_Wilson_estimate        ? 
_reflns.pdbx_redundancy              ? 
_reflns.R_free_details               ? 
_reflns.pdbx_chi_squared             ? 
_reflns.pdbx_scaling_rejects         ? 
_reflns.pdbx_diffrn_id               1 
_reflns.pdbx_ordinal                 1 
# 
_reflns_shell.d_res_high             1.3 
_reflns_shell.d_res_low              1.45 
_reflns_shell.percent_possible_obs   ? 
_reflns_shell.percent_possible_all   ? 
_reflns_shell.Rmerge_I_obs           ? 
_reflns_shell.meanI_over_sigI_obs    8.6 
_reflns_shell.pdbx_Rsym_value        ? 
_reflns_shell.pdbx_redundancy        ? 
_reflns_shell.number_unique_all      ? 
_reflns_shell.number_measured_all    ? 
_reflns_shell.number_measured_obs    ? 
_reflns_shell.number_unique_obs      ? 
_reflns_shell.pdbx_chi_squared       ? 
_reflns_shell.pdbx_diffrn_id         ? 
_reflns_shell.pdbx_ordinal           1 
# 
_refine.entry_id                                 2R20 
_refine.ls_d_res_high                            1.300 
_refine.ls_d_res_low                             20 
_refine.pdbx_ls_sigma_F                          111.00 
_refine.ls_percent_reflns_obs                    73.700 
_refine.ls_number_reflns_obs                     13060 
_refine.ls_R_factor_R_work                       0.181 
_refine.ls_R_factor_R_free                       0.195 
_refine.ls_percent_reflns_R_free                 6.800 
_refine.ls_number_reflns_R_free                  2355 
_refine.B_iso_mean                               13.936 
_refine.solvent_model_param_bsol                 60.670 
_refine.aniso_B[1][1]                            -0.443 
_refine.aniso_B[2][2]                            0.006 
_refine.aniso_B[3][3]                            0.437 
_refine.aniso_B[1][2]                            -0.812 
_refine.aniso_B[1][3]                            -1.108 
_refine.aniso_B[2][3]                            0.514 
_refine.pdbx_method_to_determine_struct          MAD 
_refine.pdbx_ls_sigma_I                          ? 
_refine.ls_number_reflns_all                     ? 
_refine.ls_R_factor_all                          ? 
_refine.ls_R_factor_obs                          ? 
_refine.ls_redundancy_reflns_obs                 ? 
_refine.pdbx_data_cutoff_high_absF               ? 
_refine.pdbx_data_cutoff_low_absF                ? 
_refine.ls_number_parameters                     ? 
_refine.ls_number_restraints                     ? 
_refine.ls_R_factor_R_free_error                 ? 
_refine.ls_R_factor_R_free_error_details         ? 
_refine.pdbx_starting_model                      ? 
_refine.pdbx_ls_cross_valid_method               ? 
_refine.pdbx_R_Free_selection_details            random 
_refine.pdbx_stereochem_target_val_spec_case     ? 
_refine.pdbx_stereochemistry_target_values       ? 
_refine.solvent_model_details                    ? 
_refine.solvent_model_param_ksol                 ? 
_refine.occupancy_max                            ? 
_refine.occupancy_min                            ? 
_refine.pdbx_isotropic_thermal_model             ? 
_refine.details                                  ? 
_refine.correlation_coeff_Fo_to_Fc               ? 
_refine.correlation_coeff_Fo_to_Fc_free          ? 
_refine.pdbx_solvent_vdw_probe_radii             ? 
_refine.pdbx_solvent_ion_probe_radii             ? 
_refine.pdbx_solvent_shrinkage_radii             ? 
_refine.overall_SU_R_Cruickshank_DPI             ? 
_refine.overall_SU_R_free                        ? 
_refine.overall_SU_ML                            ? 
_refine.overall_SU_B                             ? 
_refine.pdbx_overall_ESU_R_Free                  ? 
_refine.pdbx_data_cutoff_high_rms_absF           ? 
_refine.pdbx_overall_ESU_R                       ? 
_refine.ls_wR_factor_R_free                      ? 
_refine.ls_wR_factor_R_work                      ? 
_refine.overall_FOM_free_R_set                   ? 
_refine.overall_FOM_work_R_set                   ? 
_refine.pdbx_refine_id                           'X-RAY DIFFRACTION' 
_refine.pdbx_diffrn_id                           1 
_refine.pdbx_TLS_residual_ADP_flag               ? 
_refine.pdbx_overall_phase_error                 ? 
_refine.pdbx_overall_SU_R_free_Cruickshank_DPI   ? 
_refine.pdbx_overall_SU_R_Blow_DPI               ? 
_refine.pdbx_overall_SU_R_free_Blow_DPI          ? 
# 
_refine_hist.pdbx_refine_id                   'X-RAY DIFFRACTION' 
_refine_hist.cycle_id                         LAST 
_refine_hist.pdbx_number_atoms_protein        0 
_refine_hist.pdbx_number_atoms_nucleic_acid   552 
_refine_hist.pdbx_number_atoms_ligand         6 
_refine_hist.number_atoms_solvent             165 
_refine_hist.number_atoms_total               723 
_refine_hist.d_res_high                       1.300 
_refine_hist.d_res_low                        20 
# 
loop_
_refine_ls_restr.type 
_refine_ls_restr.number 
_refine_ls_restr.dev_ideal 
_refine_ls_restr.dev_ideal_target 
_refine_ls_restr.weight 
_refine_ls_restr.pdbx_refine_id 
_refine_ls_restr.pdbx_restraint_function 
c_mcbond_it  ? 1.083 1.500 ? 'X-RAY DIFFRACTION' ? 
c_mcangle_it ? 1.373 2.000 ? 'X-RAY DIFFRACTION' ? 
# 
loop_
_pdbx_xplor_file.serial_no 
_pdbx_xplor_file.param_file 
_pdbx_xplor_file.topol_file 
_pdbx_xplor_file.pdbx_refine_id 
1 dna-rna_rep.param ? 'X-RAY DIFFRACTION' 
2 ion.param         ? 'X-RAY DIFFRACTION' 
3 water_rep.param   ? 'X-RAY DIFFRACTION' 
# 
_struct.entry_id                  2R20 
_struct.title                     'Structure of the RNA brominated tridecamer r(GCGUU-5BUGAAACGC) at 1.3 A (Br2)' 
_struct.pdbx_model_details        ? 
_struct.pdbx_CASP_flag            ? 
_struct.pdbx_model_type_details   ? 
# 
_struct_keywords.entry_id        2R20 
_struct_keywords.pdbx_keywords   RNA 
_struct_keywords.text            'asymmetry, metal ion binding, unstacking, electrostatic, RNA' 
# 
loop_
_struct_asym.id 
_struct_asym.pdbx_blank_PDB_chainid_flag 
_struct_asym.pdbx_modified 
_struct_asym.entity_id 
_struct_asym.details 
A N N 1 ? 
B N N 1 ? 
C N N 2 ? 
D N N 2 ? 
E N N 2 ? 
F N N 3 ? 
G N N 2 ? 
H N N 2 ? 
I N N 4 ? 
J N N 4 ? 
# 
_struct_ref.id                         1 
_struct_ref.entity_id                  1 
_struct_ref.db_name                    PDB 
_struct_ref.db_code                    2R20 
_struct_ref.pdbx_db_accession          2R20 
_struct_ref.pdbx_db_isoform            ? 
_struct_ref.pdbx_seq_one_letter_code   ? 
_struct_ref.pdbx_align_begin           ? 
# 
loop_
_struct_ref_seq.align_id 
_struct_ref_seq.ref_id 
_struct_ref_seq.pdbx_PDB_id_code 
_struct_ref_seq.pdbx_strand_id 
_struct_ref_seq.seq_align_beg 
_struct_ref_seq.pdbx_seq_align_beg_ins_code 
_struct_ref_seq.seq_align_end 
_struct_ref_seq.pdbx_seq_align_end_ins_code 
_struct_ref_seq.pdbx_db_accession 
_struct_ref_seq.db_align_beg 
_struct_ref_seq.pdbx_db_align_beg_ins_code 
_struct_ref_seq.db_align_end 
_struct_ref_seq.pdbx_db_align_end_ins_code 
_struct_ref_seq.pdbx_auth_seq_align_beg 
_struct_ref_seq.pdbx_auth_seq_align_end 
1 1 2R20 A 1 ? 13 ? 2R20 1  ? 13 ? 1  13 
2 1 2R20 B 1 ? 13 ? 2R20 14 ? 26 ? 14 26 
# 
_pdbx_struct_assembly.id                   1 
_pdbx_struct_assembly.details              author_and_software_defined_assembly 
_pdbx_struct_assembly.method_details       PISA 
_pdbx_struct_assembly.oligomeric_details   dimeric 
_pdbx_struct_assembly.oligomeric_count     2 
# 
_pdbx_struct_assembly_prop.biol_id   1 
_pdbx_struct_assembly_prop.type      'ABSA (A^2)' 
_pdbx_struct_assembly_prop.value     3170 
_pdbx_struct_assembly_prop.details   ? 
# 
_pdbx_struct_assembly_gen.assembly_id       1 
_pdbx_struct_assembly_gen.oper_expression   1 
_pdbx_struct_assembly_gen.asym_id_list      A,B,C,D,E,F,G,H,I,J 
# 
_pdbx_struct_oper_list.id                   1 
_pdbx_struct_oper_list.type                 'identity operation' 
_pdbx_struct_oper_list.name                 1_555 
_pdbx_struct_oper_list.symmetry_operation   x,y,z 
_pdbx_struct_oper_list.matrix[1][1]         1.0000000000 
_pdbx_struct_oper_list.matrix[1][2]         0.0000000000 
_pdbx_struct_oper_list.matrix[1][3]         0.0000000000 
_pdbx_struct_oper_list.vector[1]            0.0000000000 
_pdbx_struct_oper_list.matrix[2][1]         0.0000000000 
_pdbx_struct_oper_list.matrix[2][2]         1.0000000000 
_pdbx_struct_oper_list.matrix[2][3]         0.0000000000 
_pdbx_struct_oper_list.vector[2]            0.0000000000 
_pdbx_struct_oper_list.matrix[3][1]         0.0000000000 
_pdbx_struct_oper_list.matrix[3][2]         0.0000000000 
_pdbx_struct_oper_list.matrix[3][3]         1.0000000000 
_pdbx_struct_oper_list.vector[3]            0.0000000000 
# 
_struct_biol.id        1 
_struct_biol.details   ? 
# 
loop_
_struct_conn.id 
_struct_conn.conn_type_id 
_struct_conn.pdbx_leaving_atom_flag 
_struct_conn.pdbx_PDB_id 
_struct_conn.ptnr1_label_asym_id 
_struct_conn.ptnr1_label_comp_id 
_struct_conn.ptnr1_label_seq_id 
_struct_conn.ptnr1_label_atom_id 
_struct_conn.pdbx_ptnr1_label_alt_id 
_struct_conn.pdbx_ptnr1_PDB_ins_code 
_struct_conn.pdbx_ptnr1_standard_comp_id 
_struct_conn.ptnr1_symmetry 
_struct_conn.ptnr2_label_asym_id 
_struct_conn.ptnr2_label_comp_id 
_struct_conn.ptnr2_label_seq_id 
_struct_conn.ptnr2_label_atom_id 
_struct_conn.pdbx_ptnr2_label_alt_id 
_struct_conn.pdbx_ptnr2_PDB_ins_code 
_struct_conn.ptnr1_auth_asym_id 
_struct_conn.ptnr1_auth_comp_id 
_struct_conn.ptnr1_auth_seq_id 
_struct_conn.ptnr2_auth_asym_id 
_struct_conn.ptnr2_auth_comp_id 
_struct_conn.ptnr2_auth_seq_id 
_struct_conn.ptnr2_symmetry 
_struct_conn.pdbx_ptnr3_label_atom_id 
_struct_conn.pdbx_ptnr3_label_seq_id 
_struct_conn.pdbx_ptnr3_label_comp_id 
_struct_conn.pdbx_ptnr3_label_asym_id 
_struct_conn.pdbx_ptnr3_label_alt_id 
_struct_conn.pdbx_ptnr3_PDB_ins_code 
_struct_conn.details 
_struct_conn.pdbx_dist_value 
_struct_conn.pdbx_value_order 
_struct_conn.pdbx_role 
covale1  covale both ? A U   5  "O3'" ? ? ? 1_555 A 5BU 6  P  ? ? A U   5  A 5BU 6   1_555 ? ? ? ? ? ? ?            1.608 ? ? 
covale2  covale both ? A 5BU 6  "O3'" ? ? ? 1_555 A G   7  P  ? ? A 5BU 6  A G   7   1_555 ? ? ? ? ? ? ?            1.606 ? ? 
covale3  covale both ? B U   5  "O3'" ? ? ? 1_555 B 5BU 6  P  ? ? B U   18 B 5BU 19  1_555 ? ? ? ? ? ? ?            1.609 ? ? 
covale4  covale both ? B 5BU 6  "O3'" ? ? ? 1_555 B G   7  P  ? ? B 5BU 19 B G   20  1_555 ? ? ? ? ? ? ?            1.607 ? ? 
metalc1  metalc ?    ? A U   4  O4    ? ? ? 1_555 C NA  .  NA ? ? A U   4  A NA  14  1_555 ? ? ? ? ? ? ?            2.510 ? ? 
metalc2  metalc ?    ? A U   5  O4    ? ? ? 1_555 C NA  .  NA ? ? A U   5  A NA  14  1_555 ? ? ? ? ? ? ?            2.442 ? ? 
metalc3  metalc ?    ? A G   7  N7    ? ? ? 1_555 D NA  .  NA ? ? A G   7  A NA  15  1_555 ? ? ? ? ? ? ?            2.483 ? ? 
metalc4  metalc ?    ? A A   9  N7    ? ? ? 1_555 E NA  .  NA ? ? A A   9  A NA  16  1_555 ? ? ? ? ? ? ?            2.605 ? ? 
metalc5  metalc ?    ? C NA  .  NA    ? ? ? 1_555 I HOH .  O  ? ? A NA  14 A HOH 37  1_555 ? ? ? ? ? ? ?            2.418 ? ? 
metalc6  metalc ?    ? C NA  .  NA    ? ? ? 1_555 I HOH .  O  ? ? A NA  14 A HOH 49  1_555 ? ? ? ? ? ? ?            2.467 ? ? 
metalc7  metalc ?    ? C NA  .  NA    ? ? ? 1_555 I HOH .  O  ? ? A NA  14 A HOH 55  1_555 ? ? ? ? ? ? ?            2.393 ? ? 
metalc8  metalc ?    ? C NA  .  NA    ? ? ? 1_555 I HOH .  O  ? ? A NA  14 A HOH 58  1_555 ? ? ? ? ? ? ?            2.424 ? ? 
metalc9  metalc ?    ? D NA  .  NA    ? ? ? 1_555 I HOH .  O  ? ? A NA  15 A HOH 31  1_555 ? ? ? ? ? ? ?            2.402 ? ? 
metalc10 metalc ?    ? D NA  .  NA    ? ? ? 1_555 I HOH .  O  ? ? A NA  15 A HOH 51  1_555 ? ? ? ? ? ? ?            2.477 ? ? 
metalc11 metalc ?    ? D NA  .  NA    ? ? ? 1_555 I HOH .  O  ? ? A NA  15 A HOH 60  1_555 ? ? ? ? ? ? ?            2.697 ? ? 
metalc12 metalc ?    ? D NA  .  NA    ? ? ? 1_555 I HOH .  O  ? ? A NA  15 A HOH 71  1_555 ? ? ? ? ? ? ?            2.609 ? ? 
metalc13 metalc ?    ? D NA  .  NA    ? ? ? 1_555 I HOH .  O  ? ? A NA  15 A HOH 75  1_555 ? ? ? ? ? ? ?            2.352 ? ? 
metalc14 metalc ?    ? E NA  .  NA    ? ? ? 1_555 I HOH .  O  ? ? A NA  16 A HOH 52  1_555 ? ? ? ? ? ? ?            2.334 ? ? 
metalc15 metalc ?    ? E NA  .  NA    ? ? ? 1_555 I HOH .  O  ? ? A NA  16 A HOH 70  1_555 ? ? ? ? ? ? ?            2.689 ? ? 
metalc16 metalc ?    ? E NA  .  NA    ? ? ? 1_555 I HOH .  O  ? ? A NA  16 A HOH 83  1_555 ? ? ? ? ? ? ?            2.154 ? ? 
metalc17 metalc ?    ? E NA  .  NA    ? ? ? 1_555 I HOH .  O  ? ? A NA  16 A HOH 86  1_555 ? ? ? ? ? ? ?            2.584 ? ? 
metalc18 metalc ?    ? E NA  .  NA    ? ? ? 1_555 I HOH .  O  ? ? A NA  16 A HOH 99  1_555 ? ? ? ? ? ? ?            2.352 ? ? 
metalc19 metalc ?    ? F MG  .  MG    ? ? ? 1_555 I HOH .  O  ? ? A MG  17 A HOH 23  1_555 ? ? ? ? ? ? ?            2.306 ? ? 
metalc20 metalc ?    ? F MG  .  MG    ? ? ? 1_555 I HOH .  O  ? ? A MG  17 A HOH 30  1_555 ? ? ? ? ? ? ?            2.005 ? ? 
metalc21 metalc ?    ? F MG  .  MG    ? ? ? 1_555 I HOH .  O  ? ? A MG  17 A HOH 53  1_555 ? ? ? ? ? ? ?            2.171 ? ? 
metalc22 metalc ?    ? F MG  .  MG    ? ? ? 1_555 I HOH .  O  ? ? A MG  17 A HOH 64  1_555 ? ? ? ? ? ? ?            2.206 ? ? 
metalc23 metalc ?    ? F MG  .  MG    ? ? ? 1_555 I HOH .  O  ? ? A MG  17 A HOH 67  1_555 ? ? ? ? ? ? ?            2.178 ? ? 
metalc24 metalc ?    ? F MG  .  MG    ? ? ? 1_555 I HOH .  O  ? ? A MG  17 A HOH 90  1_555 ? ? ? ? ? ? ?            2.018 ? ? 
metalc25 metalc ?    ? G NA  .  NA    ? ? ? 1_555 B U   4  O4 ? ? B NA  1  B U   17  1_555 ? ? ? ? ? ? ?            2.530 ? ? 
metalc26 metalc ?    ? G NA  .  NA    ? ? ? 1_555 B U   5  O4 ? ? B NA  1  B U   18  1_555 ? ? ? ? ? ? ?            2.388 ? ? 
metalc27 metalc ?    ? G NA  .  NA    ? ? ? 1_555 J HOH .  O  ? ? B NA  1  B HOH 44  1_555 ? ? ? ? ? ? ?            2.346 ? ? 
metalc28 metalc ?    ? G NA  .  NA    ? ? ? 1_555 J HOH .  O  ? ? B NA  1  B HOH 64  1_555 ? ? ? ? ? ? ?            2.474 ? ? 
metalc29 metalc ?    ? G NA  .  NA    ? ? ? 1_555 J HOH .  O  ? ? B NA  1  B HOH 66  1_555 ? ? ? ? ? ? ?            2.409 ? ? 
metalc30 metalc ?    ? G NA  .  NA    ? ? ? 1_555 J HOH .  O  ? ? B NA  1  B HOH 67  1_555 ? ? ? ? ? ? ?            2.471 ? ? 
metalc31 metalc ?    ? H NA  .  NA    ? ? ? 1_555 J HOH .  O  ? ? B NA  4  B HOH 38  1_555 ? ? ? ? ? ? ?            2.449 ? ? 
metalc32 metalc ?    ? H NA  .  NA    ? ? ? 1_555 J HOH .  O  ? ? B NA  4  B HOH 66  1_555 ? ? ? ? ? ? ?            2.461 ? ? 
metalc33 metalc ?    ? H NA  .  NA    ? ? ? 1_555 J HOH .  O  ? ? B NA  4  B HOH 67  1_555 ? ? ? ? ? ? ?            2.603 ? ? 
metalc34 metalc ?    ? H NA  .  NA    ? ? ? 1_555 J HOH .  O  ? ? B NA  4  B HOH 102 1_555 ? ? ? ? ? ? ?            2.359 ? ? 
hydrog1  hydrog ?    ? A G   1  N1    ? ? ? 1_555 B C   13 N3 ? ? A G   1  B C   26  1_555 ? ? ? ? ? ? WATSON-CRICK ?     ? ? 
hydrog2  hydrog ?    ? A G   1  N2    ? ? ? 1_555 B C   13 O2 ? ? A G   1  B C   26  1_555 ? ? ? ? ? ? WATSON-CRICK ?     ? ? 
hydrog3  hydrog ?    ? A G   1  O6    ? ? ? 1_555 B C   13 N4 ? ? A G   1  B C   26  1_555 ? ? ? ? ? ? WATSON-CRICK ?     ? ? 
hydrog4  hydrog ?    ? A C   2  N3    ? ? ? 1_555 B G   12 N1 ? ? A C   2  B G   25  1_555 ? ? ? ? ? ? WATSON-CRICK ?     ? ? 
hydrog5  hydrog ?    ? A C   2  N4    ? ? ? 1_555 B G   12 O6 ? ? A C   2  B G   25  1_555 ? ? ? ? ? ? WATSON-CRICK ?     ? ? 
hydrog6  hydrog ?    ? A C   2  O2    ? ? ? 1_555 B G   12 N2 ? ? A C   2  B G   25  1_555 ? ? ? ? ? ? WATSON-CRICK ?     ? ? 
hydrog7  hydrog ?    ? A G   3  N1    ? ? ? 1_555 B C   11 N3 ? ? A G   3  B C   24  1_555 ? ? ? ? ? ? WATSON-CRICK ?     ? ? 
hydrog8  hydrog ?    ? A G   3  N2    ? ? ? 1_555 B C   11 O2 ? ? A G   3  B C   24  1_555 ? ? ? ? ? ? WATSON-CRICK ?     ? ? 
hydrog9  hydrog ?    ? A G   3  O6    ? ? ? 1_555 B C   11 N4 ? ? A G   3  B C   24  1_555 ? ? ? ? ? ? WATSON-CRICK ?     ? ? 
hydrog10 hydrog ?    ? A U   4  N3    ? ? ? 1_555 B A   10 N1 ? ? A U   4  B A   23  1_555 ? ? ? ? ? ? WATSON-CRICK ?     ? ? 
hydrog11 hydrog ?    ? A U   4  O4    ? ? ? 1_555 B A   10 N6 ? ? A U   4  B A   23  1_555 ? ? ? ? ? ? WATSON-CRICK ?     ? ? 
hydrog12 hydrog ?    ? A U   5  N3    ? ? ? 1_555 B A   9  N1 ? ? A U   5  B A   22  1_555 ? ? ? ? ? ? WATSON-CRICK ?     ? ? 
hydrog13 hydrog ?    ? A U   5  O4    ? ? ? 1_555 B A   9  N6 ? ? A U   5  B A   22  1_555 ? ? ? ? ? ? WATSON-CRICK ?     ? ? 
hydrog14 hydrog ?    ? A 5BU 6  N3    ? ? ? 1_555 B A   8  N1 ? ? A 5BU 6  B A   21  1_555 ? ? ? ? ? ? WATSON-CRICK ?     ? ? 
hydrog15 hydrog ?    ? A 5BU 6  O4    ? ? ? 1_555 B A   8  N6 ? ? A 5BU 6  B A   21  1_555 ? ? ? ? ? ? WATSON-CRICK ?     ? ? 
hydrog16 hydrog ?    ? A G   7  N1    ? ? ? 1_555 B G   7  O6 ? ? A G   7  B G   20  1_555 ? ? ? ? ? ? TYPE_6_PAIR  ?     ? ? 
hydrog17 hydrog ?    ? A G   7  N2    ? ? ? 1_555 B G   7  N7 ? ? A G   7  B G   20  1_555 ? ? ? ? ? ? TYPE_6_PAIR  ?     ? ? 
hydrog18 hydrog ?    ? A A   8  N1    ? ? ? 1_555 B 5BU 6  N3 ? ? A A   8  B 5BU 19  1_555 ? ? ? ? ? ? WATSON-CRICK ?     ? ? 
hydrog19 hydrog ?    ? A A   8  N6    ? ? ? 1_555 B 5BU 6  O4 ? ? A A   8  B 5BU 19  1_555 ? ? ? ? ? ? WATSON-CRICK ?     ? ? 
hydrog20 hydrog ?    ? A A   9  N1    ? ? ? 1_555 B U   5  N3 ? ? A A   9  B U   18  1_555 ? ? ? ? ? ? WATSON-CRICK ?     ? ? 
hydrog21 hydrog ?    ? A A   9  N6    ? ? ? 1_555 B U   5  O4 ? ? A A   9  B U   18  1_555 ? ? ? ? ? ? WATSON-CRICK ?     ? ? 
hydrog22 hydrog ?    ? A A   10 N1    ? ? ? 1_555 B U   4  N3 ? ? A A   10 B U   17  1_555 ? ? ? ? ? ? WATSON-CRICK ?     ? ? 
hydrog23 hydrog ?    ? A A   10 N6    ? ? ? 1_555 B U   4  O4 ? ? A A   10 B U   17  1_555 ? ? ? ? ? ? WATSON-CRICK ?     ? ? 
hydrog24 hydrog ?    ? A C   11 N3    ? ? ? 1_555 B G   3  N1 ? ? A C   11 B G   16  1_555 ? ? ? ? ? ? WATSON-CRICK ?     ? ? 
hydrog25 hydrog ?    ? A C   11 N4    ? ? ? 1_555 B G   3  O6 ? ? A C   11 B G   16  1_555 ? ? ? ? ? ? WATSON-CRICK ?     ? ? 
hydrog26 hydrog ?    ? A C   11 O2    ? ? ? 1_555 B G   3  N2 ? ? A C   11 B G   16  1_555 ? ? ? ? ? ? WATSON-CRICK ?     ? ? 
hydrog27 hydrog ?    ? A G   12 N1    ? ? ? 1_555 B C   2  N3 ? ? A G   12 B C   15  1_555 ? ? ? ? ? ? WATSON-CRICK ?     ? ? 
hydrog28 hydrog ?    ? A G   12 N2    ? ? ? 1_555 B C   2  O2 ? ? A G   12 B C   15  1_555 ? ? ? ? ? ? WATSON-CRICK ?     ? ? 
hydrog29 hydrog ?    ? A G   12 O6    ? ? ? 1_555 B C   2  N4 ? ? A G   12 B C   15  1_555 ? ? ? ? ? ? WATSON-CRICK ?     ? ? 
hydrog30 hydrog ?    ? A C   13 N3    ? ? ? 1_555 B G   1  N1 ? ? A C   13 B G   14  1_555 ? ? ? ? ? ? WATSON-CRICK ?     ? ? 
hydrog31 hydrog ?    ? A C   13 N4    ? ? ? 1_555 B G   1  O6 ? ? A C   13 B G   14  1_555 ? ? ? ? ? ? WATSON-CRICK ?     ? ? 
hydrog32 hydrog ?    ? A C   13 O2    ? ? ? 1_555 B G   1  N2 ? ? A C   13 B G   14  1_555 ? ? ? ? ? ? WATSON-CRICK ?     ? ? 
# 
loop_
_struct_conn_type.id 
_struct_conn_type.criteria 
_struct_conn_type.reference 
covale ? ? 
metalc ? ? 
hydrog ? ? 
# 
loop_
_pdbx_struct_conn_angle.id 
_pdbx_struct_conn_angle.ptnr1_label_atom_id 
_pdbx_struct_conn_angle.ptnr1_label_alt_id 
_pdbx_struct_conn_angle.ptnr1_label_asym_id 
_pdbx_struct_conn_angle.ptnr1_label_comp_id 
_pdbx_struct_conn_angle.ptnr1_label_seq_id 
_pdbx_struct_conn_angle.ptnr1_auth_atom_id 
_pdbx_struct_conn_angle.ptnr1_auth_asym_id 
_pdbx_struct_conn_angle.ptnr1_auth_comp_id 
_pdbx_struct_conn_angle.ptnr1_auth_seq_id 
_pdbx_struct_conn_angle.ptnr1_PDB_ins_code 
_pdbx_struct_conn_angle.ptnr1_symmetry 
_pdbx_struct_conn_angle.ptnr2_label_atom_id 
_pdbx_struct_conn_angle.ptnr2_label_alt_id 
_pdbx_struct_conn_angle.ptnr2_label_asym_id 
_pdbx_struct_conn_angle.ptnr2_label_comp_id 
_pdbx_struct_conn_angle.ptnr2_label_seq_id 
_pdbx_struct_conn_angle.ptnr2_auth_atom_id 
_pdbx_struct_conn_angle.ptnr2_auth_asym_id 
_pdbx_struct_conn_angle.ptnr2_auth_comp_id 
_pdbx_struct_conn_angle.ptnr2_auth_seq_id 
_pdbx_struct_conn_angle.ptnr2_PDB_ins_code 
_pdbx_struct_conn_angle.ptnr2_symmetry 
_pdbx_struct_conn_angle.ptnr3_label_atom_id 
_pdbx_struct_conn_angle.ptnr3_label_alt_id 
_pdbx_struct_conn_angle.ptnr3_label_asym_id 
_pdbx_struct_conn_angle.ptnr3_label_comp_id 
_pdbx_struct_conn_angle.ptnr3_label_seq_id 
_pdbx_struct_conn_angle.ptnr3_auth_atom_id 
_pdbx_struct_conn_angle.ptnr3_auth_asym_id 
_pdbx_struct_conn_angle.ptnr3_auth_comp_id 
_pdbx_struct_conn_angle.ptnr3_auth_seq_id 
_pdbx_struct_conn_angle.ptnr3_PDB_ins_code 
_pdbx_struct_conn_angle.ptnr3_symmetry 
_pdbx_struct_conn_angle.value 
_pdbx_struct_conn_angle.value_esd 
1  O4 ? A U   4 ? A U   4  ? 1_555 NA ? C NA . ? A NA 14 ? 1_555 O4 ? A U   5 ? A U   5   ? 1_555 78.0  ? 
2  O4 ? A U   4 ? A U   4  ? 1_555 NA ? C NA . ? A NA 14 ? 1_555 O  ? I HOH . ? A HOH 37  ? 1_555 151.2 ? 
3  O4 ? A U   5 ? A U   5  ? 1_555 NA ? C NA . ? A NA 14 ? 1_555 O  ? I HOH . ? A HOH 37  ? 1_555 81.7  ? 
4  O4 ? A U   4 ? A U   4  ? 1_555 NA ? C NA . ? A NA 14 ? 1_555 O  ? I HOH . ? A HOH 49  ? 1_555 94.0  ? 
5  O4 ? A U   5 ? A U   5  ? 1_555 NA ? C NA . ? A NA 14 ? 1_555 O  ? I HOH . ? A HOH 49  ? 1_555 158.2 ? 
6  O  ? I HOH . ? A HOH 37 ? 1_555 NA ? C NA . ? A NA 14 ? 1_555 O  ? I HOH . ? A HOH 49  ? 1_555 111.8 ? 
7  O4 ? A U   4 ? A U   4  ? 1_555 NA ? C NA . ? A NA 14 ? 1_555 O  ? I HOH . ? A HOH 55  ? 1_555 106.1 ? 
8  O4 ? A U   5 ? A U   5  ? 1_555 NA ? C NA . ? A NA 14 ? 1_555 O  ? I HOH . ? A HOH 55  ? 1_555 88.1  ? 
9  O  ? I HOH . ? A HOH 37 ? 1_555 NA ? C NA . ? A NA 14 ? 1_555 O  ? I HOH . ? A HOH 55  ? 1_555 93.4  ? 
10 O  ? I HOH . ? A HOH 49 ? 1_555 NA ? C NA . ? A NA 14 ? 1_555 O  ? I HOH . ? A HOH 55  ? 1_555 74.5  ? 
11 O4 ? A U   4 ? A U   4  ? 1_555 NA ? C NA . ? A NA 14 ? 1_555 O  ? I HOH . ? A HOH 58  ? 1_555 77.9  ? 
12 O4 ? A U   5 ? A U   5  ? 1_555 NA ? C NA . ? A NA 14 ? 1_555 O  ? I HOH . ? A HOH 58  ? 1_555 102.2 ? 
13 O  ? I HOH . ? A HOH 37 ? 1_555 NA ? C NA . ? A NA 14 ? 1_555 O  ? I HOH . ? A HOH 58  ? 1_555 86.6  ? 
14 O  ? I HOH . ? A HOH 49 ? 1_555 NA ? C NA . ? A NA 14 ? 1_555 O  ? I HOH . ? A HOH 58  ? 1_555 95.8  ? 
15 O  ? I HOH . ? A HOH 55 ? 1_555 NA ? C NA . ? A NA 14 ? 1_555 O  ? I HOH . ? A HOH 58  ? 1_555 169.6 ? 
16 N7 ? A G   7 ? A G   7  ? 1_555 NA ? D NA . ? A NA 15 ? 1_555 O  ? I HOH . ? A HOH 31  ? 1_555 90.8  ? 
17 N7 ? A G   7 ? A G   7  ? 1_555 NA ? D NA . ? A NA 15 ? 1_555 O  ? I HOH . ? A HOH 51  ? 1_555 90.2  ? 
18 O  ? I HOH . ? A HOH 31 ? 1_555 NA ? D NA . ? A NA 15 ? 1_555 O  ? I HOH . ? A HOH 51  ? 1_555 118.0 ? 
19 N7 ? A G   7 ? A G   7  ? 1_555 NA ? D NA . ? A NA 15 ? 1_555 O  ? I HOH . ? A HOH 60  ? 1_555 86.4  ? 
20 O  ? I HOH . ? A HOH 31 ? 1_555 NA ? D NA . ? A NA 15 ? 1_555 O  ? I HOH . ? A HOH 60  ? 1_555 152.1 ? 
21 O  ? I HOH . ? A HOH 51 ? 1_555 NA ? D NA . ? A NA 15 ? 1_555 O  ? I HOH . ? A HOH 60  ? 1_555 89.8  ? 
22 N7 ? A G   7 ? A G   7  ? 1_555 NA ? D NA . ? A NA 15 ? 1_555 O  ? I HOH . ? A HOH 71  ? 1_555 101.8 ? 
23 O  ? I HOH . ? A HOH 31 ? 1_555 NA ? D NA . ? A NA 15 ? 1_555 O  ? I HOH . ? A HOH 71  ? 1_555 78.2  ? 
24 O  ? I HOH . ? A HOH 51 ? 1_555 NA ? D NA . ? A NA 15 ? 1_555 O  ? I HOH . ? A HOH 71  ? 1_555 160.0 ? 
25 O  ? I HOH . ? A HOH 60 ? 1_555 NA ? D NA . ? A NA 15 ? 1_555 O  ? I HOH . ? A HOH 71  ? 1_555 75.3  ? 
26 N7 ? A G   7 ? A G   7  ? 1_555 NA ? D NA . ? A NA 15 ? 1_555 O  ? I HOH . ? A HOH 75  ? 1_555 178.5 ? 
27 O  ? I HOH . ? A HOH 31 ? 1_555 NA ? D NA . ? A NA 15 ? 1_555 O  ? I HOH . ? A HOH 75  ? 1_555 87.8  ? 
28 O  ? I HOH . ? A HOH 51 ? 1_555 NA ? D NA . ? A NA 15 ? 1_555 O  ? I HOH . ? A HOH 75  ? 1_555 90.2  ? 
29 O  ? I HOH . ? A HOH 60 ? 1_555 NA ? D NA . ? A NA 15 ? 1_555 O  ? I HOH . ? A HOH 75  ? 1_555 95.1  ? 
30 O  ? I HOH . ? A HOH 71 ? 1_555 NA ? D NA . ? A NA 15 ? 1_555 O  ? I HOH . ? A HOH 75  ? 1_555 78.2  ? 
31 N7 ? A A   9 ? A A   9  ? 1_555 NA ? E NA . ? A NA 16 ? 1_555 O  ? I HOH . ? A HOH 52  ? 1_555 92.0  ? 
32 N7 ? A A   9 ? A A   9  ? 1_555 NA ? E NA . ? A NA 16 ? 1_555 O  ? I HOH . ? A HOH 70  ? 1_555 96.6  ? 
33 O  ? I HOH . ? A HOH 52 ? 1_555 NA ? E NA . ? A NA 16 ? 1_555 O  ? I HOH . ? A HOH 70  ? 1_555 85.1  ? 
34 N7 ? A A   9 ? A A   9  ? 1_555 NA ? E NA . ? A NA 16 ? 1_555 O  ? I HOH . ? A HOH 83  ? 1_555 83.8  ? 
35 O  ? I HOH . ? A HOH 52 ? 1_555 NA ? E NA . ? A NA 16 ? 1_555 O  ? I HOH . ? A HOH 83  ? 1_555 170.7 ? 
36 O  ? I HOH . ? A HOH 70 ? 1_555 NA ? E NA . ? A NA 16 ? 1_555 O  ? I HOH . ? A HOH 83  ? 1_555 87.2  ? 
37 N7 ? A A   9 ? A A   9  ? 1_555 NA ? E NA . ? A NA 16 ? 1_555 O  ? I HOH . ? A HOH 86  ? 1_555 175.2 ? 
38 O  ? I HOH . ? A HOH 52 ? 1_555 NA ? E NA . ? A NA 16 ? 1_555 O  ? I HOH . ? A HOH 86  ? 1_555 92.3  ? 
39 O  ? I HOH . ? A HOH 70 ? 1_555 NA ? E NA . ? A NA 16 ? 1_555 O  ? I HOH . ? A HOH 86  ? 1_555 85.8  ? 
40 O  ? I HOH . ? A HOH 83 ? 1_555 NA ? E NA . ? A NA 16 ? 1_555 O  ? I HOH . ? A HOH 86  ? 1_555 92.3  ? 
41 N7 ? A A   9 ? A A   9  ? 1_555 NA ? E NA . ? A NA 16 ? 1_555 O  ? I HOH . ? A HOH 99  ? 1_555 95.3  ? 
42 O  ? I HOH . ? A HOH 52 ? 1_555 NA ? E NA . ? A NA 16 ? 1_555 O  ? I HOH . ? A HOH 99  ? 1_555 84.1  ? 
43 O  ? I HOH . ? A HOH 70 ? 1_555 NA ? E NA . ? A NA 16 ? 1_555 O  ? I HOH . ? A HOH 99  ? 1_555 164.2 ? 
44 O  ? I HOH . ? A HOH 83 ? 1_555 NA ? E NA . ? A NA 16 ? 1_555 O  ? I HOH . ? A HOH 99  ? 1_555 104.5 ? 
45 O  ? I HOH . ? A HOH 86 ? 1_555 NA ? E NA . ? A NA 16 ? 1_555 O  ? I HOH . ? A HOH 99  ? 1_555 83.1  ? 
46 O  ? I HOH . ? A HOH 23 ? 1_555 MG ? F MG . ? A MG 17 ? 1_555 O  ? I HOH . ? A HOH 30  ? 1_555 88.9  ? 
47 O  ? I HOH . ? A HOH 23 ? 1_555 MG ? F MG . ? A MG 17 ? 1_555 O  ? I HOH . ? A HOH 53  ? 1_555 165.7 ? 
48 O  ? I HOH . ? A HOH 30 ? 1_555 MG ? F MG . ? A MG 17 ? 1_555 O  ? I HOH . ? A HOH 53  ? 1_555 87.2  ? 
49 O  ? I HOH . ? A HOH 23 ? 1_555 MG ? F MG . ? A MG 17 ? 1_555 O  ? I HOH . ? A HOH 64  ? 1_555 90.4  ? 
50 O  ? I HOH . ? A HOH 30 ? 1_555 MG ? F MG . ? A MG 17 ? 1_555 O  ? I HOH . ? A HOH 64  ? 1_555 172.9 ? 
51 O  ? I HOH . ? A HOH 53 ? 1_555 MG ? F MG . ? A MG 17 ? 1_555 O  ? I HOH . ? A HOH 64  ? 1_555 91.8  ? 
52 O  ? I HOH . ? A HOH 23 ? 1_555 MG ? F MG . ? A MG 17 ? 1_555 O  ? I HOH . ? A HOH 67  ? 1_555 95.6  ? 
53 O  ? I HOH . ? A HOH 30 ? 1_555 MG ? F MG . ? A MG 17 ? 1_555 O  ? I HOH . ? A HOH 67  ? 1_555 97.7  ? 
54 O  ? I HOH . ? A HOH 53 ? 1_555 MG ? F MG . ? A MG 17 ? 1_555 O  ? I HOH . ? A HOH 67  ? 1_555 98.5  ? 
55 O  ? I HOH . ? A HOH 64 ? 1_555 MG ? F MG . ? A MG 17 ? 1_555 O  ? I HOH . ? A HOH 67  ? 1_555 89.4  ? 
56 O  ? I HOH . ? A HOH 23 ? 1_555 MG ? F MG . ? A MG 17 ? 1_555 O  ? I HOH . ? A HOH 90  ? 1_555 78.2  ? 
57 O  ? I HOH . ? A HOH 30 ? 1_555 MG ? F MG . ? A MG 17 ? 1_555 O  ? I HOH . ? A HOH 90  ? 1_555 95.8  ? 
58 O  ? I HOH . ? A HOH 53 ? 1_555 MG ? F MG . ? A MG 17 ? 1_555 O  ? I HOH . ? A HOH 90  ? 1_555 88.5  ? 
59 O  ? I HOH . ? A HOH 64 ? 1_555 MG ? F MG . ? A MG 17 ? 1_555 O  ? I HOH . ? A HOH 90  ? 1_555 77.1  ? 
60 O  ? I HOH . ? A HOH 67 ? 1_555 MG ? F MG . ? A MG 17 ? 1_555 O  ? I HOH . ? A HOH 90  ? 1_555 165.0 ? 
61 O4 ? B U   4 ? B U   17 ? 1_555 NA ? G NA . ? B NA 1  ? 1_555 O4 ? B U   5 ? B U   18  ? 1_555 81.2  ? 
62 O4 ? B U   4 ? B U   17 ? 1_555 NA ? G NA . ? B NA 1  ? 1_555 O  ? J HOH . ? B HOH 44  ? 1_555 158.0 ? 
63 O4 ? B U   5 ? B U   18 ? 1_555 NA ? G NA . ? B NA 1  ? 1_555 O  ? J HOH . ? B HOH 44  ? 1_555 82.3  ? 
64 O4 ? B U   4 ? B U   17 ? 1_555 NA ? G NA . ? B NA 1  ? 1_555 O  ? J HOH . ? B HOH 64  ? 1_555 78.1  ? 
65 O4 ? B U   5 ? B U   18 ? 1_555 NA ? G NA . ? B NA 1  ? 1_555 O  ? J HOH . ? B HOH 64  ? 1_555 102.4 ? 
66 O  ? J HOH . ? B HOH 44 ? 1_555 NA ? G NA . ? B NA 1  ? 1_555 O  ? J HOH . ? B HOH 64  ? 1_555 91.5  ? 
67 O4 ? B U   4 ? B U   17 ? 1_555 NA ? G NA . ? B NA 1  ? 1_555 O  ? J HOH . ? B HOH 66  ? 1_555 93.4  ? 
68 O4 ? B U   5 ? B U   18 ? 1_555 NA ? G NA . ? B NA 1  ? 1_555 O  ? J HOH . ? B HOH 66  ? 1_555 167.4 ? 
69 O  ? J HOH . ? B HOH 44 ? 1_555 NA ? G NA . ? B NA 1  ? 1_555 O  ? J HOH . ? B HOH 66  ? 1_555 105.5 ? 
70 O  ? J HOH . ? B HOH 64 ? 1_555 NA ? G NA . ? B NA 1  ? 1_555 O  ? J HOH . ? B HOH 66  ? 1_555 87.4  ? 
71 O4 ? B U   4 ? B U   17 ? 1_555 NA ? G NA . ? B NA 1  ? 1_555 O  ? J HOH . ? B HOH 67  ? 1_555 104.8 ? 
72 O4 ? B U   5 ? B U   18 ? 1_555 NA ? G NA . ? B NA 1  ? 1_555 O  ? J HOH . ? B HOH 67  ? 1_555 88.2  ? 
73 O  ? J HOH . ? B HOH 44 ? 1_555 NA ? G NA . ? B NA 1  ? 1_555 O  ? J HOH . ? B HOH 67  ? 1_555 89.0  ? 
74 O  ? J HOH . ? B HOH 64 ? 1_555 NA ? G NA . ? B NA 1  ? 1_555 O  ? J HOH . ? B HOH 67  ? 1_555 169.3 ? 
75 O  ? J HOH . ? B HOH 66 ? 1_555 NA ? G NA . ? B NA 1  ? 1_555 O  ? J HOH . ? B HOH 67  ? 1_555 82.2  ? 
76 O  ? J HOH . ? B HOH 38 ? 1_555 NA ? H NA . ? B NA 4  ? 1_555 O  ? J HOH . ? B HOH 66  ? 1_555 73.8  ? 
77 O  ? J HOH . ? B HOH 38 ? 1_555 NA ? H NA . ? B NA 4  ? 1_555 O  ? J HOH . ? B HOH 67  ? 1_555 90.8  ? 
78 O  ? J HOH . ? B HOH 66 ? 1_555 NA ? H NA . ? B NA 4  ? 1_555 O  ? J HOH . ? B HOH 67  ? 1_555 78.6  ? 
79 O  ? J HOH . ? B HOH 38 ? 1_555 NA ? H NA . ? B NA 4  ? 1_555 O  ? J HOH . ? B HOH 102 ? 1_555 86.3  ? 
80 O  ? J HOH . ? B HOH 66 ? 1_555 NA ? H NA . ? B NA 4  ? 1_555 O  ? J HOH . ? B HOH 102 ? 1_555 99.1  ? 
81 O  ? J HOH . ? B HOH 67 ? 1_555 NA ? H NA . ? B NA 4  ? 1_555 O  ? J HOH . ? B HOH 102 ? 1_555 176.7 ? 
# 
loop_
_struct_site.id 
_struct_site.pdbx_evidence_code 
_struct_site.pdbx_auth_asym_id 
_struct_site.pdbx_auth_comp_id 
_struct_site.pdbx_auth_seq_id 
_struct_site.pdbx_auth_ins_code 
_struct_site.pdbx_num_residues 
_struct_site.details 
AC1 Software B NA 1  ? 7 'BINDING SITE FOR RESIDUE NA B 1'  
AC2 Software A NA 14 ? 6 'BINDING SITE FOR RESIDUE NA A 14' 
AC3 Software A NA 15 ? 6 'BINDING SITE FOR RESIDUE NA A 15' 
AC4 Software B NA 4  ? 5 'BINDING SITE FOR RESIDUE NA B 4'  
AC5 Software A NA 16 ? 6 'BINDING SITE FOR RESIDUE NA A 16' 
AC6 Software A MG 17 ? 6 'BINDING SITE FOR RESIDUE MG A 17' 
# 
loop_
_struct_site_gen.id 
_struct_site_gen.site_id 
_struct_site_gen.pdbx_num_res 
_struct_site_gen.label_comp_id 
_struct_site_gen.label_asym_id 
_struct_site_gen.label_seq_id 
_struct_site_gen.pdbx_auth_ins_code 
_struct_site_gen.auth_comp_id 
_struct_site_gen.auth_asym_id 
_struct_site_gen.auth_seq_id 
_struct_site_gen.label_atom_id 
_struct_site_gen.label_alt_id 
_struct_site_gen.symmetry 
_struct_site_gen.details 
1  AC1 7 NA  H . ? NA  B 4   . ? 1_555 ? 
2  AC1 7 U   B 4 ? U   B 17  . ? 1_555 ? 
3  AC1 7 U   B 5 ? U   B 18  . ? 1_555 ? 
4  AC1 7 HOH J . ? HOH B 44  . ? 1_555 ? 
5  AC1 7 HOH J . ? HOH B 64  . ? 1_555 ? 
6  AC1 7 HOH J . ? HOH B 66  . ? 1_555 ? 
7  AC1 7 HOH J . ? HOH B 67  . ? 1_555 ? 
8  AC2 6 U   A 4 ? U   A 4   . ? 1_555 ? 
9  AC2 6 U   A 5 ? U   A 5   . ? 1_555 ? 
10 AC2 6 HOH I . ? HOH A 37  . ? 1_555 ? 
11 AC2 6 HOH I . ? HOH A 49  . ? 1_555 ? 
12 AC2 6 HOH I . ? HOH A 55  . ? 1_555 ? 
13 AC2 6 HOH I . ? HOH A 58  . ? 1_555 ? 
14 AC3 6 G   A 7 ? G   A 7   . ? 1_555 ? 
15 AC3 6 HOH I . ? HOH A 31  . ? 1_555 ? 
16 AC3 6 HOH I . ? HOH A 51  . ? 1_555 ? 
17 AC3 6 HOH I . ? HOH A 60  . ? 1_555 ? 
18 AC3 6 HOH I . ? HOH A 71  . ? 1_555 ? 
19 AC3 6 HOH I . ? HOH A 75  . ? 1_555 ? 
20 AC4 5 NA  G . ? NA  B 1   . ? 1_555 ? 
21 AC4 5 HOH J . ? HOH B 38  . ? 1_555 ? 
22 AC4 5 HOH J . ? HOH B 66  . ? 1_555 ? 
23 AC4 5 HOH J . ? HOH B 67  . ? 1_555 ? 
24 AC4 5 HOH J . ? HOH B 102 . ? 1_555 ? 
25 AC5 6 A   A 9 ? A   A 9   . ? 1_555 ? 
26 AC5 6 HOH I . ? HOH A 52  . ? 1_555 ? 
27 AC5 6 HOH I . ? HOH A 70  . ? 1_555 ? 
28 AC5 6 HOH I . ? HOH A 83  . ? 1_555 ? 
29 AC5 6 HOH I . ? HOH A 86  . ? 1_555 ? 
30 AC5 6 HOH I . ? HOH A 99  . ? 1_555 ? 
31 AC6 6 HOH I . ? HOH A 23  . ? 1_555 ? 
32 AC6 6 HOH I . ? HOH A 30  . ? 1_555 ? 
33 AC6 6 HOH I . ? HOH A 53  . ? 1_555 ? 
34 AC6 6 HOH I . ? HOH A 64  . ? 1_555 ? 
35 AC6 6 HOH I . ? HOH A 67  . ? 1_555 ? 
36 AC6 6 HOH I . ? HOH A 90  . ? 1_555 ? 
# 
loop_
_pdbx_struct_mod_residue.id 
_pdbx_struct_mod_residue.label_asym_id 
_pdbx_struct_mod_residue.label_comp_id 
_pdbx_struct_mod_residue.label_seq_id 
_pdbx_struct_mod_residue.auth_asym_id 
_pdbx_struct_mod_residue.auth_comp_id 
_pdbx_struct_mod_residue.auth_seq_id 
_pdbx_struct_mod_residue.PDB_ins_code 
_pdbx_struct_mod_residue.parent_comp_id 
_pdbx_struct_mod_residue.details 
1 A 5BU 6 A 5BU 6  ? U "5-BROMO-URIDINE-5'-MONOPHOSPHATE" 
2 B 5BU 6 B 5BU 19 ? U "5-BROMO-URIDINE-5'-MONOPHOSPHATE" 
# 
_phasing.method   MAD 
# 
loop_
_chem_comp_atom.comp_id 
_chem_comp_atom.atom_id 
_chem_comp_atom.type_symbol 
_chem_comp_atom.pdbx_aromatic_flag 
_chem_comp_atom.pdbx_stereo_config 
_chem_comp_atom.pdbx_ordinal 
5BU P      P  N N 1   
5BU OP1    O  N N 2   
5BU OP2    O  N N 3   
5BU OP3    O  N N 4   
5BU "O5'"  O  N N 5   
5BU "C5'"  C  N N 6   
5BU "C4'"  C  N R 7   
5BU "O4'"  O  N N 8   
5BU "C3'"  C  N S 9   
5BU "O3'"  O  N N 10  
5BU "C2'"  C  N R 11  
5BU "O2'"  O  N N 12  
5BU "C1'"  C  N R 13  
5BU N1     N  N N 14  
5BU C2     C  N N 15  
5BU O2     O  N N 16  
5BU N3     N  N N 17  
5BU C4     C  N N 18  
5BU O4     O  N N 19  
5BU C5     C  N N 20  
5BU C6     C  N N 21  
5BU BR     BR N N 22  
5BU HOP2   H  N N 23  
5BU HOP3   H  N N 24  
5BU "H5'"  H  N N 25  
5BU "H5''" H  N N 26  
5BU "H4'"  H  N N 27  
5BU "H3'"  H  N N 28  
5BU "HO3'" H  N N 29  
5BU "H2'"  H  N N 30  
5BU "HO2'" H  N N 31  
5BU "H1'"  H  N N 32  
5BU H3     H  N N 33  
5BU H6     H  N N 34  
A   OP3    O  N N 35  
A   P      P  N N 36  
A   OP1    O  N N 37  
A   OP2    O  N N 38  
A   "O5'"  O  N N 39  
A   "C5'"  C  N N 40  
A   "C4'"  C  N R 41  
A   "O4'"  O  N N 42  
A   "C3'"  C  N S 43  
A   "O3'"  O  N N 44  
A   "C2'"  C  N R 45  
A   "O2'"  O  N N 46  
A   "C1'"  C  N R 47  
A   N9     N  Y N 48  
A   C8     C  Y N 49  
A   N7     N  Y N 50  
A   C5     C  Y N 51  
A   C6     C  Y N 52  
A   N6     N  N N 53  
A   N1     N  Y N 54  
A   C2     C  Y N 55  
A   N3     N  Y N 56  
A   C4     C  Y N 57  
A   HOP3   H  N N 58  
A   HOP2   H  N N 59  
A   "H5'"  H  N N 60  
A   "H5''" H  N N 61  
A   "H4'"  H  N N 62  
A   "H3'"  H  N N 63  
A   "HO3'" H  N N 64  
A   "H2'"  H  N N 65  
A   "HO2'" H  N N 66  
A   "H1'"  H  N N 67  
A   H8     H  N N 68  
A   H61    H  N N 69  
A   H62    H  N N 70  
A   H2     H  N N 71  
C   OP3    O  N N 72  
C   P      P  N N 73  
C   OP1    O  N N 74  
C   OP2    O  N N 75  
C   "O5'"  O  N N 76  
C   "C5'"  C  N N 77  
C   "C4'"  C  N R 78  
C   "O4'"  O  N N 79  
C   "C3'"  C  N S 80  
C   "O3'"  O  N N 81  
C   "C2'"  C  N R 82  
C   "O2'"  O  N N 83  
C   "C1'"  C  N R 84  
C   N1     N  N N 85  
C   C2     C  N N 86  
C   O2     O  N N 87  
C   N3     N  N N 88  
C   C4     C  N N 89  
C   N4     N  N N 90  
C   C5     C  N N 91  
C   C6     C  N N 92  
C   HOP3   H  N N 93  
C   HOP2   H  N N 94  
C   "H5'"  H  N N 95  
C   "H5''" H  N N 96  
C   "H4'"  H  N N 97  
C   "H3'"  H  N N 98  
C   "HO3'" H  N N 99  
C   "H2'"  H  N N 100 
C   "HO2'" H  N N 101 
C   "H1'"  H  N N 102 
C   H41    H  N N 103 
C   H42    H  N N 104 
C   H5     H  N N 105 
C   H6     H  N N 106 
G   OP3    O  N N 107 
G   P      P  N N 108 
G   OP1    O  N N 109 
G   OP2    O  N N 110 
G   "O5'"  O  N N 111 
G   "C5'"  C  N N 112 
G   "C4'"  C  N R 113 
G   "O4'"  O  N N 114 
G   "C3'"  C  N S 115 
G   "O3'"  O  N N 116 
G   "C2'"  C  N R 117 
G   "O2'"  O  N N 118 
G   "C1'"  C  N R 119 
G   N9     N  Y N 120 
G   C8     C  Y N 121 
G   N7     N  Y N 122 
G   C5     C  Y N 123 
G   C6     C  N N 124 
G   O6     O  N N 125 
G   N1     N  N N 126 
G   C2     C  N N 127 
G   N2     N  N N 128 
G   N3     N  N N 129 
G   C4     C  Y N 130 
G   HOP3   H  N N 131 
G   HOP2   H  N N 132 
G   "H5'"  H  N N 133 
G   "H5''" H  N N 134 
G   "H4'"  H  N N 135 
G   "H3'"  H  N N 136 
G   "HO3'" H  N N 137 
G   "H2'"  H  N N 138 
G   "HO2'" H  N N 139 
G   "H1'"  H  N N 140 
G   H8     H  N N 141 
G   H1     H  N N 142 
G   H21    H  N N 143 
G   H22    H  N N 144 
HOH O      O  N N 145 
HOH H1     H  N N 146 
HOH H2     H  N N 147 
MG  MG     MG N N 148 
NA  NA     NA N N 149 
U   OP3    O  N N 150 
U   P      P  N N 151 
U   OP1    O  N N 152 
U   OP2    O  N N 153 
U   "O5'"  O  N N 154 
U   "C5'"  C  N N 155 
U   "C4'"  C  N R 156 
U   "O4'"  O  N N 157 
U   "C3'"  C  N S 158 
U   "O3'"  O  N N 159 
U   "C2'"  C  N R 160 
U   "O2'"  O  N N 161 
U   "C1'"  C  N R 162 
U   N1     N  N N 163 
U   C2     C  N N 164 
U   O2     O  N N 165 
U   N3     N  N N 166 
U   C4     C  N N 167 
U   O4     O  N N 168 
U   C5     C  N N 169 
U   C6     C  N N 170 
U   HOP3   H  N N 171 
U   HOP2   H  N N 172 
U   "H5'"  H  N N 173 
U   "H5''" H  N N 174 
U   "H4'"  H  N N 175 
U   "H3'"  H  N N 176 
U   "HO3'" H  N N 177 
U   "H2'"  H  N N 178 
U   "HO2'" H  N N 179 
U   "H1'"  H  N N 180 
U   H3     H  N N 181 
U   H5     H  N N 182 
U   H6     H  N N 183 
# 
loop_
_chem_comp_bond.comp_id 
_chem_comp_bond.atom_id_1 
_chem_comp_bond.atom_id_2 
_chem_comp_bond.value_order 
_chem_comp_bond.pdbx_aromatic_flag 
_chem_comp_bond.pdbx_stereo_config 
_chem_comp_bond.pdbx_ordinal 
5BU P     OP1    doub N N 1   
5BU P     OP2    sing N N 2   
5BU P     OP3    sing N N 3   
5BU P     "O5'"  sing N N 4   
5BU OP2   HOP2   sing N N 5   
5BU OP3   HOP3   sing N N 6   
5BU "O5'" "C5'"  sing N N 7   
5BU "C5'" "C4'"  sing N N 8   
5BU "C5'" "H5'"  sing N N 9   
5BU "C5'" "H5''" sing N N 10  
5BU "C4'" "O4'"  sing N N 11  
5BU "C4'" "C3'"  sing N N 12  
5BU "C4'" "H4'"  sing N N 13  
5BU "O4'" "C1'"  sing N N 14  
5BU "C3'" "O3'"  sing N N 15  
5BU "C3'" "C2'"  sing N N 16  
5BU "C3'" "H3'"  sing N N 17  
5BU "O3'" "HO3'" sing N N 18  
5BU "C2'" "O2'"  sing N N 19  
5BU "C2'" "C1'"  sing N N 20  
5BU "C2'" "H2'"  sing N N 21  
5BU "O2'" "HO2'" sing N N 22  
5BU "C1'" N1     sing N N 23  
5BU "C1'" "H1'"  sing N N 24  
5BU N1    C2     sing N N 25  
5BU N1    C6     sing N N 26  
5BU C2    O2     doub N N 27  
5BU C2    N3     sing N N 28  
5BU N3    C4     sing N N 29  
5BU N3    H3     sing N N 30  
5BU C4    O4     doub N N 31  
5BU C4    C5     sing N N 32  
5BU C5    C6     doub N N 33  
5BU C5    BR     sing N N 34  
5BU C6    H6     sing N N 35  
A   OP3   P      sing N N 36  
A   OP3   HOP3   sing N N 37  
A   P     OP1    doub N N 38  
A   P     OP2    sing N N 39  
A   P     "O5'"  sing N N 40  
A   OP2   HOP2   sing N N 41  
A   "O5'" "C5'"  sing N N 42  
A   "C5'" "C4'"  sing N N 43  
A   "C5'" "H5'"  sing N N 44  
A   "C5'" "H5''" sing N N 45  
A   "C4'" "O4'"  sing N N 46  
A   "C4'" "C3'"  sing N N 47  
A   "C4'" "H4'"  sing N N 48  
A   "O4'" "C1'"  sing N N 49  
A   "C3'" "O3'"  sing N N 50  
A   "C3'" "C2'"  sing N N 51  
A   "C3'" "H3'"  sing N N 52  
A   "O3'" "HO3'" sing N N 53  
A   "C2'" "O2'"  sing N N 54  
A   "C2'" "C1'"  sing N N 55  
A   "C2'" "H2'"  sing N N 56  
A   "O2'" "HO2'" sing N N 57  
A   "C1'" N9     sing N N 58  
A   "C1'" "H1'"  sing N N 59  
A   N9    C8     sing Y N 60  
A   N9    C4     sing Y N 61  
A   C8    N7     doub Y N 62  
A   C8    H8     sing N N 63  
A   N7    C5     sing Y N 64  
A   C5    C6     sing Y N 65  
A   C5    C4     doub Y N 66  
A   C6    N6     sing N N 67  
A   C6    N1     doub Y N 68  
A   N6    H61    sing N N 69  
A   N6    H62    sing N N 70  
A   N1    C2     sing Y N 71  
A   C2    N3     doub Y N 72  
A   C2    H2     sing N N 73  
A   N3    C4     sing Y N 74  
C   OP3   P      sing N N 75  
C   OP3   HOP3   sing N N 76  
C   P     OP1    doub N N 77  
C   P     OP2    sing N N 78  
C   P     "O5'"  sing N N 79  
C   OP2   HOP2   sing N N 80  
C   "O5'" "C5'"  sing N N 81  
C   "C5'" "C4'"  sing N N 82  
C   "C5'" "H5'"  sing N N 83  
C   "C5'" "H5''" sing N N 84  
C   "C4'" "O4'"  sing N N 85  
C   "C4'" "C3'"  sing N N 86  
C   "C4'" "H4'"  sing N N 87  
C   "O4'" "C1'"  sing N N 88  
C   "C3'" "O3'"  sing N N 89  
C   "C3'" "C2'"  sing N N 90  
C   "C3'" "H3'"  sing N N 91  
C   "O3'" "HO3'" sing N N 92  
C   "C2'" "O2'"  sing N N 93  
C   "C2'" "C1'"  sing N N 94  
C   "C2'" "H2'"  sing N N 95  
C   "O2'" "HO2'" sing N N 96  
C   "C1'" N1     sing N N 97  
C   "C1'" "H1'"  sing N N 98  
C   N1    C2     sing N N 99  
C   N1    C6     sing N N 100 
C   C2    O2     doub N N 101 
C   C2    N3     sing N N 102 
C   N3    C4     doub N N 103 
C   C4    N4     sing N N 104 
C   C4    C5     sing N N 105 
C   N4    H41    sing N N 106 
C   N4    H42    sing N N 107 
C   C5    C6     doub N N 108 
C   C5    H5     sing N N 109 
C   C6    H6     sing N N 110 
G   OP3   P      sing N N 111 
G   OP3   HOP3   sing N N 112 
G   P     OP1    doub N N 113 
G   P     OP2    sing N N 114 
G   P     "O5'"  sing N N 115 
G   OP2   HOP2   sing N N 116 
G   "O5'" "C5'"  sing N N 117 
G   "C5'" "C4'"  sing N N 118 
G   "C5'" "H5'"  sing N N 119 
G   "C5'" "H5''" sing N N 120 
G   "C4'" "O4'"  sing N N 121 
G   "C4'" "C3'"  sing N N 122 
G   "C4'" "H4'"  sing N N 123 
G   "O4'" "C1'"  sing N N 124 
G   "C3'" "O3'"  sing N N 125 
G   "C3'" "C2'"  sing N N 126 
G   "C3'" "H3'"  sing N N 127 
G   "O3'" "HO3'" sing N N 128 
G   "C2'" "O2'"  sing N N 129 
G   "C2'" "C1'"  sing N N 130 
G   "C2'" "H2'"  sing N N 131 
G   "O2'" "HO2'" sing N N 132 
G   "C1'" N9     sing N N 133 
G   "C1'" "H1'"  sing N N 134 
G   N9    C8     sing Y N 135 
G   N9    C4     sing Y N 136 
G   C8    N7     doub Y N 137 
G   C8    H8     sing N N 138 
G   N7    C5     sing Y N 139 
G   C5    C6     sing N N 140 
G   C5    C4     doub Y N 141 
G   C6    O6     doub N N 142 
G   C6    N1     sing N N 143 
G   N1    C2     sing N N 144 
G   N1    H1     sing N N 145 
G   C2    N2     sing N N 146 
G   C2    N3     doub N N 147 
G   N2    H21    sing N N 148 
G   N2    H22    sing N N 149 
G   N3    C4     sing N N 150 
HOH O     H1     sing N N 151 
HOH O     H2     sing N N 152 
U   OP3   P      sing N N 153 
U   OP3   HOP3   sing N N 154 
U   P     OP1    doub N N 155 
U   P     OP2    sing N N 156 
U   P     "O5'"  sing N N 157 
U   OP2   HOP2   sing N N 158 
U   "O5'" "C5'"  sing N N 159 
U   "C5'" "C4'"  sing N N 160 
U   "C5'" "H5'"  sing N N 161 
U   "C5'" "H5''" sing N N 162 
U   "C4'" "O4'"  sing N N 163 
U   "C4'" "C3'"  sing N N 164 
U   "C4'" "H4'"  sing N N 165 
U   "O4'" "C1'"  sing N N 166 
U   "C3'" "O3'"  sing N N 167 
U   "C3'" "C2'"  sing N N 168 
U   "C3'" "H3'"  sing N N 169 
U   "O3'" "HO3'" sing N N 170 
U   "C2'" "O2'"  sing N N 171 
U   "C2'" "C1'"  sing N N 172 
U   "C2'" "H2'"  sing N N 173 
U   "O2'" "HO2'" sing N N 174 
U   "C1'" N1     sing N N 175 
U   "C1'" "H1'"  sing N N 176 
U   N1    C2     sing N N 177 
U   N1    C6     sing N N 178 
U   C2    O2     doub N N 179 
U   C2    N3     sing N N 180 
U   N3    C4     sing N N 181 
U   N3    H3     sing N N 182 
U   C4    O4     doub N N 183 
U   C4    C5     sing N N 184 
U   C5    C6     doub N N 185 
U   C5    H5     sing N N 186 
U   C6    H6     sing N N 187 
# 
loop_
_ndb_struct_conf_na.entry_id 
_ndb_struct_conf_na.feature 
2R20 'double helix'         
2R20 'a-form double helix'  
2R20 'mismatched base pair' 
# 
loop_
_ndb_struct_na_base_pair.model_number 
_ndb_struct_na_base_pair.i_label_asym_id 
_ndb_struct_na_base_pair.i_label_comp_id 
_ndb_struct_na_base_pair.i_label_seq_id 
_ndb_struct_na_base_pair.i_symmetry 
_ndb_struct_na_base_pair.j_label_asym_id 
_ndb_struct_na_base_pair.j_label_comp_id 
_ndb_struct_na_base_pair.j_label_seq_id 
_ndb_struct_na_base_pair.j_symmetry 
_ndb_struct_na_base_pair.shear 
_ndb_struct_na_base_pair.stretch 
_ndb_struct_na_base_pair.stagger 
_ndb_struct_na_base_pair.buckle 
_ndb_struct_na_base_pair.propeller 
_ndb_struct_na_base_pair.opening 
_ndb_struct_na_base_pair.pair_number 
_ndb_struct_na_base_pair.pair_name 
_ndb_struct_na_base_pair.i_auth_asym_id 
_ndb_struct_na_base_pair.i_auth_seq_id 
_ndb_struct_na_base_pair.i_PDB_ins_code 
_ndb_struct_na_base_pair.j_auth_asym_id 
_ndb_struct_na_base_pair.j_auth_seq_id 
_ndb_struct_na_base_pair.j_PDB_ins_code 
_ndb_struct_na_base_pair.hbond_type_28 
_ndb_struct_na_base_pair.hbond_type_12 
1 A G   1  1_555 B C   13 1_555 -0.268 -0.086 0.106  -4.109 -6.400  0.684   1  A_G1:C26_B   A 1  ? B 26 ? 19 1 
1 A C   2  1_555 B G   12 1_555 0.145  -0.165 0.026  1.975  -13.673 2.056   2  A_C2:G25_B   A 2  ? B 25 ? 19 1 
1 A G   3  1_555 B C   11 1_555 -0.241 -0.152 -0.035 -5.726 -14.064 -1.762  3  A_G3:C24_B   A 3  ? B 24 ? 19 1 
1 A U   4  1_555 B A   10 1_555 0.090  -0.072 -0.007 -2.277 -4.999  2.520   4  A_U4:A23_B   A 4  ? B 23 ? 20 1 
1 A U   5  1_555 B A   9  1_555 -0.042 -0.090 -0.067 4.836  -7.944  8.325   5  A_U5:A22_B   A 5  ? B 22 ? 20 1 
1 A 5BU 6  1_555 B A   8  1_555 -0.098 -0.018 -0.068 -0.885 -10.226 -0.580  6  A_5BU6:A21_B A 6  ? B 21 ? 20 1 
1 A G   7  1_555 B G   7  1_555 1.648  3.494  0.231  -8.253 3.591   -87.454 7  A_G7:G20_B   A 7  ? B 20 ? 6  ? 
1 A A   8  1_555 B 5BU 6  1_555 -0.011 0.007  0.081  5.849  -0.143  -1.942  8  A_A8:5BU19_B A 8  ? B 19 ? 20 1 
1 A A   9  1_555 B U   5  1_555 -0.037 -0.065 -0.046 8.189  -13.151 5.220   9  A_A9:U18_B   A 9  ? B 18 ? 20 1 
1 A A   10 1_555 B U   4  1_555 -0.176 -0.128 -0.233 -1.842 -8.565  5.340   10 A_A10:U17_B  A 10 ? B 17 ? 20 1 
1 A C   11 1_555 B G   3  1_555 0.317  -0.198 -0.004 -0.558 -8.091  -1.651  11 A_C11:G16_B  A 11 ? B 16 ? 19 1 
1 A G   12 1_555 B C   2  1_555 -0.122 -0.099 0.009  -3.088 -7.086  0.641   12 A_G12:C15_B  A 12 ? B 15 ? 19 1 
1 A C   13 1_555 B G   1  1_555 0.226  -0.084 0.007  1.570  -3.313  1.022   13 A_C13:G14_B  A 13 ? B 14 ? 19 1 
# 
loop_
_ndb_struct_na_base_pair_step.model_number 
_ndb_struct_na_base_pair_step.i_label_asym_id_1 
_ndb_struct_na_base_pair_step.i_label_comp_id_1 
_ndb_struct_na_base_pair_step.i_label_seq_id_1 
_ndb_struct_na_base_pair_step.i_symmetry_1 
_ndb_struct_na_base_pair_step.j_label_asym_id_1 
_ndb_struct_na_base_pair_step.j_label_comp_id_1 
_ndb_struct_na_base_pair_step.j_label_seq_id_1 
_ndb_struct_na_base_pair_step.j_symmetry_1 
_ndb_struct_na_base_pair_step.i_label_asym_id_2 
_ndb_struct_na_base_pair_step.i_label_comp_id_2 
_ndb_struct_na_base_pair_step.i_label_seq_id_2 
_ndb_struct_na_base_pair_step.i_symmetry_2 
_ndb_struct_na_base_pair_step.j_label_asym_id_2 
_ndb_struct_na_base_pair_step.j_label_comp_id_2 
_ndb_struct_na_base_pair_step.j_label_seq_id_2 
_ndb_struct_na_base_pair_step.j_symmetry_2 
_ndb_struct_na_base_pair_step.shift 
_ndb_struct_na_base_pair_step.slide 
_ndb_struct_na_base_pair_step.rise 
_ndb_struct_na_base_pair_step.tilt 
_ndb_struct_na_base_pair_step.roll 
_ndb_struct_na_base_pair_step.twist 
_ndb_struct_na_base_pair_step.x_displacement 
_ndb_struct_na_base_pair_step.y_displacement 
_ndb_struct_na_base_pair_step.helical_rise 
_ndb_struct_na_base_pair_step.inclination 
_ndb_struct_na_base_pair_step.tip 
_ndb_struct_na_base_pair_step.helical_twist 
_ndb_struct_na_base_pair_step.step_number 
_ndb_struct_na_base_pair_step.step_name 
_ndb_struct_na_base_pair_step.i_auth_asym_id_1 
_ndb_struct_na_base_pair_step.i_auth_seq_id_1 
_ndb_struct_na_base_pair_step.i_PDB_ins_code_1 
_ndb_struct_na_base_pair_step.j_auth_asym_id_1 
_ndb_struct_na_base_pair_step.j_auth_seq_id_1 
_ndb_struct_na_base_pair_step.j_PDB_ins_code_1 
_ndb_struct_na_base_pair_step.i_auth_asym_id_2 
_ndb_struct_na_base_pair_step.i_auth_seq_id_2 
_ndb_struct_na_base_pair_step.i_PDB_ins_code_2 
_ndb_struct_na_base_pair_step.j_auth_asym_id_2 
_ndb_struct_na_base_pair_step.j_auth_seq_id_2 
_ndb_struct_na_base_pair_step.j_PDB_ins_code_2 
1 A G   1  1_555 B C   13 1_555 A C   2  1_555 B G   12 1_555 -0.481 -1.534 3.192 -0.923 0.253  34.621  -2.614 0.669  3.192 0.425  
1.550  34.634  1  AA_G1C2:G25C26_BB   A 1  ? B 26 ? A 2  ? B 25 ? 
1 A C   2  1_555 B G   12 1_555 A G   3  1_555 B C   11 1_555 -0.230 -1.762 3.343 0.880  13.252 29.892  -5.235 0.549  2.363 24.241 
-1.610 32.648  2  AA_C2G3:C24G25_BB   A 2  ? B 25 ? A 3  ? B 24 ? 
1 A G   3  1_555 B C   11 1_555 A U   4  1_555 B A   10 1_555 0.772  -1.733 3.268 1.080  4.652  30.304  -4.160 -1.255 3.000 8.829  
-2.050 30.669  3  AA_G3U4:A23C24_BB   A 3  ? B 24 ? A 4  ? B 23 ? 
1 A U   4  1_555 B A   10 1_555 A U   5  1_555 B A   9  1_555 0.877  -1.694 3.141 0.236  5.757  28.838  -4.464 -1.683 2.765 11.416 
-0.469 29.396  4  AA_U4U5:A22A23_BB   A 4  ? B 23 ? A 5  ? B 22 ? 
1 A U   5  1_555 B A   9  1_555 A 5BU 6  1_555 B A   8  1_555 -0.910 -2.058 3.400 -0.569 7.960  31.718  -4.989 1.523  2.829 14.283 
1.020  32.682  5  AA_U55BU6:A21A22_BB A 5  ? B 22 ? A 6  ? B 21 ? 
1 A 5BU 6  1_555 B A   8  1_555 A G   7  1_555 B G   7  1_555 0.905  -3.379 3.026 6.073  6.925  80.228  -2.772 -0.557 2.828 5.357  
-4.698 80.666  6  AA_5BU6G7:G20A21_BB A 6  ? B 21 ? A 7  ? B 20 ? 
1 A G   7  1_555 B G   7  1_555 A A   8  1_555 B 5BU 6  1_555 -1.258 0.577  3.043 1.478  3.007  -23.551 -2.321 -2.599 3.019 -7.319 
3.598  -23.785 7  AA_G7A8:5BU19G20_BB A 7  ? B 20 ? A 8  ? B 19 ? 
1 A A   8  1_555 B 5BU 6  1_555 A A   9  1_555 B U   5  1_555 0.858  -1.766 3.280 -0.160 4.853  31.144  -4.122 -1.609 2.974 8.970  
0.296  31.511  8  AA_A8A9:U185BU19_BB A 8  ? B 19 ? A 9  ? B 18 ? 
1 A A   9  1_555 B U   5  1_555 A A   10 1_555 B U   4  1_555 -0.816 -1.910 3.442 -2.949 11.796 31.773  -5.090 0.942  2.648 20.626 
5.157  33.964  9  AA_A9A10:U17U18_BB  A 9  ? B 18 ? A 10 ? B 17 ? 
1 A A   10 1_555 B U   4  1_555 A C   11 1_555 B G   3  1_555 -0.605 -1.949 3.260 -1.536 5.221  30.527  -4.604 0.851  2.921 9.818  
2.888  30.997  10 AA_A10C11:G16U17_BB A 10 ? B 17 ? A 11 ? B 16 ? 
1 A C   11 1_555 B G   3  1_555 A G   12 1_555 B C   2  1_555 0.759  -1.936 3.213 1.931  8.034  29.044  -5.211 -1.099 2.639 15.624 
-3.755 30.172  11 AA_C11G12:C15G16_BB A 11 ? B 16 ? A 12 ? B 15 ? 
1 A G   12 1_555 B C   2  1_555 A C   13 1_555 B G   1  1_555 0.308  -2.049 3.248 1.114  -1.417 33.161  -3.345 -0.351 3.338 -2.481 
-1.951 33.209  12 AA_G12C13:G14C15_BB A 12 ? B 15 ? A 13 ? B 14 ? 
# 
_atom_sites.entry_id                    2R20 
_atom_sites.fract_transf_matrix[1][1]   -0.00699974 
_atom_sites.fract_transf_matrix[1][2]   0.03192071 
_atom_sites.fract_transf_matrix[1][3]   0.02688212 
_atom_sites.fract_transf_matrix[2][1]   -0.01570175 
_atom_sites.fract_transf_matrix[2][2]   0.02905710 
_atom_sites.fract_transf_matrix[2][3]   -0.02325618 
_atom_sites.fract_transf_matrix[3][1]   -0.03423304 
_atom_sites.fract_transf_matrix[3][2]   -0.00078316 
_atom_sites.fract_transf_matrix[3][3]   0.00907445 
_atom_sites.fract_transf_vector[1]      -0.189645 
_atom_sites.fract_transf_vector[2]      -0.048124 
_atom_sites.fract_transf_vector[3]      0.068381 
# 
loop_
_atom_type.symbol 
BR 
C  
MG 
N  
NA 
O  
P  
# 
loop_
_atom_site.group_PDB 
_atom_site.id 
_atom_site.type_symbol 
_atom_site.label_atom_id 
_atom_site.label_alt_id 
_atom_site.label_comp_id 
_atom_site.label_asym_id 
_atom_site.label_entity_id 
_atom_site.label_seq_id 
_atom_site.pdbx_PDB_ins_code 
_atom_site.Cartn_x 
_atom_site.Cartn_y 
_atom_site.Cartn_z 
_atom_site.occupancy 
_atom_site.B_iso_or_equiv 
_atom_site.pdbx_formal_charge 
_atom_site.auth_seq_id 
_atom_site.auth_comp_id 
_atom_site.auth_asym_id 
_atom_site.auth_atom_id 
_atom_site.pdbx_PDB_model_num 
ATOM   1   O  "O5'" . G   A 1 1  ? -14.070 6.021   -2.456  1.00 18.89 ? 1   G   A "O5'" 1 
ATOM   2   C  "C5'" . G   A 1 1  ? -14.556 5.824   -3.787  1.00 15.80 ? 1   G   A "C5'" 1 
ATOM   3   C  "C4'" . G   A 1 1  ? -14.368 7.057   -4.636  1.00 12.81 ? 1   G   A "C4'" 1 
ATOM   4   O  "O4'" . G   A 1 1  ? -14.993 8.188   -3.972  1.00 11.35 ? 1   G   A "O4'" 1 
ATOM   5   C  "C3'" . G   A 1 1  ? -12.925 7.487   -4.854  1.00 13.46 ? 1   G   A "C3'" 1 
ATOM   6   O  "O3'" . G   A 1 1  ? -12.365 6.800   -5.971  1.00 14.42 ? 1   G   A "O3'" 1 
ATOM   7   C  "C2'" . G   A 1 1  ? -13.078 8.978   -5.121  1.00 12.64 ? 1   G   A "C2'" 1 
ATOM   8   O  "O2'" . G   A 1 1  ? -13.526 9.251   -6.432  1.00 12.48 ? 1   G   A "O2'" 1 
ATOM   9   C  "C1'" . G   A 1 1  ? -14.190 9.344   -4.138  1.00 11.11 ? 1   G   A "C1'" 1 
ATOM   10  N  N9    . G   A 1 1  ? -13.709 9.752   -2.823  1.00 9.97  ? 1   G   A N9    1 
ATOM   11  C  C8    . G   A 1 1  ? -13.915 9.103   -1.628  1.00 10.25 ? 1   G   A C8    1 
ATOM   12  N  N7    . G   A 1 1  ? -13.386 9.726   -0.609  1.00 10.42 ? 1   G   A N7    1 
ATOM   13  C  C5    . G   A 1 1  ? -12.791 10.850  -1.164  1.00 10.32 ? 1   G   A C5    1 
ATOM   14  C  C6    . G   A 1 1  ? -12.072 11.909  -0.549  1.00 9.72  ? 1   G   A C6    1 
ATOM   15  O  O6    . G   A 1 1  ? -11.821 12.076  0.651   1.00 12.18 ? 1   G   A O6    1 
ATOM   16  N  N1    . G   A 1 1  ? -11.635 12.840  -1.484  1.00 9.68  ? 1   G   A N1    1 
ATOM   17  C  C2    . G   A 1 1  ? -11.865 12.770  -2.835  1.00 9.39  ? 1   G   A C2    1 
ATOM   18  N  N2    . G   A 1 1  ? -11.357 13.765  -3.575  1.00 10.58 ? 1   G   A N2    1 
ATOM   19  N  N3    . G   A 1 1  ? -12.542 11.795  -3.420  1.00 10.50 ? 1   G   A N3    1 
ATOM   20  C  C4    . G   A 1 1  ? -12.971 10.876  -2.530  1.00 10.27 ? 1   G   A C4    1 
ATOM   21  P  P     . C   A 1 2  ? -10.788 6.490   -6.011  1.00 14.88 ? 2   C   A P     1 
ATOM   22  O  OP1   . C   A 1 2  ? -10.553 5.608   -7.186  1.00 17.08 ? 2   C   A OP1   1 
ATOM   23  O  OP2   . C   A 1 2  ? -10.359 6.044   -4.665  1.00 16.33 ? 2   C   A OP2   1 
ATOM   24  O  "O5'" . C   A 1 2  ? -10.117 7.903   -6.304  1.00 13.96 ? 2   C   A "O5'" 1 
ATOM   25  C  "C5'" . C   A 1 2  ? -10.302 8.553   -7.553  1.00 12.20 ? 2   C   A "C5'" 1 
ATOM   26  C  "C4'" . C   A 1 2  ? -9.625  9.898   -7.540  1.00 12.45 ? 2   C   A "C4'" 1 
ATOM   27  O  "O4'" . C   A 1 2  ? -10.260 10.746  -6.542  1.00 12.94 ? 2   C   A "O4'" 1 
ATOM   28  C  "C3'" . C   A 1 2  ? -8.171  9.879   -7.107  1.00 12.49 ? 2   C   A "C3'" 1 
ATOM   29  O  "O3'" . C   A 1 2  ? -7.313  9.524   -8.178  1.00 10.88 ? 2   C   A "O3'" 1 
ATOM   30  C  "C2'" . C   A 1 2  ? -7.968  11.318  -6.666  1.00 12.07 ? 2   C   A "C2'" 1 
ATOM   31  O  "O2'" . C   A 1 2  ? -7.860  12.202  -7.766  1.00 12.26 ? 2   C   A "O2'" 1 
ATOM   32  C  "C1'" . C   A 1 2  ? -9.284  11.576  -5.933  1.00 12.19 ? 2   C   A "C1'" 1 
ATOM   33  N  N1    . C   A 1 2  ? -9.208  11.226  -4.506  1.00 11.53 ? 2   C   A N1    1 
ATOM   34  C  C2    . C   A 1 2  ? -8.635  12.143  -3.627  1.00 10.73 ? 2   C   A C2    1 
ATOM   35  O  O2    . C   A 1 2  ? -8.189  13.203  -4.084  1.00 12.16 ? 2   C   A O2    1 
ATOM   36  N  N3    . C   A 1 2  ? -8.578  11.848  -2.307  1.00 11.77 ? 2   C   A N3    1 
ATOM   37  C  C4    . C   A 1 2  ? -9.063  10.686  -1.861  1.00 11.44 ? 2   C   A C4    1 
ATOM   38  N  N4    . C   A 1 2  ? -9.005  10.444  -0.545  1.00 12.20 ? 2   C   A N4    1 
ATOM   39  C  C5    . C   A 1 2  ? -9.635  9.723   -2.741  1.00 11.31 ? 2   C   A C5    1 
ATOM   40  C  C6    . C   A 1 2  ? -9.689  10.034  -4.043  1.00 10.84 ? 2   C   A C6    1 
ATOM   41  P  P     . G   A 1 3  ? -5.966  8.707   -7.870  1.00 10.57 ? 3   G   A P     1 
ATOM   42  O  OP1   . G   A 1 3  ? -5.387  8.366   -9.195  1.00 10.77 ? 3   G   A OP1   1 
ATOM   43  O  OP2   . G   A 1 3  ? -6.246  7.629   -6.896  1.00 10.83 ? 3   G   A OP2   1 
ATOM   44  O  "O5'" . G   A 1 3  ? -5.023  9.770   -7.154  1.00 10.43 ? 3   G   A "O5'" 1 
ATOM   45  C  "C5'" . G   A 1 3  ? -4.502  10.868  -7.885  1.00 9.59  ? 3   G   A "C5'" 1 
ATOM   46  C  "C4'" . G   A 1 3  ? -3.714  11.782  -6.980  1.00 9.31  ? 3   G   A "C4'" 1 
ATOM   47  O  "O4'" . G   A 1 3  ? -4.602  12.408  -6.011  1.00 9.53  ? 3   G   A "O4'" 1 
ATOM   48  C  "C3'" . G   A 1 3  ? -2.663  11.141  -6.091  1.00 8.77  ? 3   G   A "C3'" 1 
ATOM   49  O  "O3'" . G   A 1 3  ? -1.481  10.784  -6.794  1.00 8.71  ? 3   G   A "O3'" 1 
ATOM   50  C  "C2'" . G   A 1 3  ? -2.426  12.267  -5.095  1.00 9.47  ? 3   G   A "C2'" 1 
ATOM   51  O  "O2'" . G   A 1 3  ? -1.703  13.342  -5.666  1.00 11.03 ? 3   G   A "O2'" 1 
ATOM   52  C  "C1'" . G   A 1 3  ? -3.863  12.718  -4.835  1.00 9.81  ? 3   G   A "C1'" 1 
ATOM   53  N  N9    . G   A 1 3  ? -4.436  11.982  -3.714  1.00 9.51  ? 3   G   A N9    1 
ATOM   54  C  C8    . G   A 1 3  ? -5.248  10.873  -3.764  1.00 9.78  ? 3   G   A C8    1 
ATOM   55  N  N7    . G   A 1 3  ? -5.559  10.413  -2.580  1.00 9.97  ? 3   G   A N7    1 
ATOM   56  C  C5    . G   A 1 3  ? -4.922  11.278  -1.698  1.00 9.30  ? 3   G   A C5    1 
ATOM   57  C  C6    . G   A 1 3  ? -4.882  11.280  -0.279  1.00 8.93  ? 3   G   A C6    1 
ATOM   58  O  O6    . G   A 1 3  ? -5.418  10.496  0.507   1.00 10.44 ? 3   G   A O6    1 
ATOM   59  N  N1    . G   A 1 3  ? -4.111  12.329  0.209   1.00 9.14  ? 3   G   A N1    1 
ATOM   60  C  C2    . G   A 1 3  ? -3.461  13.261  -0.561  1.00 9.09  ? 3   G   A C2    1 
ATOM   61  N  N2    . G   A 1 3  ? -2.758  14.199  0.103   1.00 9.13  ? 3   G   A N2    1 
ATOM   62  N  N3    . G   A 1 3  ? -3.492  13.270  -1.884  1.00 8.98  ? 3   G   A N3    1 
ATOM   63  C  C4    . G   A 1 3  ? -4.234  12.255  -2.380  1.00 9.50  ? 3   G   A C4    1 
ATOM   64  P  P     . U   A 1 4  ? -0.617  9.518   -6.297  1.00 8.58  ? 4   U   A P     1 
ATOM   65  O  OP1   . U   A 1 4  ? 0.497   9.368   -7.266  1.00 10.72 ? 4   U   A OP1   1 
ATOM   66  O  OP2   . U   A 1 4  ? -1.521  8.373   -6.035  1.00 10.34 ? 4   U   A OP2   1 
ATOM   67  O  "O5'" . U   A 1 4  ? -0.011  9.995   -4.905  1.00 9.23  ? 4   U   A "O5'" 1 
ATOM   68  C  "C5'" . U   A 1 4  ? 0.942   11.046  -4.873  1.00 9.21  ? 4   U   A "C5'" 1 
ATOM   69  C  "C4'" . U   A 1 4  ? 1.274   11.420  -3.452  1.00 9.31  ? 4   U   A "C4'" 1 
ATOM   70  O  "O4'" . U   A 1 4  ? 0.072   11.863  -2.767  1.00 8.81  ? 4   U   A "O4'" 1 
ATOM   71  C  "C3'" . U   A 1 4  ? 1.787   10.321  -2.538  1.00 8.69  ? 4   U   A "C3'" 1 
ATOM   72  O  "O3'" . U   A 1 4  ? 3.156   10.019  -2.771  1.00 9.19  ? 4   U   A "O3'" 1 
ATOM   73  C  "C2'" . U   A 1 4  ? 1.588   10.978  -1.183  1.00 8.68  ? 4   U   A "C2'" 1 
ATOM   74  O  "O2'" . U   A 1 4  ? 2.536   12.003  -0.970  1.00 8.82  ? 4   U   A "O2'" 1 
ATOM   75  C  "C1'" . U   A 1 4  ? 0.206   11.603  -1.376  1.00 9.68  ? 4   U   A "C1'" 1 
ATOM   76  N  N1    . U   A 1 4  ? -0.836  10.654  -0.961  1.00 8.70  ? 4   U   A N1    1 
ATOM   77  C  C2    . U   A 1 4  ? -1.087  10.559  0.393   1.00 9.26  ? 4   U   A C2    1 
ATOM   78  O  O2    . U   A 1 4  ? -0.520  11.251  1.215   1.00 9.94  ? 4   U   A O2    1 
ATOM   79  N  N3    . U   A 1 4  ? -2.021  9.620   0.749   1.00 8.27  ? 4   U   A N3    1 
ATOM   80  C  C4    . U   A 1 4  ? -2.719  8.786   -0.093  1.00 8.76  ? 4   U   A C4    1 
ATOM   81  O  O4    . U   A 1 4  ? -3.484  7.945   0.386   1.00 9.62  ? 4   U   A O4    1 
ATOM   82  C  C5    . U   A 1 4  ? -2.427  8.961   -1.485  1.00 7.62  ? 4   U   A C5    1 
ATOM   83  C  C6    . U   A 1 4  ? -1.520  9.870   -1.863  1.00 8.71  ? 4   U   A C6    1 
ATOM   84  P  P     . U   A 1 5  ? 3.709   8.543   -2.448  1.00 10.29 ? 5   U   A P     1 
ATOM   85  O  OP1   . U   A 1 5  ? 5.057   8.438   -3.061  1.00 13.00 ? 5   U   A OP1   1 
ATOM   86  O  OP2   . U   A 1 5  ? 2.661   7.551   -2.794  1.00 12.77 ? 5   U   A OP2   1 
ATOM   87  O  "O5'" . U   A 1 5  ? 3.872   8.528   -0.866  1.00 10.28 ? 5   U   A "O5'" 1 
ATOM   88  C  "C5'" . U   A 1 5  ? 4.684   9.490   -0.213  1.00 11.36 ? 5   U   A "C5'" 1 
ATOM   89  C  "C4'" . U   A 1 5  ? 4.357   9.532   1.259   1.00 10.17 ? 5   U   A "C4'" 1 
ATOM   90  O  "O4'" . U   A 1 5  ? 2.937   9.805   1.429   1.00 9.57  ? 5   U   A "O4'" 1 
ATOM   91  C  "C3'" . U   A 1 5  ? 4.563   8.240   2.032   1.00 10.58 ? 5   U   A "C3'" 1 
ATOM   92  O  "O3'" . U   A 1 5  ? 5.931   8.099   2.402   1.00 11.15 ? 5   U   A "O3'" 1 
ATOM   93  C  "C2'" . U   A 1 5  ? 3.665   8.463   3.242   1.00 9.90  ? 5   U   A "C2'" 1 
ATOM   94  O  "O2'" . U   A 1 5  ? 4.242   9.343   4.185   1.00 10.91 ? 5   U   A "O2'" 1 
ATOM   95  C  "C1'" . U   A 1 5  ? 2.461   9.148   2.593   1.00 9.66  ? 5   U   A "C1'" 1 
ATOM   96  N  N1    . U   A 1 5  ? 1.397   8.208   2.208   1.00 8.19  ? 5   U   A N1    1 
ATOM   97  C  C2    . U   A 1 5  ? 0.609   7.704   3.226   1.00 7.87  ? 5   U   A C2    1 
ATOM   98  O  O2    . U   A 1 5  ? 0.773   8.009   4.392   1.00 9.55  ? 5   U   A O2    1 
ATOM   99  N  N3    . U   A 1 5  ? -0.376  6.833   2.824   1.00 8.05  ? 5   U   A N3    1 
ATOM   100 C  C4    . U   A 1 5  ? -0.650  6.425   1.534   1.00 8.42  ? 5   U   A C4    1 
ATOM   101 O  O4    . U   A 1 5  ? -1.593  5.655   1.328   1.00 9.35  ? 5   U   A O4    1 
ATOM   102 C  C5    . U   A 1 5  ? 0.211   6.988   0.538   1.00 8.69  ? 5   U   A C5    1 
ATOM   103 C  C6    . U   A 1 5  ? 1.182   7.839   0.899   1.00 9.49  ? 5   U   A C6    1 
HETATM 104 P  P     . 5BU A 1 6  ? 6.507   6.652   2.805   1.00 12.46 ? 6   5BU A P     1 
HETATM 105 O  OP1   . 5BU A 1 6  ? 7.969   6.821   3.001   1.00 13.53 ? 6   5BU A OP1   1 
HETATM 106 O  OP2   . 5BU A 1 6  ? 6.009   5.632   1.850   1.00 13.10 ? 6   5BU A OP2   1 
HETATM 107 O  "O5'" . 5BU A 1 6  ? 5.845   6.361   4.220   1.00 11.38 ? 6   5BU A "O5'" 1 
HETATM 108 C  "C5'" . 5BU A 1 6  ? 6.278   7.065   5.373   1.00 12.02 ? 6   5BU A "C5'" 1 
HETATM 109 C  "C4'" . 5BU A 1 6  ? 5.646   6.467   6.597   1.00 11.34 ? 6   5BU A "C4'" 1 
HETATM 110 O  "O4'" . 5BU A 1 6  ? 4.207   6.649   6.516   1.00 10.68 ? 6   5BU A "O4'" 1 
HETATM 111 C  "C3'" . 5BU A 1 6  ? 5.803   4.962   6.729   1.00 10.91 ? 6   5BU A "C3'" 1 
HETATM 112 O  "O3'" . 5BU A 1 6  ? 7.069   4.597   7.265   1.00 11.48 ? 6   5BU A "O3'" 1 
HETATM 113 C  "C2'" . 5BU A 1 6  ? 4.654   4.626   7.661   1.00 11.66 ? 6   5BU A "C2'" 1 
HETATM 114 O  "O2'" . 5BU A 1 6  ? 4.955   5.011   8.993   1.00 11.57 ? 6   5BU A "O2'" 1 
HETATM 115 C  "C1'" . 5BU A 1 6  ? 3.558   5.530   7.093   1.00 11.76 ? 6   5BU A "C1'" 1 
HETATM 116 N  N1    . 5BU A 1 6  ? 2.715   4.883   6.074   1.00 11.02 ? 6   5BU A N1    1 
HETATM 117 C  C2    . 5BU A 1 6  ? 1.685   4.095   6.546   1.00 10.64 ? 6   5BU A C2    1 
HETATM 118 O  O2    . 5BU A 1 6  ? 1.491   3.906   7.746   1.00 11.50 ? 6   5BU A O2    1 
HETATM 119 N  N3    . 5BU A 1 6  ? 0.893   3.527   5.582   1.00 10.58 ? 6   5BU A N3    1 
HETATM 120 C  C4    . 5BU A 1 6  ? 1.019   3.642   4.208   1.00 11.14 ? 6   5BU A C4    1 
HETATM 121 O  O4    . 5BU A 1 6  ? 0.187   3.090   3.489   1.00 11.27 ? 6   5BU A O4    1 
HETATM 122 C  C5    . 5BU A 1 6  ? 2.122   4.454   3.762   1.00 9.91  ? 6   5BU A C5    1 
HETATM 123 C  C6    . 5BU A 1 6  ? 2.919   5.043   4.697   1.00 11.44 ? 6   5BU A C6    1 
HETATM 124 BR BR    . 5BU A 1 6  ? 2.445   4.599   2.142   1.00 20.02 ? 6   5BU A BR    1 
ATOM   125 P  P     . G   A 1 7  ? 7.755   3.223   6.796   1.00 12.21 ? 7   G   A P     1 
ATOM   126 O  OP1   . G   A 1 7  ? 9.077   3.155   7.469   1.00 13.69 ? 7   G   A OP1   1 
ATOM   127 O  OP2   . G   A 1 7  ? 7.676   3.137   5.316   1.00 12.39 ? 7   G   A OP2   1 
ATOM   128 O  "O5'" . G   A 1 7  ? 6.797   2.105   7.405   1.00 12.04 ? 7   G   A "O5'" 1 
ATOM   129 C  "C5'" . G   A 1 7  ? 6.751   1.879   8.808   1.00 11.70 ? 7   G   A "C5'" 1 
ATOM   130 C  "C4'" . G   A 1 7  ? 5.657   0.896   9.151   1.00 10.61 ? 7   G   A "C4'" 1 
ATOM   131 O  "O4'" . G   A 1 7  ? 4.355   1.465   8.826   1.00 9.98  ? 7   G   A "O4'" 1 
ATOM   132 C  "C3'" . G   A 1 7  ? 5.636   -0.407  8.375   1.00 11.09 ? 7   G   A "C3'" 1 
ATOM   133 O  "O3'" . G   A 1 7  ? 6.632   -1.338  8.773   1.00 11.99 ? 7   G   A "O3'" 1 
ATOM   134 C  "C2'" . G   A 1 7  ? 4.226   -0.892  8.670   1.00 10.68 ? 7   G   A "C2'" 1 
ATOM   135 O  "O2'" . G   A 1 7  ? 4.070   -1.375  9.988   1.00 12.04 ? 7   G   A "O2'" 1 
ATOM   136 C  "C1'" . G   A 1 7  ? 3.446   0.412   8.512   1.00 10.92 ? 7   G   A "C1'" 1 
ATOM   137 N  N9    . G   A 1 7  ? 3.011   0.546   7.126   1.00 10.60 ? 7   G   A N9    1 
ATOM   138 C  C8    . G   A 1 7  ? 3.613   1.263   6.118   1.00 11.01 ? 7   G   A C8    1 
ATOM   139 N  N7    . G   A 1 7  ? 3.017   1.118   4.963   1.00 10.83 ? 7   G   A N7    1 
ATOM   140 C  C5    . G   A 1 7  ? 1.949   0.270   5.229   1.00 9.51  ? 7   G   A C5    1 
ATOM   141 C  C6    . G   A 1 7  ? 0.953   -0.260  4.363   1.00 9.68  ? 7   G   A C6    1 
ATOM   142 O  O6    . G   A 1 7  ? 0.817   -0.085  3.147   1.00 10.34 ? 7   G   A O6    1 
ATOM   143 N  N1    . G   A 1 7  ? 0.058   -1.077  5.051   1.00 10.10 ? 7   G   A N1    1 
ATOM   144 C  C2    . G   A 1 7  ? 0.115   -1.356  6.395   1.00 9.26  ? 7   G   A C2    1 
ATOM   145 N  N2    . G   A 1 7  ? -0.841  -2.167  6.872   1.00 10.33 ? 7   G   A N2    1 
ATOM   146 N  N3    . G   A 1 7  ? 1.042   -0.875  7.209   1.00 9.60  ? 7   G   A N3    1 
ATOM   147 C  C4    . G   A 1 7  ? 1.921   -0.077  6.563   1.00 9.63  ? 7   G   A C4    1 
ATOM   148 P  P     . A   A 1 8  ? 7.090   -2.480  7.739   1.00 12.82 ? 8   A   A P     1 
ATOM   149 O  OP1   . A   A 1 8  ? 8.433   -2.961  8.149   1.00 15.28 ? 8   A   A OP1   1 
ATOM   150 O  OP2   . A   A 1 8  ? 6.886   -1.961  6.362   1.00 15.30 ? 8   A   A OP2   1 
ATOM   151 O  "O5'" . A   A 1 8  ? 6.030   -3.648  7.977   1.00 11.89 ? 8   A   A "O5'" 1 
ATOM   152 C  "C5'" . A   A 1 8  ? 5.868   -4.219  9.268   1.00 11.41 ? 8   A   A "C5'" 1 
ATOM   153 C  "C4'" . A   A 1 8  ? 4.597   -5.035  9.336   1.00 9.62  ? 8   A   A "C4'" 1 
ATOM   154 O  "O4'" . A   A 1 8  ? 3.456   -4.186  9.031   1.00 9.35  ? 8   A   A "O4'" 1 
ATOM   155 C  "C3'" . A   A 1 8  ? 4.449   -6.182  8.352   1.00 9.19  ? 8   A   A "C3'" 1 
ATOM   156 O  "O3'" . A   A 1 8  ? 5.152   -7.331  8.808   1.00 9.45  ? 8   A   A "O3'" 1 
ATOM   157 C  "C2'" . A   A 1 8  ? 2.945   -6.400  8.401   1.00 8.35  ? 8   A   A "C2'" 1 
ATOM   158 O  "O2'" . A   A 1 8  ? 2.561   -7.018  9.616   1.00 9.92  ? 8   A   A "O2'" 1 
ATOM   159 C  "C1'" . A   A 1 8  ? 2.447   -4.955  8.386   1.00 9.11  ? 8   A   A "C1'" 1 
ATOM   160 N  N9    . A   A 1 8  ? 2.296   -4.454  7.018   1.00 7.99  ? 8   A   A N9    1 
ATOM   161 C  C8    . A   A 1 8  ? 3.159   -3.624  6.346   1.00 9.24  ? 8   A   A C8    1 
ATOM   162 N  N7    . A   A 1 8  ? 2.787   -3.354  5.120   1.00 9.29  ? 8   A   A N7    1 
ATOM   163 C  C5    . A   A 1 8  ? 1.594   -4.047  4.970   1.00 8.74  ? 8   A   A C5    1 
ATOM   164 C  C6    . A   A 1 8  ? 0.699   -4.165  3.888   1.00 8.30  ? 8   A   A C6    1 
ATOM   165 N  N6    . A   A 1 8  ? 0.883   -3.570  2.705   1.00 8.19  ? 8   A   A N6    1 
ATOM   166 N  N1    . A   A 1 8  ? -0.403  -4.927  4.065   1.00 8.83  ? 8   A   A N1    1 
ATOM   167 C  C2    . A   A 1 8  ? -0.582  -5.525  5.251   1.00 8.50  ? 8   A   A C2    1 
ATOM   168 N  N3    . A   A 1 8  ? 0.189   -5.493  6.342   1.00 8.08  ? 8   A   A N3    1 
ATOM   169 C  C4    . A   A 1 8  ? 1.274   -4.726  6.134   1.00 8.06  ? 8   A   A C4    1 
ATOM   170 P  P     . A   A 1 9  ? 5.719   -8.394  7.746   1.00 10.36 ? 9   A   A P     1 
ATOM   171 O  OP1   . A   A 1 9  ? 6.508   -9.381  8.526   1.00 11.93 ? 9   A   A OP1   1 
ATOM   172 O  OP2   . A   A 1 9  ? 6.354   -7.681  6.613   1.00 12.36 ? 9   A   A OP2   1 
ATOM   173 O  "O5'" . A   A 1 9  ? 4.414   -9.118  7.197   1.00 10.32 ? 9   A   A "O5'" 1 
ATOM   174 C  "C5'" . A   A 1 9  ? 3.534   -9.797  8.083   1.00 10.10 ? 9   A   A "C5'" 1 
ATOM   175 C  "C4'" . A   A 1 9  ? 2.251   -10.142 7.372   1.00 10.11 ? 9   A   A "C4'" 1 
ATOM   176 O  "O4'" . A   A 1 9  ? 1.596   -8.915  6.951   1.00 10.01 ? 9   A   A "O4'" 1 
ATOM   177 C  "C3'" . A   A 1 9  ? 2.409   -10.920 6.078   1.00 10.29 ? 9   A   A "C3'" 1 
ATOM   178 O  "O3'" . A   A 1 9  ? 2.587   -12.308 6.331   1.00 9.37  ? 9   A   A "O3'" 1 
ATOM   179 C  "C2'" . A   A 1 9  ? 1.088   -10.616 5.386   1.00 9.70  ? 9   A   A "C2'" 1 
ATOM   180 O  "O2'" . A   A 1 9  ? 0.008   -11.337 5.944   1.00 11.51 ? 9   A   A "O2'" 1 
ATOM   181 C  "C1'" . A   A 1 9  ? 0.930   -9.131  5.715   1.00 9.17  ? 9   A   A "C1'" 1 
ATOM   182 N  N9    . A   A 1 9  ? 1.555   -8.280  4.702   1.00 7.54  ? 9   A   A N9    1 
ATOM   183 C  C8    . A   A 1 9  ? 2.747   -7.600  4.767   1.00 8.40  ? 9   A   A C8    1 
ATOM   184 N  N7    . A   A 1 9  ? 3.032   -6.923  3.678   1.00 8.16  ? 9   A   A N7    1 
ATOM   185 C  C5    . A   A 1 9  ? 1.952   -7.173  2.841   1.00 8.45  ? 9   A   A C5    1 
ATOM   186 C  C6    . A   A 1 9  ? 1.643   -6.743  1.537   1.00 8.82  ? 9   A   A C6    1 
ATOM   187 N  N6    . A   A 1 9  ? 2.414   -5.921  0.822   1.00 9.90  ? 9   A   A N6    1 
ATOM   188 N  N1    . A   A 1 9  ? 0.495   -7.189  0.985   1.00 8.52  ? 9   A   A N1    1 
ATOM   189 C  C2    . A   A 1 9  ? -0.291  -8.000  1.705   1.00 9.79  ? 9   A   A C2    1 
ATOM   190 N  N3    . A   A 1 9  ? -0.116  -8.464  2.941   1.00 8.87  ? 9   A   A N3    1 
ATOM   191 C  C4    . A   A 1 9  ? 1.038   -8.010  3.458   1.00 8.25  ? 9   A   A C4    1 
ATOM   192 P  P     . A   A 1 10 ? 3.352   -13.220 5.249   1.00 10.54 ? 10  A   A P     1 
ATOM   193 O  OP1   . A   A 1 10 ? 3.611   -14.535 5.890   1.00 12.04 ? 10  A   A OP1   1 
ATOM   194 O  OP2   . A   A 1 10 ? 4.483   -12.445 4.690   1.00 11.18 ? 10  A   A OP2   1 
ATOM   195 O  "O5'" . A   A 1 10 ? 2.282   -13.421 4.093   1.00 9.65  ? 10  A   A "O5'" 1 
ATOM   196 C  "C5'" . A   A 1 10 ? 1.123   -14.210 4.306   1.00 11.03 ? 10  A   A "C5'" 1 
ATOM   197 C  "C4'" . A   A 1 10 ? 0.375   -14.376 3.011   1.00 10.38 ? 10  A   A "C4'" 1 
ATOM   198 O  "O4'" . A   A 1 10 ? -0.179  -13.096 2.604   1.00 11.35 ? 10  A   A "O4'" 1 
ATOM   199 C  "C3'" . A   A 1 10 ? 1.231   -14.784 1.825   1.00 10.55 ? 10  A   A "C3'" 1 
ATOM   200 O  "O3'" . A   A 1 10 ? 1.470   -16.182 1.807   1.00 10.63 ? 10  A   A "O3'" 1 
ATOM   201 C  "C2'" . A   A 1 10 ? 0.361   -14.329 0.669   1.00 11.35 ? 10  A   A "C2'" 1 
ATOM   202 O  "O2'" . A   A 1 10 ? -0.765  -15.169 0.511   1.00 11.74 ? 10  A   A "O2'" 1 
ATOM   203 C  "C1'" . A   A 1 10 ? -0.104  -12.971 1.191   1.00 11.31 ? 10  A   A "C1'" 1 
ATOM   204 N  N9    . A   A 1 10 ? 0.832   -11.890 0.881   1.00 10.42 ? 10  A   A N9    1 
ATOM   205 C  C8    . A   A 1 10 ? 1.747   -11.303 1.724   1.00 11.01 ? 10  A   A C8    1 
ATOM   206 N  N7    . A   A 1 10 ? 2.439   -10.340 1.167   1.00 9.76  ? 10  A   A N7    1 
ATOM   207 C  C5    . A   A 1 10 ? 1.951   -10.287 -0.131  1.00 9.52  ? 10  A   A C5    1 
ATOM   208 C  C6    . A   A 1 10 ? 2.269   -9.464  -1.228  1.00 9.82  ? 10  A   A C6    1 
ATOM   209 N  N6    . A   A 1 10 ? 3.180   -8.487  -1.184  1.00 10.07 ? 10  A   A N6    1 
ATOM   210 N  N1    . A   A 1 10 ? 1.607   -9.680  -2.384  1.00 9.44  ? 10  A   A N1    1 
ATOM   211 C  C2    . A   A 1 10 ? 0.684   -10.647 -2.423  1.00 9.42  ? 10  A   A C2    1 
ATOM   212 N  N3    . A   A 1 10 ? 0.288   -11.476 -1.460  1.00 9.65  ? 10  A   A N3    1 
ATOM   213 C  C4    . A   A 1 10 ? 0.967   -11.241 -0.324  1.00 9.33  ? 10  A   A C4    1 
ATOM   214 P  P     . C   A 1 11 ? 2.828   -16.744 1.164   1.00 11.08 ? 11  C   A P     1 
ATOM   215 O  OP1   . C   A 1 11 ? 2.859   -18.194 1.484   1.00 13.02 ? 11  C   A OP1   1 
ATOM   216 O  OP2   . C   A 1 11 ? 3.961   -15.877 1.565   1.00 12.64 ? 11  C   A OP2   1 
ATOM   217 O  "O5'" . C   A 1 11 ? 2.614   -16.548 -0.402  1.00 10.79 ? 11  C   A "O5'" 1 
ATOM   218 C  "C5'" . C   A 1 11 ? 1.591   -17.253 -1.085  1.00 10.71 ? 11  C   A "C5'" 1 
ATOM   219 C  "C4'" . C   A 1 11 ? 1.514   -16.802 -2.523  1.00 9.32  ? 11  C   A "C4'" 1 
ATOM   220 O  "O4'" . C   A 1 11 ? 1.146   -15.393 -2.576  1.00 10.58 ? 11  C   A "O4'" 1 
ATOM   221 C  "C3'" . C   A 1 11 ? 2.809   -16.831 -3.314  1.00 9.56  ? 11  C   A "C3'" 1 
ATOM   222 O  "O3'" . C   A 1 11 ? 3.185   -18.144 -3.720  1.00 9.04  ? 11  C   A "O3'" 1 
ATOM   223 C  "C2'" . C   A 1 11 ? 2.447   -15.920 -4.480  1.00 8.94  ? 11  C   A "C2'" 1 
ATOM   224 O  "O2'" . C   A 1 11 ? 1.550   -16.517 -5.391  1.00 10.10 ? 11  C   A "O2'" 1 
ATOM   225 C  "C1'" . C   A 1 11 ? 1.702   -14.805 -3.746  1.00 9.70  ? 11  C   A "C1'" 1 
ATOM   226 N  N1    . C   A 1 11 ? 2.625   -13.732 -3.353  1.00 9.80  ? 11  C   A N1    1 
ATOM   227 C  C2    . C   A 1 11 ? 3.023   -12.809 -4.324  1.00 9.78  ? 11  C   A C2    1 
ATOM   228 O  O2    . C   A 1 11 ? 2.553   -12.909 -5.470  1.00 10.62 ? 11  C   A O2    1 
ATOM   229 N  N3    . C   A 1 11 ? 3.902   -11.838 -3.993  1.00 10.87 ? 11  C   A N3    1 
ATOM   230 C  C4    . C   A 1 11 ? 4.379   -11.764 -2.747  1.00 9.20  ? 11  C   A C4    1 
ATOM   231 N  N4    . C   A 1 11 ? 5.260   -10.798 -2.468  1.00 11.52 ? 11  C   A N4    1 
ATOM   232 C  C5    . C   A 1 11 ? 3.977   -12.682 -1.731  1.00 9.71  ? 11  C   A C5    1 
ATOM   233 C  C6    . C   A 1 11 ? 3.105   -13.640 -2.075  1.00 9.10  ? 11  C   A C6    1 
ATOM   234 P  P     . G   A 1 12 ? 4.746   -18.521 -3.836  1.00 9.70  ? 12  G   A P     1 
ATOM   235 O  OP1   . G   A 1 12 ? 4.814   -19.978 -4.126  1.00 10.25 ? 12  G   A OP1   1 
ATOM   236 O  OP2   . G   A 1 12 ? 5.461   -17.976 -2.654  1.00 10.68 ? 12  G   A OP2   1 
ATOM   237 O  "O5'" . G   A 1 12 ? 5.239   -17.729 -5.127  1.00 9.86  ? 12  G   A "O5'" 1 
ATOM   238 C  "C5'" . G   A 1 12 ? 4.750   -18.090 -6.411  1.00 9.71  ? 12  G   A "C5'" 1 
ATOM   239 C  "C4'" . G   A 1 12 ? 5.127   -17.051 -7.435  1.00 9.81  ? 12  G   A "C4'" 1 
ATOM   240 O  "O4'" . G   A 1 12 ? 4.621   -15.755 -7.011  1.00 9.03  ? 12  G   A "O4'" 1 
ATOM   241 C  "C3'" . G   A 1 12 ? 6.607   -16.777 -7.646  1.00 10.21 ? 12  G   A "C3'" 1 
ATOM   242 O  "O3'" . G   A 1 12 ? 7.203   -17.765 -8.475  1.00 10.97 ? 12  G   A "O3'" 1 
ATOM   243 C  "C2'" . G   A 1 12 ? 6.537   -15.438 -8.356  1.00 9.34  ? 12  G   A "C2'" 1 
ATOM   244 O  "O2'" . G   A 1 12 ? 6.076   -15.596 -9.681  1.00 10.17 ? 12  G   A "O2'" 1 
ATOM   245 C  "C1'" . G   A 1 12 ? 5.464   -14.736 -7.527  1.00 9.07  ? 12  G   A "C1'" 1 
ATOM   246 N  N9    . G   A 1 12 ? 6.074   -14.003 -6.422  1.00 8.38  ? 12  G   A N9    1 
ATOM   247 C  C8    . G   A 1 12 ? 6.088   -14.316 -5.082  1.00 9.40  ? 12  G   A C8    1 
ATOM   248 N  N7    . G   A 1 12 ? 6.762   -13.454 -4.365  1.00 8.65  ? 12  G   A N7    1 
ATOM   249 C  C5    . G   A 1 12 ? 7.209   -12.516 -5.287  1.00 9.30  ? 12  G   A C5    1 
ATOM   250 C  C6    . G   A 1 12 ? 7.997   -11.342 -5.112  1.00 8.88  ? 12  G   A C6    1 
ATOM   251 O  O6    . G   A 1 12 ? 8.477   -10.881 -4.073  1.00 10.66 ? 12  G   A O6    1 
ATOM   252 N  N1    . G   A 1 12 ? 8.217   -10.689 -6.323  1.00 7.68  ? 12  G   A N1    1 
ATOM   253 C  C2    . G   A 1 12 ? 7.745   -11.107 -7.542  1.00 8.12  ? 12  G   A C2    1 
ATOM   254 N  N2    . G   A 1 12 ? 8.068   -10.348 -8.599  1.00 9.33  ? 12  G   A N2    1 
ATOM   255 N  N3    . G   A 1 12 ? 7.013   -12.190 -7.716  1.00 8.33  ? 12  G   A N3    1 
ATOM   256 C  C4    . G   A 1 12 ? 6.787   -12.841 -6.557  1.00 8.42  ? 12  G   A C4    1 
ATOM   257 P  P     . C   A 1 13 ? 8.780   -18.063 -8.351  1.00 12.47 ? 13  C   A P     1 
ATOM   258 O  OP1   . C   A 1 13 ? 9.052   -19.281 -9.157  1.00 14.88 ? 13  C   A OP1   1 
ATOM   259 O  OP2   . C   A 1 13 ? 9.171   -18.026 -6.921  1.00 14.32 ? 13  C   A OP2   1 
ATOM   260 O  "O5'" . C   A 1 13 ? 9.482   -16.830 -9.074  1.00 10.90 ? 13  C   A "O5'" 1 
ATOM   261 C  "C5'" . C   A 1 13 ? 9.214   -16.533 -10.439 1.00 11.09 ? 13  C   A "C5'" 1 
ATOM   262 C  "C4'" . C   A 1 13 ? 9.848   -15.217 -10.825 1.00 11.05 ? 13  C   A "C4'" 1 
ATOM   263 O  "O4'" . C   A 1 13 ? 9.298   -14.155 -10.000 1.00 11.45 ? 13  C   A "O4'" 1 
ATOM   264 C  "C3'" . C   A 1 13 ? 11.344  -15.102 -10.590 1.00 12.12 ? 13  C   A "C3'" 1 
ATOM   265 O  "O3'" . C   A 1 13 ? 12.139  -15.780 -11.563 1.00 13.57 ? 13  C   A "O3'" 1 
ATOM   266 C  "C2'" . C   A 1 13 ? 11.536  -13.594 -10.561 1.00 11.72 ? 13  C   A "C2'" 1 
ATOM   267 O  "O2'" . C   A 1 13 ? 11.519  -13.027 -11.856 1.00 13.64 ? 13  C   A "O2'" 1 
ATOM   268 C  "C1'" . C   A 1 13 ? 10.285  -13.153 -9.797  1.00 10.82 ? 13  C   A "C1'" 1 
ATOM   269 N  N1    . C   A 1 13 ? 10.532  -13.017 -8.352  1.00 10.66 ? 13  C   A N1    1 
ATOM   270 C  C2    . C   A 1 13 ? 11.195  -11.876 -7.897  1.00 10.62 ? 13  C   A C2    1 
ATOM   271 O  O2    . C   A 1 13 ? 11.536  -11.015 -8.721  1.00 11.04 ? 13  C   A O2    1 
ATOM   272 N  N3    . C   A 1 13 ? 11.450  -11.740 -6.577  1.00 11.12 ? 13  C   A N3    1 
ATOM   273 C  C4    . C   A 1 13 ? 11.071  -12.691 -5.723  1.00 10.39 ? 13  C   A C4    1 
ATOM   274 N  N4    . C   A 1 13 ? 11.354  -12.518 -4.433  1.00 11.52 ? 13  C   A N4    1 
ATOM   275 C  C5    . C   A 1 13 ? 10.384  -13.861 -6.157  1.00 9.98  ? 13  C   A C5    1 
ATOM   276 C  C6    . C   A 1 13 ? 10.135  -13.981 -7.468  1.00 10.41 ? 13  C   A C6    1 
ATOM   277 O  "O5'" . G   B 1 1  ? 14.871  -3.346  -2.001  1.00 18.44 ? 14  G   B "O5'" 1 
ATOM   278 C  "C5'" . G   B 1 1  ? 15.552  -2.435  -2.868  1.00 16.19 ? 14  G   B "C5'" 1 
ATOM   279 C  "C4'" . G   B 1 1  ? 15.568  -2.899  -4.304  1.00 14.61 ? 14  G   B "C4'" 1 
ATOM   280 O  "O4'" . G   B 1 1  ? 16.225  -4.193  -4.388  1.00 13.00 ? 14  G   B "O4'" 1 
ATOM   281 C  "C3'" . G   B 1 1  ? 14.200  -3.130  -4.925  1.00 13.49 ? 14  G   B "C3'" 1 
ATOM   282 O  "O3'" . G   B 1 1  ? 13.660  -1.921  -5.434  1.00 14.45 ? 14  G   B "O3'" 1 
ATOM   283 C  "C2'" . G   B 1 1  ? 14.529  -4.113  -6.037  1.00 12.76 ? 14  G   B "C2'" 1 
ATOM   284 O  "O2'" . G   B 1 1  ? 15.145  -3.486  -7.143  1.00 13.92 ? 14  G   B "O2'" 1 
ATOM   285 C  "C1'" . G   B 1 1  ? 15.555  -5.005  -5.340  1.00 12.17 ? 14  G   B "C1'" 1 
ATOM   286 N  N9    . G   B 1 1  ? 14.941  -6.124  -4.632  1.00 11.26 ? 14  G   B N9    1 
ATOM   287 C  C8    . G   B 1 1  ? 14.933  -6.345  -3.277  1.00 12.05 ? 14  G   B C8    1 
ATOM   288 N  N7    . G   B 1 1  ? 14.306  -7.437  -2.938  1.00 12.18 ? 14  G   B N7    1 
ATOM   289 C  C5    . G   B 1 1  ? 13.875  -7.973  -4.144  1.00 10.71 ? 14  G   B C5    1 
ATOM   290 C  C6    . G   B 1 1  ? 13.146  -9.162  -4.414  1.00 11.64 ? 14  G   B C6    1 
ATOM   291 O  O6    . G   B 1 1  ? 12.734  -10.010 -3.616  1.00 12.23 ? 14  G   B O6    1 
ATOM   292 N  N1    . G   B 1 1  ? 12.915  -9.321  -5.776  1.00 10.91 ? 14  G   B N1    1 
ATOM   293 C  C2    . G   B 1 1  ? 13.334  -8.453  -6.756  1.00 10.64 ? 14  G   B C2    1 
ATOM   294 N  N2    . G   B 1 1  ? 13.013  -8.779  -8.016  1.00 10.96 ? 14  G   B N2    1 
ATOM   295 N  N3    . G   B 1 1  ? 14.019  -7.347  -6.517  1.00 10.56 ? 14  G   B N3    1 
ATOM   296 C  C4    . G   B 1 1  ? 14.252  -7.171  -5.199  1.00 10.92 ? 14  G   B C4    1 
ATOM   297 P  P     . C   B 1 2  ? 12.068  -1.706  -5.449  1.00 14.91 ? 15  C   B P     1 
ATOM   298 O  OP1   . C   B 1 2  ? 11.835  -0.290  -5.837  1.00 17.16 ? 15  C   B OP1   1 
ATOM   299 O  OP2   . C   B 1 2  ? 11.509  -2.219  -4.177  1.00 16.42 ? 15  C   B OP2   1 
ATOM   300 O  "O5'" . C   B 1 2  ? 11.562  -2.638  -6.635  1.00 15.13 ? 15  C   B "O5'" 1 
ATOM   301 C  "C5'" . C   B 1 2  ? 11.921  -2.363  -7.982  1.00 13.53 ? 15  C   B "C5'" 1 
ATOM   302 C  "C4'" . C   B 1 2  ? 11.376  -3.433  -8.891  1.00 12.63 ? 15  C   B "C4'" 1 
ATOM   303 O  "O4'" . C   B 1 2  ? 11.960  -4.712  -8.514  1.00 12.41 ? 15  C   B "O4'" 1 
ATOM   304 C  "C3'" . C   B 1 2  ? 9.881   -3.691  -8.788  1.00 13.12 ? 15  C   B "C3'" 1 
ATOM   305 O  "O3'" . C   B 1 2  ? 9.114   -2.759  -9.539  1.00 13.29 ? 15  C   B "O3'" 1 
ATOM   306 C  "C2'" . C   B 1 2  ? 9.782   -5.098  -9.358  1.00 13.41 ? 15  C   B "C2'" 1 
ATOM   307 O  "O2'" . C   B 1 2  ? 9.902   -5.126  -10.766 1.00 14.34 ? 15  C   B "O2'" 1 
ATOM   308 C  "C1'" . C   B 1 2  ? 11.013  -5.749  -8.729  1.00 12.57 ? 15  C   B "C1'" 1 
ATOM   309 N  N1    . C   B 1 2  ? 10.693  -6.376  -7.435  1.00 11.14 ? 15  C   B N1    1 
ATOM   310 C  C2    . C   B 1 2  ? 10.014  -7.599  -7.440  1.00 10.26 ? 15  C   B C2    1 
ATOM   311 O  O2    . C   B 1 2  ? 9.699   -8.101  -8.528  1.00 11.31 ? 15  C   B O2    1 
ATOM   312 N  N3    . C   B 1 2  ? 9.717   -8.199  -6.263  1.00 9.77  ? 15  C   B N3    1 
ATOM   313 C  C4    . C   B 1 2  ? 10.072  -7.621  -5.114  1.00 10.57 ? 15  C   B C4    1 
ATOM   314 N  N4    . C   B 1 2  ? 9.774   -8.254  -3.977  1.00 10.66 ? 15  C   B N4    1 
ATOM   315 C  C5    . C   B 1 2  ? 10.753  -6.368  -5.077  1.00 9.67  ? 15  C   B C5    1 
ATOM   316 C  C6    . C   B 1 2  ? 11.043  -5.787  -6.252  1.00 10.75 ? 15  C   B C6    1 
ATOM   317 P  P     . G   B 1 3  ? 7.577   -2.497  -9.144  1.00 13.18 ? 16  G   B P     1 
ATOM   318 O  OP1   . G   B 1 3  ? 7.131   -1.323  -9.941  1.00 15.65 ? 16  G   B OP1   1 
ATOM   319 O  OP2   . G   B 1 3  ? 7.452   -2.466  -7.667  1.00 14.02 ? 16  G   B OP2   1 
ATOM   320 O  "O5'" . G   B 1 3  ? 6.817   -3.789  -9.685  1.00 12.98 ? 16  G   B "O5'" 1 
ATOM   321 C  "C5'" . G   B 1 3  ? 6.707   -4.034  -11.081 1.00 11.94 ? 16  G   B "C5'" 1 
ATOM   322 C  "C4'" . G   B 1 3  ? 5.911   -5.291  -11.334 1.00 10.76 ? 16  G   B "C4'" 1 
ATOM   323 O  "O4'" . G   B 1 3  ? 6.641   -6.445  -10.828 1.00 11.89 ? 16  G   B "O4'" 1 
ATOM   324 C  "C3'" . G   B 1 3  ? 4.572   -5.392  -10.622 1.00 11.67 ? 16  G   B "C3'" 1 
ATOM   325 O  "O3'" . G   B 1 3  ? 3.555   -4.632  -11.262 1.00 11.85 ? 16  G   B "O3'" 1 
ATOM   326 C  "C2'" . G   B 1 3  ? 4.328   -6.892  -10.686 1.00 10.89 ? 16  G   B "C2'" 1 
ATOM   327 O  "O2'" . G   B 1 3  ? 3.988   -7.331  -11.986 1.00 12.79 ? 16  G   B "O2'" 1 
ATOM   328 C  "C1'" . G   B 1 3  ? 5.722   -7.415  -10.341 1.00 12.22 ? 16  G   B "C1'" 1 
ATOM   329 N  N9    . G   B 1 3  ? 5.905   -7.533  -8.899  1.00 10.79 ? 16  G   B N9    1 
ATOM   330 C  C8    . G   B 1 3  ? 6.597   -6.675  -8.080  1.00 10.71 ? 16  G   B C8    1 
ATOM   331 N  N7    . G   B 1 3  ? 6.581   -7.038  -6.825  1.00 10.95 ? 16  G   B N7    1 
ATOM   332 C  C5    . G   B 1 3  ? 5.834   -8.209  -6.815  1.00 9.71  ? 16  G   B C5    1 
ATOM   333 C  C6    . G   B 1 3  ? 5.472   -9.060  -5.738  1.00 10.09 ? 16  G   B C6    1 
ATOM   334 O  O6    . G   B 1 3  ? 5.758   -8.951  -4.541  1.00 9.65  ? 16  G   B O6    1 
ATOM   335 N  N1    . G   B 1 3  ? 4.694   -10.129 -6.169  1.00 9.38  ? 16  G   B N1    1 
ATOM   336 C  C2    . G   B 1 3  ? 4.315   -10.357 -7.470  1.00 9.77  ? 16  G   B C2    1 
ATOM   337 N  N2    . G   B 1 3  ? 3.551   -11.440 -7.685  1.00 11.11 ? 16  G   B N2    1 
ATOM   338 N  N3    . G   B 1 3  ? 4.656   -9.577  -8.485  1.00 10.03 ? 16  G   B N3    1 
ATOM   339 C  C4    . G   B 1 3  ? 5.407   -8.528  -8.086  1.00 10.15 ? 16  G   B C4    1 
ATOM   340 P  P     . U   B 1 4  ? 2.382   -3.979  -10.374 1.00 11.71 ? 17  U   B P     1 
ATOM   341 O  OP1   . U   B 1 4  ? 1.492   -3.230  -11.300 1.00 13.74 ? 17  U   B OP1   1 
ATOM   342 O  OP2   . U   B 1 4  ? 2.985   -3.280  -9.218  1.00 12.44 ? 17  U   B OP2   1 
ATOM   343 O  "O5'" . U   B 1 4  ? 1.589   -5.237  -9.809  1.00 9.82  ? 17  U   B "O5'" 1 
ATOM   344 C  "C5'" . U   B 1 4  ? 0.881   -6.100  -10.687 1.00 9.70  ? 17  U   B "C5'" 1 
ATOM   345 C  "C4'" . U   B 1 4  ? 0.256   -7.231  -9.911  1.00 9.54  ? 17  U   B "C4'" 1 
ATOM   346 O  "O4'" . U   B 1 4  ? 1.300   -8.052  -9.320  1.00 10.22 ? 17  U   B "O4'" 1 
ATOM   347 C  "C3'" . U   B 1 4  ? -0.578  -6.840  -8.705  1.00 9.74  ? 17  U   B "C3'" 1 
ATOM   348 O  "O3'" . U   B 1 4  ? -1.865  -6.359  -9.060  1.00 9.56  ? 17  U   B "O3'" 1 
ATOM   349 C  "C2'" . U   B 1 4  ? -0.635  -8.163  -7.961  1.00 10.06 ? 17  U   B "C2'" 1 
ATOM   350 O  "O2'" . U   B 1 4  ? -1.523  -9.081  -8.572  1.00 10.62 ? 17  U   B "O2'" 1 
ATOM   351 C  "C1'" . U   B 1 4  ? 0.811   -8.633  -8.117  1.00 10.50 ? 17  U   B "C1'" 1 
ATOM   352 N  N1    . U   B 1 4  ? 1.609   -8.139  -6.988  1.00 10.26 ? 17  U   B N1    1 
ATOM   353 C  C2    . U   B 1 4  ? 1.521   -8.852  -5.817  1.00 9.56  ? 17  U   B C2    1 
ATOM   354 O  O2    . U   B 1 4  ? 0.863   -9.871  -5.725  1.00 10.84 ? 17  U   B O2    1 
ATOM   355 N  N3    . U   B 1 4  ? 2.224   -8.328  -4.761  1.00 9.93  ? 17  U   B N3    1 
ATOM   356 C  C4    . U   B 1 4  ? 2.992   -7.180  -4.765  1.00 9.74  ? 17  U   B C4    1 
ATOM   357 O  O4    . U   B 1 4  ? 3.506   -6.789  -3.714  1.00 11.37 ? 17  U   B O4    1 
ATOM   358 C  C5    . U   B 1 4  ? 3.056   -6.510  -6.029  1.00 9.83  ? 17  U   B C5    1 
ATOM   359 C  C6    . U   B 1 4  ? 2.382   -7.004  -7.074  1.00 9.43  ? 17  U   B C6    1 
ATOM   360 P  P     . U   B 1 5  ? -2.576  -5.249  -8.140  1.00 9.73  ? 18  U   B P     1 
ATOM   361 O  OP1   . U   B 1 5  ? -3.739  -4.761  -8.926  1.00 10.33 ? 18  U   B OP1   1 
ATOM   362 O  OP2   . U   B 1 5  ? -1.572  -4.276  -7.645  1.00 10.86 ? 18  U   B OP2   1 
ATOM   363 O  "O5'" . U   B 1 5  ? -3.112  -6.072  -6.886  1.00 9.67  ? 18  U   B "O5'" 1 
ATOM   364 C  "C5'" . U   B 1 5  ? -3.957  -7.203  -7.064  1.00 9.54  ? 18  U   B "C5'" 1 
ATOM   365 C  "C4'" . U   B 1 5  ? -4.042  -7.995  -5.783  1.00 8.89  ? 18  U   B "C4'" 1 
ATOM   366 O  "O4'" . U   B 1 5  ? -2.704  -8.405  -5.387  1.00 9.34  ? 18  U   B "O4'" 1 
ATOM   367 C  "C3'" . U   B 1 5  ? -4.553  -7.250  -4.559  1.00 8.88  ? 18  U   B "C3'" 1 
ATOM   368 O  "O3'" . U   B 1 5  ? -5.977  -7.190  -4.545  1.00 8.91  ? 18  U   B "O3'" 1 
ATOM   369 C  "C2'" . U   B 1 5  ? -4.019  -8.121  -3.431  1.00 9.50  ? 18  U   B "C2'" 1 
ATOM   370 O  "O2'" . U   B 1 5  ? -4.795  -9.291  -3.263  1.00 9.98  ? 18  U   B "O2'" 1 
ATOM   371 C  "C1'" . U   B 1 5  ? -2.637  -8.491  -3.974  1.00 9.05  ? 18  U   B "C1'" 1 
ATOM   372 N  N1    . U   B 1 5  ? -1.574  -7.597  -3.489  1.00 8.27  ? 18  U   B N1    1 
ATOM   373 C  C2    . U   B 1 5  ? -1.171  -7.756  -2.179  1.00 8.87  ? 18  U   B C2    1 
ATOM   374 O  O2    . U   B 1 5  ? -1.652  -8.595  -1.443  1.00 9.61  ? 18  U   B O2    1 
ATOM   375 N  N3    . U   B 1 5  ? -0.185  -6.896  -1.763  1.00 8.22  ? 18  U   B N3    1 
ATOM   376 C  C4    . U   B 1 5  ? 0.428   -5.914  -2.507  1.00 8.47  ? 18  U   B C4    1 
ATOM   377 O  O4    . U   B 1 5  ? 1.310   -5.222  -1.988  1.00 9.45  ? 18  U   B O4    1 
ATOM   378 C  C5    . U   B 1 5  ? -0.039  -5.810  -3.857  1.00 8.07  ? 18  U   B C5    1 
ATOM   379 C  C6    . U   B 1 5  ? -1.001  -6.637  -4.291  1.00 8.97  ? 18  U   B C6    1 
HETATM 380 P  P     . 5BU B 1 6  ? -6.717  -6.069  -3.660  1.00 9.46  ? 19  5BU B P     1 
HETATM 381 O  OP1   . 5BU B 1 6  ? -8.162  -6.156  -3.987  1.00 10.84 ? 19  5BU B OP1   1 
HETATM 382 O  OP2   . 5BU B 1 6  ? -6.014  -4.775  -3.803  1.00 10.64 ? 19  5BU B OP2   1 
HETATM 383 O  "O5'" . 5BU B 1 6  ? -6.502  -6.580  -2.172  1.00 9.21  ? 19  5BU B "O5'" 1 
HETATM 384 C  "C5'" . 5BU B 1 6  ? -7.175  -7.740  -1.711  1.00 10.00 ? 19  5BU B "C5'" 1 
HETATM 385 C  "C4'" . 5BU B 1 6  ? -7.010  -7.871  -0.224  1.00 9.81  ? 19  5BU B "C4'" 1 
HETATM 386 O  "O4'" . 5BU B 1 6  ? -5.616  -8.145  0.087   1.00 8.67  ? 19  5BU B "O4'" 1 
HETATM 387 C  "C3'" . 5BU B 1 6  ? -7.316  -6.616  0.574   1.00 10.20 ? 19  5BU B "C3'" 1 
HETATM 388 O  "O3'" . 5BU B 1 6  ? -8.723  -6.470  0.743   1.00 10.91 ? 19  5BU B "O3'" 1 
HETATM 389 C  "C2'" . 5BU B 1 6  ? -6.568  -6.909  1.865   1.00 9.91  ? 19  5BU B "C2'" 1 
HETATM 390 O  "O2'" . 5BU B 1 6  ? -7.245  -7.894  2.624   1.00 10.87 ? 19  5BU B "O2'" 1 
HETATM 391 C  "C1'" . 5BU B 1 6  ? -5.274  -7.518  1.314   1.00 9.86  ? 19  5BU B "C1'" 1 
HETATM 392 N  N1    . 5BU B 1 6  ? -4.182  -6.559  1.067   1.00 9.45  ? 19  5BU B N1    1 
HETATM 393 C  C2    . 5BU B 1 6  ? -3.340  -6.272  2.133   1.00 10.13 ? 19  5BU B C2    1 
HETATM 394 O  O2    . 5BU B 1 6  ? -3.505  -6.738  3.256   1.00 10.14 ? 19  5BU B O2    1 
HETATM 395 N  N3    . 5BU B 1 6  ? -2.307  -5.415  1.844   1.00 9.49  ? 19  5BU B N3    1 
HETATM 396 C  C4    . 5BU B 1 6  ? -2.032  -4.804  0.628   1.00 11.42 ? 19  5BU B C4    1 
HETATM 397 O  O4    . 5BU B 1 6  ? -1.039  -4.084  0.534   1.00 10.75 ? 19  5BU B O4    1 
HETATM 398 C  C5    . 5BU B 1 6  ? -2.961  -5.117  -0.433  1.00 10.54 ? 19  5BU B C5    1 
HETATM 399 C  C6    . 5BU B 1 6  ? -3.981  -5.969  -0.178  1.00 11.34 ? 19  5BU B C6    1 
HETATM 400 BR BR    . 5BU B 1 6  ? -2.803  -4.411  -1.920  1.00 19.70 ? 19  5BU B BR    1 
ATOM   401 P  P     . G   B 1 7  ? -9.322  -5.076  1.274   1.00 12.79 ? 20  G   B P     1 
ATOM   402 O  OP1   . G   B 1 7  ? -10.788 -5.100  1.028   1.00 15.44 ? 20  G   B OP1   1 
ATOM   403 O  OP2   . G   B 1 7  ? -8.510  -3.951  0.755   1.00 14.02 ? 20  G   B OP2   1 
ATOM   404 O  "O5'" . G   B 1 7  ? -9.098  -5.201  2.837   1.00 14.73 ? 20  G   B "O5'" 1 
ATOM   405 C  "C5'" . G   B 1 7  ? -8.789  -4.079  3.627   1.00 15.78 ? 20  G   B "C5'" 1 
ATOM   406 C  "C4'" . G   B 1 7  ? -8.285  -4.546  4.955   1.00 15.91 ? 20  G   B "C4'" 1 
ATOM   407 O  "O4'" . G   B 1 7  ? -7.036  -5.261  4.765   1.00 15.15 ? 20  G   B "O4'" 1 
ATOM   408 C  "C3'" . G   B 1 7  ? -7.931  -3.455  5.935   1.00 16.44 ? 20  G   B "C3'" 1 
ATOM   409 O  "O3'" . G   B 1 7  ? -9.111  -2.994  6.569   1.00 16.88 ? 20  G   B "O3'" 1 
ATOM   410 C  "C2'" . G   B 1 7  ? -7.001  -4.202  6.878   1.00 15.65 ? 20  G   B "C2'" 1 
ATOM   411 O  "O2'" . G   B 1 7  ? -7.710  -5.054  7.755   1.00 17.08 ? 20  G   B "O2'" 1 
ATOM   412 C  "C1'" . G   B 1 7  ? -6.190  -5.033  5.879   1.00 14.26 ? 20  G   B "C1'" 1 
ATOM   413 N  N9    . G   B 1 7  ? -5.018  -4.285  5.433   1.00 12.74 ? 20  G   B N9    1 
ATOM   414 C  C8    . G   B 1 7  ? -3.929  -3.975  6.208   1.00 11.35 ? 20  G   B C8    1 
ATOM   415 N  N7    . G   B 1 7  ? -3.039  -3.257  5.581   1.00 10.58 ? 20  G   B N7    1 
ATOM   416 C  C5    . G   B 1 7  ? -3.564  -3.089  4.309   1.00 9.80  ? 20  G   B C5    1 
ATOM   417 C  C6    . G   B 1 7  ? -3.048  -2.385  3.200   1.00 9.88  ? 20  G   B C6    1 
ATOM   418 O  O6    . G   B 1 7  ? -1.994  -1.742  3.122   1.00 10.36 ? 20  G   B O6    1 
ATOM   419 N  N1    . G   B 1 7  ? -3.894  -2.469  2.099   1.00 9.65  ? 20  G   B N1    1 
ATOM   420 C  C2    . G   B 1 7  ? -5.091  -3.143  2.074   1.00 10.11 ? 20  G   B C2    1 
ATOM   421 N  N2    . G   B 1 7  ? -5.764  -3.115  0.908   1.00 11.96 ? 20  G   B N2    1 
ATOM   422 N  N3    . G   B 1 7  ? -5.592  -3.799  3.111   1.00 10.72 ? 20  G   B N3    1 
ATOM   423 C  C4    . G   B 1 7  ? -4.780  -3.731  4.191   1.00 10.50 ? 20  G   B C4    1 
ATOM   424 P  P     . A   B 1 8  ? -9.285  -1.430  6.862   1.00 17.62 ? 21  A   B P     1 
ATOM   425 O  OP1   . A   B 1 8  ? -10.586 -1.257  7.557   1.00 19.53 ? 21  A   B OP1   1 
ATOM   426 O  OP2   . A   B 1 8  ? -9.007  -0.670  5.623   1.00 17.97 ? 21  A   B OP2   1 
ATOM   427 O  "O5'" . A   B 1 8  ? -8.110  -1.122  7.889   1.00 15.48 ? 21  A   B "O5'" 1 
ATOM   428 C  "C5'" . A   B 1 8  ? -8.046  -1.794  9.140   1.00 14.20 ? 21  A   B "C5'" 1 
ATOM   429 C  "C4'" . A   B 1 8  ? -6.790  -1.400  9.872   1.00 12.09 ? 21  A   B "C4'" 1 
ATOM   430 O  "O4'" . A   B 1 8  ? -5.632  -1.934  9.176   1.00 11.68 ? 21  A   B "O4'" 1 
ATOM   431 C  "C3'" . A   B 1 8  ? -6.517  0.091   9.920   1.00 11.57 ? 21  A   B "C3'" 1 
ATOM   432 O  "O3'" . A   B 1 8  ? -7.276  0.719   10.941  1.00 11.23 ? 21  A   B "O3'" 1 
ATOM   433 C  "C2'" . A   B 1 8  ? -5.022  0.111   10.199  1.00 11.19 ? 21  A   B "C2'" 1 
ATOM   434 O  "O2'" . A   B 1 8  ? -4.723  -0.212  11.543  1.00 11.65 ? 21  A   B "O2'" 1 
ATOM   435 C  "C1'" . A   B 1 8  ? -4.546  -1.026  9.294   1.00 10.65 ? 21  A   B "C1'" 1 
ATOM   436 N  N9    . A   B 1 8  ? -4.203  -0.550  7.956   1.00 9.92  ? 21  A   B N9    1 
ATOM   437 C  C8    . A   B 1 8  ? -4.884  -0.755  6.783   1.00 9.06  ? 21  A   B C8    1 
ATOM   438 N  N7    . A   B 1 8  ? -4.338  -0.171  5.745   1.00 9.76  ? 21  A   B N7    1 
ATOM   439 C  C5    . A   B 1 8  ? -3.216  0.457   6.268   1.00 9.65  ? 21  A   B C5    1 
ATOM   440 C  C6    . A   B 1 8  ? -2.215  1.248   5.681   1.00 8.91  ? 21  A   B C6    1 
ATOM   441 N  N6    . A   B 1 8  ? -2.179  1.550   4.381   1.00 10.05 ? 21  A   B N6    1 
ATOM   442 N  N1    . A   B 1 8  ? -1.240  1.725   6.485   1.00 10.97 ? 21  A   B N1    1 
ATOM   443 C  C2    . A   B 1 8  ? -1.273  1.414   7.787   1.00 10.02 ? 21  A   B C2    1 
ATOM   444 N  N3    . A   B 1 8  ? -2.156  0.676   8.453   1.00 9.76  ? 21  A   B N3    1 
ATOM   445 C  C4    . A   B 1 8  ? -3.116  0.225   7.626   1.00 9.53  ? 21  A   B C4    1 
ATOM   446 P  P     . A   B 1 9  ? -7.889  2.180   10.683  1.00 12.87 ? 22  A   B P     1 
ATOM   447 O  OP1   . A   B 1 9  ? -8.686  2.529   11.888  1.00 14.84 ? 22  A   B OP1   1 
ATOM   448 O  OP2   . A   B 1 9  ? -8.532  2.211   9.346   1.00 13.10 ? 22  A   B OP2   1 
ATOM   449 O  "O5'" . A   B 1 9  ? -6.605  3.116   10.628  1.00 11.56 ? 22  A   B "O5'" 1 
ATOM   450 C  "C5'" . A   B 1 9  ? -5.779  3.270   11.767  1.00 11.09 ? 22  A   B "C5'" 1 
ATOM   451 C  "C4'" . A   B 1 9  ? -4.615  4.163   11.442  1.00 10.95 ? 22  A   B "C4'" 1 
ATOM   452 O  "O4'" . A   B 1 9  ? -3.751  3.506   10.476  1.00 11.22 ? 22  A   B "O4'" 1 
ATOM   453 C  "C3'" . A   B 1 9  ? -4.954  5.468   10.749  1.00 10.65 ? 22  A   B "C3'" 1 
ATOM   454 O  "O3'" . A   B 1 9  ? -5.460  6.433   11.662  1.00 11.19 ? 22  A   B "O3'" 1 
ATOM   455 C  "C2'" . A   B 1 9  ? -3.596  5.852   10.180  1.00 11.14 ? 22  A   B "C2'" 1 
ATOM   456 O  "O2'" . A   B 1 9  ? -2.721  6.344   11.174  1.00 12.31 ? 22  A   B "O2'" 1 
ATOM   457 C  "C1'" . A   B 1 9  ? -3.093  4.491   9.692   1.00 10.33 ? 22  A   B "C1'" 1 
ATOM   458 N  N9    . A   B 1 9  ? -3.421  4.274   8.283   1.00 9.89  ? 22  A   B N9    1 
ATOM   459 C  C8    . A   B 1 9  ? -4.429  3.527   7.720   1.00 9.98  ? 22  A   B C8    1 
ATOM   460 N  N7    . A   B 1 9  ? -4.458  3.583   6.409   1.00 10.10 ? 22  A   B N7    1 
ATOM   461 C  C5    . A   B 1 9  ? -3.393  4.414   6.088   1.00 9.62  ? 22  A   B C5    1 
ATOM   462 C  C6    . A   B 1 9  ? -2.885  4.877   4.860   1.00 9.76  ? 22  A   B C6    1 
ATOM   463 N  N6    . A   B 1 9  ? -3.401  4.552   3.672   1.00 10.69 ? 22  A   B N6    1 
ATOM   464 N  N1    . A   B 1 9  ? -1.812  5.697   4.894   1.00 9.23  ? 22  A   B N1    1 
ATOM   465 C  C2    . A   B 1 9  ? -1.289  6.021   6.083   1.00 10.28 ? 22  A   B C2    1 
ATOM   466 N  N3    . A   B 1 9  ? -1.673  5.651   7.301   1.00 10.59 ? 22  A   B N3    1 
ATOM   467 C  C4    . A   B 1 9  ? -2.743  4.839   7.232   1.00 9.88  ? 22  A   B C4    1 
ATOM   468 P  P     . A   B 1 10 ? -6.388  7.626   11.119  1.00 11.10 ? 23  A   B P     1 
ATOM   469 O  OP1   . A   B 1 10 ? -7.083  8.201   12.302  1.00 12.07 ? 23  A   B OP1   1 
ATOM   470 O  OP2   . A   B 1 10 ? -7.185  7.141   9.962   1.00 12.70 ? 23  A   B OP2   1 
ATOM   471 O  "O5'" . A   B 1 10 ? -5.340  8.699   10.584  1.00 10.28 ? 23  A   B "O5'" 1 
ATOM   472 C  "C5'" . A   B 1 10 ? -4.466  9.357   11.493  1.00 9.93  ? 23  A   B "C5'" 1 
ATOM   473 C  "C4'" . A   B 1 10 ? -3.453  10.191  10.749  1.00 8.14  ? 23  A   B "C4'" 1 
ATOM   474 O  "O4'" . A   B 1 10 ? -2.663  9.337   9.877   1.00 9.07  ? 23  A   B "O4'" 1 
ATOM   475 C  "C3'" . A   B 1 10 ? -3.987  11.264  9.813   1.00 8.76  ? 23  A   B "C3'" 1 
ATOM   476 O  "O3'" . A   B 1 10 ? -4.326  12.444  10.534  1.00 8.95  ? 23  A   B "O3'" 1 
ATOM   477 C  "C2'" . A   B 1 10 ? -2.773  11.495  8.930   1.00 8.22  ? 23  A   B "C2'" 1 
ATOM   478 O  "O2'" . A   B 1 10 ? -1.770  12.178  9.657   1.00 8.46  ? 23  A   B "O2'" 1 
ATOM   479 C  "C1'" . A   B 1 10 ? -2.306  10.057  8.708   1.00 8.58  ? 23  A   B "C1'" 1 
ATOM   480 N  N9    . A   B 1 10 ? -2.952  9.412   7.565   1.00 8.11  ? 23  A   B N9    1 
ATOM   481 C  C8    . A   B 1 10 ? -4.002  8.528   7.600   1.00 9.65  ? 23  A   B C8    1 
ATOM   482 N  N7    . A   B 1 10 ? -4.363  8.087   6.419   1.00 9.02  ? 23  A   B N7    1 
ATOM   483 C  C5    . A   B 1 10 ? -3.494  8.727   5.545   1.00 8.41  ? 23  A   B C5    1 
ATOM   484 C  C6    . A   B 1 10 ? -3.356  8.677   4.147   1.00 7.95  ? 23  A   B C6    1 
ATOM   485 N  N6    . A   B 1 10 ? -4.115  7.912   3.356   1.00 8.61  ? 23  A   B N6    1 
ATOM   486 N  N1    . A   B 1 10 ? -2.399  9.444   3.585   1.00 7.36  ? 23  A   B N1    1 
ATOM   487 C  C2    . A   B 1 10 ? -1.633  10.202  4.379   1.00 8.02  ? 23  A   B C2    1 
ATOM   488 N  N3    . A   B 1 10 ? -1.662  10.329  5.708   1.00 7.28  ? 23  A   B N3    1 
ATOM   489 C  C4    . A   B 1 10 ? -2.626  9.554   6.236   1.00 8.48  ? 23  A   B C4    1 
ATOM   490 P  P     . C   B 1 11 ? -5.322  13.526  9.880   1.00 10.87 ? 24  C   B P     1 
ATOM   491 O  OP1   . C   B 1 11 ? -5.594  14.536  10.935  1.00 12.67 ? 24  C   B OP1   1 
ATOM   492 O  OP2   . C   B 1 11 ? -6.453  12.825  9.234   1.00 13.20 ? 24  C   B OP2   1 
ATOM   493 O  "O5'" . C   B 1 11 ? -4.464  14.213  8.728   1.00 10.62 ? 24  C   B "O5'" 1 
ATOM   494 C  "C5'" . C   B 1 11 ? -3.318  14.992  9.033   1.00 9.80  ? 24  C   B "C5'" 1 
ATOM   495 C  "C4'" . C   B 1 11 ? -2.659  15.462  7.761   1.00 9.54  ? 24  C   B "C4'" 1 
ATOM   496 O  "O4'" . C   B 1 11 ? -2.185  14.309  7.010   1.00 10.00 ? 24  C   B "O4'" 1 
ATOM   497 C  "C3'" . C   B 1 11 ? -3.565  16.166  6.765   1.00 10.85 ? 24  C   B "C3'" 1 
ATOM   498 O  "O3'" . C   B 1 11 ? -3.807  17.521  7.113   1.00 11.77 ? 24  C   B "O3'" 1 
ATOM   499 C  "C2'" . C   B 1 11 ? -2.762  16.020  5.483   1.00 9.71  ? 24  C   B "C2'" 1 
ATOM   500 O  "O2'" . C   B 1 11 ? -1.632  16.870  5.447   1.00 12.19 ? 24  C   B "O2'" 1 
ATOM   501 C  "C1'" . C   B 1 11 ? -2.289  14.574  5.617   1.00 10.48 ? 24  C   B "C1'" 1 
ATOM   502 N  N1    . C   B 1 11 ? -3.253  13.627  5.033   1.00 9.68  ? 24  C   B N1    1 
ATOM   503 C  C2    . C   B 1 11 ? -3.224  13.407  3.652   1.00 9.64  ? 24  C   B C2    1 
ATOM   504 O  O2    . C   B 1 11 ? -2.412  14.043  2.961   1.00 9.89  ? 24  C   B O2    1 
ATOM   505 N  N3    . C   B 1 11 ? -4.086  12.518  3.107   1.00 9.55  ? 24  C   B N3    1 
ATOM   506 C  C4    . C   B 1 11 ? -4.960  11.873  3.884   1.00 9.21  ? 24  C   B C4    1 
ATOM   507 N  N4    . C   B 1 11 ? -5.784  10.996  3.310   1.00 10.90 ? 24  C   B N4    1 
ATOM   508 C  C5    . C   B 1 11 ? -5.025  12.096  5.290   1.00 8.68  ? 24  C   B C5    1 
ATOM   509 C  C6    . C   B 1 11 ? -4.159  12.970  5.817   1.00 9.51  ? 24  C   B C6    1 
ATOM   510 P  P     . G   B 1 12 ? -5.191  18.206  6.673   1.00 12.58 ? 25  G   B P     1 
ATOM   511 O  OP1   . G   B 1 12 ? -5.224  19.578  7.250   1.00 13.80 ? 25  G   B OP1   1 
ATOM   512 O  OP2   . G   B 1 12 ? -6.309  17.271  6.949   1.00 13.93 ? 25  G   B OP2   1 
ATOM   513 O  "O5'" . G   B 1 12 ? -5.060  18.330  5.094   1.00 10.78 ? 25  G   B "O5'" 1 
ATOM   514 C  "C5'" . G   B 1 12 ? -4.099  19.201  4.516   1.00 10.56 ? 25  G   B "C5'" 1 
ATOM   515 C  "C4'" . G   B 1 12 ? -4.162  19.111  3.017   1.00 10.50 ? 25  G   B "C4'" 1 
ATOM   516 O  "O4'" . G   B 1 12 ? -3.814  17.763  2.605   1.00 11.06 ? 25  G   B "O4'" 1 
ATOM   517 C  "C3'" . G   B 1 12 ? -5.541  19.310  2.413   1.00 10.95 ? 25  G   B "C3'" 1 
ATOM   518 O  "O3'" . G   B 1 12 ? -5.877  20.686  2.309   1.00 11.50 ? 25  G   B "O3'" 1 
ATOM   519 C  "C2'" . G   B 1 12 ? -5.369  18.654  1.054   1.00 10.98 ? 25  G   B "C2'" 1 
ATOM   520 O  "O2'" . G   B 1 12 ? -4.638  19.474  0.164   1.00 12.24 ? 25  G   B "O2'" 1 
ATOM   521 C  "C1'" . G   B 1 12 ? -4.537  17.428  1.433   1.00 11.21 ? 25  G   B "C1'" 1 
ATOM   522 N  N9    . G   B 1 12 ? -5.382  16.272  1.716   1.00 9.81  ? 25  G   B N9    1 
ATOM   523 C  C8    . G   B 1 12 ? -5.758  15.776  2.944   1.00 9.50  ? 25  G   B C8    1 
ATOM   524 N  N7    . G   B 1 12 ? -6.529  14.726  2.854   1.00 9.91  ? 25  G   B N7    1 
ATOM   525 C  C5    . G   B 1 12 ? -6.669  14.517  1.488   1.00 9.41  ? 25  G   B C5    1 
ATOM   526 C  C6    . G   B 1 12 ? -7.390  13.524  0.774   1.00 9.59  ? 25  G   B C6    1 
ATOM   527 O  O6    . G   B 1 12 ? -8.070  12.593  1.221   1.00 11.38 ? 25  G   B O6    1 
ATOM   528 N  N1    . G   B 1 12 ? -7.262  13.691  -0.602  1.00 9.06  ? 25  G   B N1    1 
ATOM   529 C  C2    . G   B 1 12 ? -6.533  14.681  -1.212  1.00 9.96  ? 25  G   B C2    1 
ATOM   530 N  N2    . G   B 1 12 ? -6.536  14.685  -2.551  1.00 11.97 ? 25  G   B N2    1 
ATOM   531 N  N3    . G   B 1 12 ? -5.853  15.604  -0.559  1.00 10.33 ? 25  G   B N3    1 
ATOM   532 C  C4    . G   B 1 12 ? -5.965  15.464  0.776   1.00 10.43 ? 25  G   B C4    1 
ATOM   533 P  P     . C   B 1 13 ? -7.414  21.135  2.445   1.00 11.54 ? 26  C   B P     1 
ATOM   534 O  OP1   . C   B 1 13 ? -7.432  22.620  2.536   1.00 12.97 ? 26  C   B OP1   1 
ATOM   535 O  OP2   . C   B 1 13 ? -8.049  20.328  3.517   1.00 13.35 ? 26  C   B OP2   1 
ATOM   536 O  "O5'" . C   B 1 13 ? -8.059  20.699  1.057   1.00 11.46 ? 26  C   B "O5'" 1 
ATOM   537 C  "C5'" . C   B 1 13 ? -7.551  21.213  -0.172  1.00 11.88 ? 26  C   B "C5'" 1 
ATOM   538 C  "C4'" . C   B 1 13 ? -8.110  20.437  -1.340  1.00 11.73 ? 26  C   B "C4'" 1 
ATOM   539 O  "O4'" . C   B 1 13 ? -7.717  19.043  -1.230  1.00 11.19 ? 26  C   B "O4'" 1 
ATOM   540 C  "C3'" . C   B 1 13 ? -9.623  20.361  -1.437  1.00 11.61 ? 26  C   B "C3'" 1 
ATOM   541 O  "O3'" . C   B 1 13 ? -10.238 21.563  -1.907  1.00 13.15 ? 26  C   B "O3'" 1 
ATOM   542 C  "C2'" . C   B 1 13 ? -9.807  19.159  -2.351  1.00 10.90 ? 26  C   B "C2'" 1 
ATOM   543 O  "O2'" . C   B 1 13 ? -9.559  19.476  -3.705  1.00 11.81 ? 26  C   B "O2'" 1 
ATOM   544 C  "C1'" . C   B 1 13 ? -8.709  18.226  -1.834  1.00 12.05 ? 26  C   B "C1'" 1 
ATOM   545 N  N1    . C   B 1 13 ? -9.204  17.272  -0.830  1.00 10.32 ? 26  C   B N1    1 
ATOM   546 C  C2    . C   B 1 13 ? -9.833  16.107  -1.273  1.00 10.37 ? 26  C   B C2    1 
ATOM   547 O  O2    . C   B 1 13 ? -9.938  15.914  -2.493  1.00 10.57 ? 26  C   B O2    1 
ATOM   548 N  N3    . C   B 1 13 ? -10.309 15.224  -0.366  1.00 9.49  ? 26  C   B N3    1 
ATOM   549 C  C4    . C   B 1 13 ? -10.178 15.474  0.939   1.00 9.54  ? 26  C   B C4    1 
ATOM   550 N  N4    . C   B 1 13 ? -10.670 14.577  1.798   1.00 11.11 ? 26  C   B N4    1 
ATOM   551 C  C5    . C   B 1 13 ? -9.540  16.654  1.420   1.00 10.43 ? 26  C   B C5    1 
ATOM   552 C  C6    . C   B 1 13 ? -9.069  17.517  0.510   1.00 10.53 ? 26  C   B C6    1 
HETATM 553 NA NA    . NA  C 2 .  ? -3.373  5.546   -0.340  1.00 17.36 ? 14  NA  A NA    1 
HETATM 554 NA NA    . NA  D 2 .  ? 4.743   0.804   3.204   1.00 20.68 ? 15  NA  A NA    1 
HETATM 555 NA NA    . NA  E 2 .  ? 5.491   -6.349  3.039   1.00 25.48 ? 16  NA  A NA    1 
HETATM 556 MG MG    . MG  F 3 .  ? 8.327   -12.411 -0.071  1.00 15.72 ? 17  MG  A MG    1 
HETATM 557 NA NA    . NA  G 2 .  ? 3.393   -4.420  -2.834  1.00 14.43 ? 1   NA  B NA    1 
HETATM 558 NA NA    . NA  H 2 .  ? 4.200   -1.786  -5.298  1.00 33.39 ? 4   NA  B NA    1 
HETATM 559 O  O     . HOH I 4 .  ? 1.307   -19.092 -6.098  1.00 10.17 ? 18  HOH A O     1 
HETATM 560 O  O     . HOH I 4 .  ? 2.136   11.398  -7.861  1.00 11.68 ? 19  HOH A O     1 
HETATM 561 O  O     . HOH I 4 .  ? -0.383  2.473   0.917   1.00 16.04 ? 20  HOH A O     1 
HETATM 562 O  O     . HOH I 4 .  ? -3.926  7.378   -4.983  1.00 19.71 ? 21  HOH A O     1 
HETATM 563 O  O     . HOH I 4 .  ? 4.839   -13.285 1.776   1.00 15.31 ? 22  HOH A O     1 
HETATM 564 O  O     . HOH I 4 .  ? 7.318   -13.730 -1.671  1.00 14.28 ? 23  HOH A O     1 
HETATM 565 O  O     . HOH I 4 .  ? -1.329  -6.131  8.570   1.00 15.75 ? 24  HOH A O     1 
HETATM 566 O  O     . HOH I 4 .  ? -6.737  8.132   0.813   1.00 15.61 ? 25  HOH A O     1 
HETATM 567 O  O     . HOH I 4 .  ? -6.662  7.862   -2.172  1.00 13.91 ? 26  HOH A O     1 
HETATM 568 O  O     . HOH I 4 .  ? -0.744  -0.296  0.952   1.00 14.81 ? 27  HOH A O     1 
HETATM 569 O  O     . HOH I 4 .  ? 6.096   -19.764 -0.642  1.00 13.94 ? 28  HOH A O     1 
HETATM 570 O  O     . HOH I 4 .  ? -1.413  -13.529 -2.250  1.00 19.33 ? 29  HOH A O     1 
HETATM 571 O  O     . HOH I 4 .  ? 9.233   -11.390 -1.541  1.00 17.51 ? 30  HOH A O     1 
HETATM 572 O  O     . HOH I 4 .  ? 5.520   3.055   3.520   1.00 16.42 ? 31  HOH A O     1 
HETATM 573 O  O     . HOH I 4 .  ? -13.173 11.469  -7.657  1.00 17.73 ? 32  HOH A O     1 
HETATM 574 O  O     . HOH I 4 .  ? 5.835   -15.989 -0.766  1.00 15.29 ? 33  HOH A O     1 
HETATM 575 O  O     . HOH I 4 .  ? -1.858  -10.220 4.329   1.00 15.84 ? 34  HOH A O     1 
HETATM 576 O  O     . HOH I 4 .  ? 1.361   -1.964  9.846   1.00 11.56 ? 35  HOH A O     1 
HETATM 577 O  O     . HOH I 4 .  ? -12.066 13.856  -6.433  1.00 15.29 ? 36  HOH A O     1 
HETATM 578 O  O     . HOH I 4 .  ? -3.223  3.185   0.163   1.00 21.49 ? 37  HOH A O     1 
HETATM 579 O  O     . HOH I 4 .  ? 2.851   5.041   -1.564  1.00 18.83 ? 38  HOH A O     1 
HETATM 580 O  O     . HOH I 4 .  ? -1.867  -16.578 -1.550  1.00 17.23 ? 39  HOH A O     1 
HETATM 581 O  O     . HOH I 4 .  ? 2.222   9.700   5.897   1.00 17.24 ? 40  HOH A O     1 
HETATM 582 O  O     . HOH I 4 .  ? 6.699   10.680  -2.972  1.00 31.10 ? 41  HOH A O     1 
HETATM 583 O  O     . HOH I 4 .  ? -1.935  6.782   -8.214  1.00 13.20 ? 42  HOH A O     1 
HETATM 584 O  O     . HOH I 4 .  ? -7.591  6.903   -4.665  1.00 15.44 ? 43  HOH A O     1 
HETATM 585 O  O     . HOH I 4 .  ? 9.562   -4.415  10.034  1.00 17.09 ? 44  HOH A O     1 
HETATM 586 O  O     . HOH I 4 .  ? -1.938  -3.603  9.218   1.00 19.48 ? 45  HOH A O     1 
HETATM 587 O  O     . HOH I 4 .  ? 5.771   -10.433 11.060  1.00 26.03 ? 46  HOH A O     1 
HETATM 588 O  O     . HOH I 4 .  ? 5.375   4.710   -0.468  1.00 22.39 ? 47  HOH A O     1 
HETATM 589 O  O     . HOH I 4 .  ? -13.723 7.816   -8.761  1.00 23.65 ? 48  HOH A O     1 
HETATM 590 O  O     . HOH I 4 .  ? -4.539  5.955   -2.474  1.00 22.12 ? 49  HOH A O     1 
HETATM 591 O  O     . HOH I 4 .  ? 5.778   -17.881 -11.582 1.00 20.52 ? 50  HOH A O     1 
HETATM 592 O  O     . HOH I 4 .  ? 2.969   0.414   1.521   1.00 22.11 ? 51  HOH A O     1 
HETATM 593 O  O     . HOH I 4 .  ? 5.309   -7.471  1.001   1.00 23.68 ? 52  HOH A O     1 
HETATM 594 O  O     . HOH I 4 .  ? 9.713   -11.456 1.301   1.00 32.74 ? 53  HOH A O     1 
HETATM 595 O  O     . HOH I 4 .  ? 9.152   -16.403 -4.669  1.00 35.27 ? 54  HOH A O     1 
HETATM 596 O  O     . HOH I 4 .  ? -1.677  5.439   -2.025  1.00 18.54 ? 55  HOH A O     1 
HETATM 597 O  O     . HOH I 4 .  ? -15.912 11.456  -8.295  1.00 25.94 ? 56  HOH A O     1 
HETATM 598 O  O     . HOH I 4 .  ? 0.483   3.580   -1.338  1.00 20.10 ? 57  HOH A O     1 
HETATM 599 O  O     . HOH I 4 .  ? -5.367  5.567   1.039   1.00 22.78 ? 58  HOH A O     1 
HETATM 600 O  O     . HOH I 4 .  ? 12.815  -14.460 -13.715 1.00 18.60 ? 59  HOH A O     1 
HETATM 601 O  O     . HOH I 4 .  ? 4.686   -1.813  3.856   1.00 27.27 ? 60  HOH A O     1 
HETATM 602 O  O     . HOH I 4 .  ? 4.450   3.965   11.342  1.00 18.14 ? 61  HOH A O     1 
HETATM 603 O  O     . HOH I 4 .  ? -1.080  -15.422 -6.093  1.00 18.62 ? 62  HOH A O     1 
HETATM 604 O  O     . HOH I 4 .  ? 6.637   -21.985 -3.773  1.00 28.48 ? 63  HOH A O     1 
HETATM 605 O  O     . HOH I 4 .  ? 7.536   -13.714 1.523   1.00 26.30 ? 64  HOH A O     1 
HETATM 606 O  O     . HOH I 4 .  ? 10.385  -14.634 -2.548  1.00 27.05 ? 65  HOH A O     1 
HETATM 607 O  O     . HOH I 4 .  ? 0.151   6.982   -3.730  1.00 22.98 ? 66  HOH A O     1 
HETATM 608 O  O     . HOH I 4 .  ? 6.629   -11.077 0.209   1.00 23.69 ? 67  HOH A O     1 
HETATM 609 O  O     . HOH I 4 .  ? -8.529  15.396  -5.456  1.00 25.87 ? 68  HOH A O     1 
HETATM 610 O  O     . HOH I 4 .  ? -13.404 8.623   1.727   1.00 25.54 ? 69  HOH A O     1 
HETATM 611 O  O     . HOH I 4 .  ? 6.587   -8.634  3.936   1.00 25.32 ? 70  HOH A O     1 
HETATM 612 O  O     . HOH I 4 .  ? 6.896   0.429   4.630   1.00 22.05 ? 71  HOH A O     1 
HETATM 613 O  O     . HOH I 4 .  ? -11.411 10.165  2.456   1.00 34.46 ? 72  HOH A O     1 
HETATM 614 O  O     . HOH I 4 .  ? -10.219 7.740   0.235   1.00 30.44 ? 73  HOH A O     1 
HETATM 615 O  O     . HOH I 4 .  ? 3.294   -2.340  1.306   1.00 29.77 ? 74  HOH A O     1 
HETATM 616 O  O     . HOH I 4 .  ? 6.385   0.568   1.538   1.00 35.31 ? 75  HOH A O     1 
HETATM 617 O  O     . HOH I 4 .  ? 7.282   -8.275  11.409  1.00 31.23 ? 76  HOH A O     1 
HETATM 618 O  O     . HOH I 4 .  ? 11.763  3.594   5.936   1.00 30.73 ? 77  HOH A O     1 
HETATM 619 O  O     . HOH I 4 .  ? 7.937   -21.484 -7.719  1.00 32.11 ? 78  HOH A O     1 
HETATM 620 O  O     . HOH I 4 .  ? 4.466   -14.592 8.450   1.00 35.24 ? 79  HOH A O     1 
HETATM 621 O  O     . HOH I 4 .  ? 4.552   -10.090 2.911   1.00 21.37 ? 80  HOH A O     1 
HETATM 622 O  O     . HOH I 4 .  ? -12.724 5.337   -9.074  1.00 28.80 ? 81  HOH A O     1 
HETATM 623 O  O     . HOH I 4 .  ? -3.168  2.416   -2.502  1.00 32.51 ? 82  HOH A O     1 
HETATM 624 O  O     . HOH I 4 .  ? 5.601   -5.625  5.065   1.00 25.96 ? 83  HOH A O     1 
HETATM 625 O  O     . HOH I 4 .  ? 1.418   2.460   10.286  1.00 30.23 ? 84  HOH A O     1 
HETATM 626 O  O     . HOH I 4 .  ? 13.293  -18.032 -10.356 1.00 23.23 ? 85  HOH A O     1 
HETATM 627 O  O     . HOH I 4 .  ? 7.913   -5.606  2.533   1.00 39.60 ? 86  HOH A O     1 
HETATM 628 O  O     . HOH I 4 .  ? 5.377   -13.006 11.615  1.00 43.13 ? 87  HOH A O     1 
HETATM 629 O  O     . HOH I 4 .  ? -2.113  -9.768  6.988   1.00 36.28 ? 88  HOH A O     1 
HETATM 630 O  O     . HOH I 4 .  ? -15.821 5.623   -0.506  1.00 28.79 ? 89  HOH A O     1 
HETATM 631 O  O     . HOH I 4 .  ? 9.566   -14.003 -0.134  1.00 34.59 ? 90  HOH A O     1 
HETATM 632 O  O     . HOH I 4 .  ? 9.506   4.491   3.907   1.00 29.21 ? 91  HOH A O     1 
HETATM 633 O  O     . HOH I 4 .  ? 2.854   12.715  2.094   1.00 34.48 ? 92  HOH A O     1 
HETATM 634 O  O     . HOH I 4 .  ? 6.990   6.675   -2.210  1.00 35.02 ? 93  HOH A O     1 
HETATM 635 O  O     . HOH I 4 .  ? 6.966   -12.853 5.394   1.00 28.44 ? 94  HOH A O     1 
HETATM 636 O  O     . HOH I 4 .  ? 12.791  -12.091 -15.224 1.00 30.17 ? 95  HOH A O     1 
HETATM 637 O  O     . HOH I 4 .  ? 3.578   3.254   -3.890  1.00 33.68 ? 96  HOH A O     1 
HETATM 638 O  O     . HOH I 4 .  ? 7.970   -2.838  2.449   1.00 37.39 ? 97  HOH A O     1 
HETATM 639 O  O     . HOH I 4 .  ? 14.033  -16.511 -15.025 1.00 31.16 ? 98  HOH A O     1 
HETATM 640 O  O     . HOH I 4 .  ? 4.945   -4.448  1.765   1.00 30.36 ? 99  HOH A O     1 
HETATM 641 O  O     . HOH I 4 .  ? 7.541   -19.723 1.747   1.00 30.66 ? 100 HOH A O     1 
HETATM 642 O  O     . HOH J 4 .  ? -10.489 21.943  -4.510  1.00 12.21 ? 27  HOH B O     1 
HETATM 643 O  O     . HOH J 4 .  ? -6.078  -3.302  -6.098  1.00 15.51 ? 28  HOH B O     1 
HETATM 644 O  O     . HOH J 4 .  ? 0.390   14.109  2.466   1.00 17.53 ? 29  HOH B O     1 
HETATM 645 O  O     . HOH J 4 .  ? -7.192  -10.426 -4.268  1.00 12.12 ? 30  HOH B O     1 
HETATM 646 O  O     . HOH J 4 .  ? -0.452  6.695   9.738   1.00 13.49 ? 31  HOH B O     1 
HETATM 647 O  O     . HOH J 4 .  ? -2.123  0.719   11.189  1.00 17.71 ? 32  HOH B O     1 
HETATM 648 O  O     . HOH J 4 .  ? -8.168  13.726  4.827   1.00 16.47 ? 33  HOH B O     1 
HETATM 649 O  O     . HOH J 4 .  ? 5.778   -11.074 -10.713 1.00 14.63 ? 34  HOH B O     1 
HETATM 650 O  O     . HOH J 4 .  ? -3.280  -0.770  -0.201  1.00 25.87 ? 35  HOH B O     1 
HETATM 651 O  O     . HOH J 4 .  ? 0.297   -2.184  -0.785  1.00 18.56 ? 36  HOH B O     1 
HETATM 652 O  O     . HOH J 4 .  ? 1.011   -3.506  -7.031  1.00 14.01 ? 37  HOH B O     1 
HETATM 653 O  O     . HOH J 4 .  ? 4.709   -3.430  -7.040  1.00 16.90 ? 38  HOH B O     1 
HETATM 654 O  O     . HOH J 4 .  ? 2.363   -6.241  -14.067 1.00 16.65 ? 39  HOH B O     1 
HETATM 655 O  O     . HOH J 4 .  ? -1.134  19.342  6.554   1.00 17.76 ? 40  HOH B O     1 
HETATM 656 O  O     . HOH J 4 .  ? -3.845  -5.142  -11.689 1.00 15.12 ? 41  HOH B O     1 
HETATM 657 O  O     . HOH J 4 .  ? -6.107  2.955   3.862   1.00 28.82 ? 42  HOH B O     1 
HETATM 658 O  O     . HOH J 4 .  ? 14.004  -7.342  -10.127 1.00 22.98 ? 43  HOH B O     1 
HETATM 659 O  O     . HOH J 4 .  ? 2.977   -2.679  -1.317  1.00 19.87 ? 44  HOH B O     1 
HETATM 660 O  O     . HOH J 4 .  ? 15.889  -1.028  -8.240  1.00 23.37 ? 45  HOH B O     1 
HETATM 661 O  O     . HOH J 4 .  ? -10.142 -7.962  -3.507  1.00 16.10 ? 46  HOH B O     1 
HETATM 662 O  O     . HOH J 4 .  ? -5.459  12.969  13.627  1.00 29.05 ? 47  HOH B O     1 
HETATM 663 O  O     . HOH J 4 .  ? 6.756   -7.231  -2.688  1.00 14.72 ? 48  HOH B O     1 
HETATM 664 O  O     . HOH J 4 .  ? 7.403   -5.353  -4.697  1.00 17.26 ? 49  HOH B O     1 
HETATM 665 O  O     . HOH J 4 .  ? 15.354  -4.961  -9.311  1.00 17.38 ? 50  HOH B O     1 
HETATM 666 O  O     . HOH J 4 .  ? -8.859  6.569   13.673  1.00 19.03 ? 51  HOH B O     1 
HETATM 667 O  O     . HOH J 4 .  ? -4.203  22.447  0.058   1.00 21.21 ? 52  HOH B O     1 
HETATM 668 O  O     . HOH J 4 .  ? -6.582  -5.376  10.002  1.00 26.35 ? 53  HOH B O     1 
HETATM 669 O  O     . HOH J 4 .  ? -3.712  -8.592  -10.377 1.00 16.89 ? 54  HOH B O     1 
HETATM 670 O  O     . HOH J 4 .  ? -4.031  -8.656  5.185   1.00 17.54 ? 55  HOH B O     1 
HETATM 671 O  O     . HOH J 4 .  ? 10.655  -6.915  -1.494  1.00 30.66 ? 56  HOH B O     1 
HETATM 672 O  O     . HOH J 4 .  ? -3.828  -10.718 -1.167  1.00 17.89 ? 57  HOH B O     1 
HETATM 673 O  O     . HOH J 4 .  ? -10.100 4.760   12.078  1.00 22.02 ? 58  HOH B O     1 
HETATM 674 O  O     . HOH J 4 .  ? -10.533 17.270  -5.069  1.00 17.46 ? 59  HOH B O     1 
HETATM 675 O  O     . HOH J 4 .  ? 16.357  -4.198  -0.085  1.00 30.86 ? 60  HOH B O     1 
HETATM 676 O  O     . HOH J 4 .  ? 9.092   -6.865  -12.752 1.00 23.55 ? 61  HOH B O     1 
HETATM 677 O  O     . HOH J 4 .  ? -5.786  -0.004  3.430   1.00 30.29 ? 62  HOH B O     1 
HETATM 678 O  O     . HOH J 4 .  ? 11.596  -10.031 -1.142  1.00 24.50 ? 63  HOH B O     1 
HETATM 679 O  O     . HOH J 4 .  ? 5.028   -5.456  -1.295  1.00 15.19 ? 64  HOH B O     1 
HETATM 680 O  O     . HOH J 4 .  ? -4.232  -6.238  8.660   1.00 28.05 ? 65  HOH B O     1 
HETATM 681 O  O     . HOH J 4 .  ? 5.268   -3.688  -4.157  1.00 19.46 ? 66  HOH B O     1 
HETATM 682 O  O     . HOH J 4 .  ? 2.126   -3.169  -4.548  1.00 15.51 ? 67  HOH B O     1 
HETATM 683 O  O     . HOH J 4 .  ? -2.210  -11.138 -7.071  1.00 22.49 ? 68  HOH B O     1 
HETATM 684 O  O     . HOH J 4 .  ? -8.871  23.886  4.803   1.00 33.11 ? 69  HOH B O     1 
HETATM 685 O  O     . HOH J 4 .  ? -7.430  14.786  7.275   1.00 16.82 ? 70  HOH B O     1 
HETATM 686 O  O     . HOH J 4 .  ? -6.259  17.234  -4.611  1.00 26.73 ? 71  HOH B O     1 
HETATM 687 O  O     . HOH J 4 .  ? -10.423 14.982  4.636   1.00 20.56 ? 72  HOH B O     1 
HETATM 688 O  O     . HOH J 4 .  ? 0.017   -1.776  -3.490  1.00 22.07 ? 73  HOH B O     1 
HETATM 689 O  O     . HOH J 4 .  ? -0.397  -1.257  11.946  1.00 19.89 ? 74  HOH B O     1 
HETATM 690 O  O     . HOH J 4 .  ? -4.939  18.539  -2.309  1.00 24.83 ? 75  HOH B O     1 
HETATM 691 O  O     . HOH J 4 .  ? -7.717  4.669   8.178   1.00 31.28 ? 76  HOH B O     1 
HETATM 692 O  O     . HOH J 4 .  ? -0.673  3.006   11.752  1.00 24.76 ? 77  HOH B O     1 
HETATM 693 O  O     . HOH J 4 .  ? 10.709  -9.196  -10.747 1.00 27.17 ? 78  HOH B O     1 
HETATM 694 O  O     . HOH J 4 .  ? -2.765  -12.042 -4.360  1.00 23.92 ? 79  HOH B O     1 
HETATM 695 O  O     . HOH J 4 .  ? 12.331  -2.910  -1.669  1.00 38.78 ? 80  HOH B O     1 
HETATM 696 O  O     . HOH J 4 .  ? -7.399  1.736   6.846   1.00 28.10 ? 81  HOH B O     1 
HETATM 697 O  O     . HOH J 4 .  ? 1.999   -3.640  -14.237 1.00 28.76 ? 82  HOH B O     1 
HETATM 698 O  O     . HOH J 4 .  ? -8.352  17.799  4.774   1.00 20.67 ? 83  HOH B O     1 
HETATM 699 O  O     . HOH J 4 .  ? -6.025  -2.608  -2.121  1.00 21.62 ? 84  HOH B O     1 
HETATM 700 O  O     . HOH J 4 .  ? -9.041  -1.368  1.090   1.00 25.91 ? 85  HOH B O     1 
HETATM 701 O  O     . HOH J 4 .  ? 1.011   16.368  6.172   1.00 31.79 ? 86  HOH B O     1 
HETATM 702 O  O     . HOH J 4 .  ? 1.239   19.292  8.455   1.00 27.03 ? 87  HOH B O     1 
HETATM 703 O  O     . HOH J 4 .  ? -8.095  10.935  12.422  1.00 30.19 ? 88  HOH B O     1 
HETATM 704 O  O     . HOH J 4 .  ? -12.544 -3.528  -0.371  1.00 43.42 ? 89  HOH B O     1 
HETATM 705 O  O     . HOH J 4 .  ? -2.348  -2.986  -5.145  1.00 23.25 ? 90  HOH B O     1 
HETATM 706 O  O     . HOH J 4 .  ? -4.722  -8.772  7.940   1.00 21.81 ? 91  HOH B O     1 
HETATM 707 O  O     . HOH J 4 .  ? -9.406  11.543  3.218   1.00 24.36 ? 92  HOH B O     1 
HETATM 708 O  O     . HOH J 4 .  ? -7.745  -0.890  -2.996  1.00 31.70 ? 93  HOH B O     1 
HETATM 709 O  O     . HOH J 4 .  ? 7.876   -8.215  -0.516  1.00 28.35 ? 94  HOH B O     1 
HETATM 710 O  O     . HOH J 4 .  ? -3.397  -0.751  -2.828  1.00 41.80 ? 95  HOH B O     1 
HETATM 711 O  O     . HOH J 4 .  ? -9.946  6.677   9.860   1.00 28.39 ? 96  HOH B O     1 
HETATM 712 O  O     . HOH J 4 .  ? -2.781  20.737  8.384   1.00 31.33 ? 97  HOH B O     1 
HETATM 713 O  O     . HOH J 4 .  ? 10.308  -2.903  -12.494 1.00 26.41 ? 98  HOH B O     1 
HETATM 714 O  O     . HOH J 4 .  ? -3.754  -1.871  -9.745  1.00 26.98 ? 99  HOH B O     1 
HETATM 715 O  O     . HOH J 4 .  ? -1.058  4.349   13.967  1.00 24.24 ? 100 HOH B O     1 
HETATM 716 O  O     . HOH J 4 .  ? 1.738   13.760  5.004   1.00 23.76 ? 101 HOH B O     1 
HETATM 717 O  O     . HOH J 4 .  ? 6.136   -0.648  -6.018  1.00 32.08 ? 102 HOH B O     1 
HETATM 718 O  O     . HOH J 4 .  ? 12.464  -5.839  -11.840 1.00 31.20 ? 103 HOH B O     1 
HETATM 719 O  O     . HOH J 4 .  ? -1.039  22.679  8.372   1.00 32.31 ? 104 HOH B O     1 
HETATM 720 O  O     . HOH J 4 .  ? 6.983   -10.862 -13.140 1.00 30.26 ? 105 HOH B O     1 
HETATM 721 O  O     . HOH J 4 .  ? -6.502  6.624   7.121   1.00 31.91 ? 106 HOH B O     1 
HETATM 722 O  O     . HOH J 4 .  ? -12.359 22.653  -0.969  1.00 29.68 ? 107 HOH B O     1 
HETATM 723 O  O     . HOH J 4 .  ? -11.821 -6.911  -1.604  1.00 34.68 ? 108 HOH B O     1 
# 
